data_8JNK
#
_entry.id   8JNK
#
_cell.length_a   129.460
_cell.length_b   136.151
_cell.length_c   203.390
_cell.angle_alpha   90.00
_cell.angle_beta   107.11
_cell.angle_gamma   90.00
#
_symmetry.space_group_name_H-M   'C 1 2 1'
#
loop_
_entity.id
_entity.type
_entity.pdbx_description
1 polymer 'Alpha-ketoglutarate-dependent dioxygenase alkB homolog 3'
2 polymer DNA
3 polymer 'Synthetic antibody heavy chain'
4 polymer 'Synthetic antibody light chain'
5 non-polymer N-OXALYLGLYCINE
6 non-polymer 'MANGANESE (II) ION'
7 water water
#
loop_
_entity_poly.entity_id
_entity_poly.type
_entity_poly.pdbx_seq_one_letter_code
_entity_poly.pdbx_strand_id
1 'polypeptide(L)'
;MGSSHHHHHHSSGLVPRGSHMRVIDREGVYEISLSPTGVSRVCLYPGFVDVKEADWILEQLSQDVPWKQRTGIREDITYQ
QPRLTAWYGELPYTYSRITMEPNPHWHPVLRTLKNRIEENTGHTFNSLLCNLYRNEKDSVDWHSDDCPSLGRSPIIASLS
FGATRTFEMRKKPPPEENGDYTYVERVKIPLDHGTLLIMEGATQADWQHRVPKEYHSREPRVNLTFRTVYPD
;
A,C,E,G
2 'polydeoxyribonucleotide' (DT)(2YR)(DT)(DA)(DC)(DG) B,D,F,H
3 'polypeptide(L)'
;EVQLVESGGGLVQPGGSLRLSCAASGFNFSYSSIHWVRQAPGKGLEWVAYIYSSSGYTSYADSVKGRFTISADTSKNTAY
LQMNSLRAEDTAVYYCARGDSWYAMDYWGQGTLVTVSSASTKGPSVFPLAPSSGTAALGCLVKDYFPEPVTVSWNSGALT
SGVHTFPAVLQSSGLYSLSSVVTVPSSSLGTQTYICNVNHKPSNTKVDKKVEPKSC
;
I,J,K,L
4 'polypeptide(L)'
;SDIQMTQSPSSLSASVGDRVTITCRASQSVSSAVAWYQQKPGKAPKLLIYSASSLYSGVPSRFSGSRSGTDFTLTISSLQ
PEDFATYYCQQPSYIYYPVTFGQGTKVEIKRTVAAPSVFIFPPSDSQLKSGTASVVCLLNNFYPREAKVQWKVDNALQSG
NSQESVTEQDSKDSTYSLSSTLTLSKADYEKHKVYACEVTHQGLSSPVTKSFNRGEC
;
M,N,O,P
#
# COMPACT_ATOMS: atom_id res chain seq x y z
N ARG A 22 40.39 19.60 -15.11
CA ARG A 22 39.04 19.07 -15.14
C ARG A 22 38.53 18.82 -13.72
N VAL A 23 37.49 19.58 -13.39
CA VAL A 23 36.96 19.68 -12.04
C VAL A 23 35.46 19.48 -12.10
N ILE A 24 34.94 18.59 -11.28
CA ILE A 24 33.52 18.32 -11.31
C ILE A 24 33.07 18.62 -9.90
N ASP A 25 32.21 19.62 -9.77
CA ASP A 25 31.65 19.88 -8.45
C ASP A 25 30.16 20.15 -8.43
N ARG A 26 29.47 19.93 -9.55
CA ARG A 26 28.04 20.14 -9.71
C ARG A 26 27.34 18.80 -9.90
N GLU A 27 26.13 18.68 -9.40
CA GLU A 27 25.29 17.51 -9.62
C GLU A 27 25.18 17.22 -11.12
N GLY A 28 25.25 15.96 -11.51
CA GLY A 28 25.17 15.67 -12.93
C GLY A 28 25.67 14.29 -13.31
N VAL A 29 25.45 13.97 -14.59
CA VAL A 29 25.94 12.74 -15.19
C VAL A 29 27.07 13.11 -16.13
N TYR A 30 28.23 12.51 -15.90
CA TYR A 30 29.45 12.82 -16.62
C TYR A 30 30.05 11.59 -17.29
N GLU A 31 30.17 11.63 -18.61
CA GLU A 31 30.91 10.59 -19.32
C GLU A 31 32.33 11.14 -19.41
N ILE A 32 33.22 10.64 -18.54
CA ILE A 32 34.54 11.25 -18.41
C ILE A 32 35.50 10.73 -19.46
N SER A 33 35.17 9.60 -20.09
CA SER A 33 35.94 9.11 -21.22
C SER A 33 35.08 8.10 -21.95
N LEU A 34 35.43 7.87 -23.21
CA LEU A 34 34.67 6.97 -24.07
C LEU A 34 35.51 5.84 -24.67
N SER A 35 36.81 5.79 -24.38
CA SER A 35 37.70 4.79 -24.95
C SER A 35 38.91 4.61 -24.04
N PRO A 36 39.69 3.52 -24.20
CA PRO A 36 39.57 2.43 -25.18
C PRO A 36 38.55 1.33 -24.87
N THR A 37 38.12 1.19 -23.62
CA THR A 37 37.30 0.04 -23.27
C THR A 37 35.83 0.34 -23.51
N GLY A 38 35.44 1.58 -23.32
CA GLY A 38 34.07 2.00 -23.48
C GLY A 38 33.81 3.23 -22.63
N VAL A 39 32.53 3.54 -22.45
CA VAL A 39 32.15 4.71 -21.68
C VAL A 39 32.47 4.49 -20.20
N SER A 40 33.16 5.45 -19.61
CA SER A 40 33.33 5.52 -18.16
C SER A 40 32.34 6.56 -17.66
N ARG A 41 31.43 6.16 -16.75
CA ARG A 41 30.38 7.07 -16.35
C ARG A 41 30.41 7.28 -14.84
N VAL A 42 30.34 8.55 -14.43
CA VAL A 42 30.17 8.90 -13.03
C VAL A 42 28.98 9.84 -12.92
N CYS A 43 28.23 9.66 -11.84
CA CYS A 43 27.02 10.44 -11.55
C CYS A 43 27.15 11.03 -10.16
N LEU A 44 26.86 12.31 -10.03
CA LEU A 44 27.08 13.03 -8.77
C LEU A 44 25.72 13.51 -8.28
N TYR A 45 25.46 13.28 -6.99
CA TYR A 45 24.22 13.67 -6.33
C TYR A 45 24.55 14.37 -5.01
N PRO A 46 24.82 15.67 -5.05
CA PRO A 46 25.00 16.39 -3.78
C PRO A 46 23.72 16.33 -2.95
N GLY A 47 23.89 16.25 -1.63
CA GLY A 47 22.72 16.33 -0.78
C GLY A 47 21.83 15.10 -0.84
N PHE A 48 22.33 13.97 -1.32
CA PHE A 48 21.57 12.72 -1.35
C PHE A 48 21.05 12.35 0.03
N VAL A 49 21.87 12.58 1.05
CA VAL A 49 21.51 12.52 2.46
C VAL A 49 21.40 13.95 2.98
N ASP A 50 20.29 14.24 3.68
CA ASP A 50 20.09 15.59 4.14
C ASP A 50 21.16 15.93 5.19
N VAL A 51 21.38 17.23 5.39
CA VAL A 51 22.56 17.68 6.14
C VAL A 51 22.52 17.18 7.59
N LYS A 52 21.37 17.29 8.23
CA LYS A 52 21.28 16.93 9.65
C LYS A 52 21.38 15.42 9.82
N GLU A 53 20.76 14.69 8.89
CA GLU A 53 20.90 13.24 8.93
C GLU A 53 22.33 12.84 8.64
N ALA A 54 23.01 13.55 7.73
CA ALA A 54 24.39 13.19 7.47
C ALA A 54 25.25 13.43 8.71
N ASP A 55 24.96 14.50 9.46
CA ASP A 55 25.66 14.77 10.72
C ASP A 55 25.47 13.60 11.69
N TRP A 56 24.22 13.14 11.80
CA TRP A 56 23.90 12.09 12.76
C TRP A 56 24.49 10.77 12.32
N ILE A 57 24.48 10.51 11.00
CA ILE A 57 25.05 9.29 10.47
C ILE A 57 26.55 9.29 10.74
N LEU A 58 27.22 10.43 10.51
CA LEU A 58 28.64 10.49 10.77
C LEU A 58 28.91 10.10 12.22
N GLU A 59 28.14 10.66 13.15
CA GLU A 59 28.35 10.32 14.56
C GLU A 59 28.12 8.84 14.82
N GLN A 60 27.01 8.30 14.33
CA GLN A 60 26.68 6.91 14.63
C GLN A 60 27.69 5.95 14.01
N LEU A 61 28.13 6.22 12.78
CA LEU A 61 29.04 5.29 12.12
C LEU A 61 30.43 5.39 12.72
N SER A 62 30.85 6.58 13.13
CA SER A 62 32.11 6.69 13.86
C SER A 62 32.03 5.88 15.15
N GLN A 63 30.90 5.96 15.85
CA GLN A 63 30.80 5.38 17.18
C GLN A 63 30.62 3.87 17.14
N ASP A 64 29.92 3.39 16.12
CA ASP A 64 29.41 2.01 16.06
C ASP A 64 30.14 1.06 15.12
N VAL A 65 30.75 1.57 14.05
CA VAL A 65 31.43 0.71 13.07
C VAL A 65 32.68 0.11 13.69
N PRO A 66 32.97 -1.19 13.47
CA PRO A 66 34.19 -1.76 14.08
C PRO A 66 35.45 -1.40 13.31
N TRP A 67 35.83 -0.13 13.41
CA TRP A 67 36.97 0.41 12.69
C TRP A 67 38.29 -0.23 13.11
N LYS A 68 39.13 -0.56 12.12
CA LYS A 68 40.46 -1.01 12.44
C LYS A 68 41.43 -0.38 11.44
N GLN A 69 42.65 -0.14 11.91
CA GLN A 69 43.79 0.27 11.09
C GLN A 69 44.52 -0.97 10.61
N ARG A 70 44.48 -1.26 9.32
CA ARG A 70 44.96 -2.56 8.92
C ARG A 70 46.34 -2.43 8.27
N THR A 71 47.02 -3.57 8.30
CA THR A 71 48.39 -3.64 7.84
C THR A 71 48.43 -4.14 6.42
N GLY A 72 49.12 -3.40 5.58
CA GLY A 72 49.28 -3.85 4.20
C GLY A 72 50.66 -4.44 3.98
N ILE A 73 50.86 -5.07 2.84
CA ILE A 73 52.17 -5.65 2.50
C ILE A 73 52.49 -5.19 1.08
N ARG A 74 53.57 -4.45 0.93
CA ARG A 74 53.99 -4.07 -0.43
C ARG A 74 55.43 -4.57 -0.53
N GLU A 75 55.79 -5.22 -1.63
CA GLU A 75 57.20 -5.65 -1.82
C GLU A 75 57.82 -6.08 -0.50
N ASP A 76 57.19 -6.98 0.23
CA ASP A 76 57.75 -7.53 1.49
C ASP A 76 57.68 -6.48 2.60
N ILE A 77 57.23 -5.28 2.27
CA ILE A 77 57.13 -4.20 3.30
C ILE A 77 55.74 -4.24 3.94
N THR A 78 55.68 -4.30 5.26
CA THR A 78 54.40 -4.39 6.00
C THR A 78 54.05 -2.99 6.51
N TYR A 79 52.98 -2.40 5.98
CA TYR A 79 52.67 -0.99 6.31
C TYR A 79 51.30 -0.83 6.94
N GLN A 80 51.19 0.15 7.84
CA GLN A 80 49.87 0.49 8.34
C GLN A 80 49.16 1.38 7.33
N GLN A 81 47.96 1.00 6.92
CA GLN A 81 47.25 1.86 5.97
C GLN A 81 46.93 3.17 6.68
N PRO A 82 47.09 4.30 6.02
CA PRO A 82 46.75 5.59 6.65
C PRO A 82 45.26 5.89 6.60
N ARG A 83 44.47 4.96 7.12
CA ARG A 83 43.03 5.11 7.24
C ARG A 83 42.48 3.94 8.04
N LEU A 84 41.33 4.14 8.65
CA LEU A 84 40.66 3.05 9.33
C LEU A 84 39.66 2.45 8.36
N THR A 85 39.41 1.15 8.50
CA THR A 85 38.52 0.49 7.55
C THR A 85 37.67 -0.54 8.26
N ALA A 86 36.59 -0.91 7.58
CA ALA A 86 35.71 -1.99 8.02
C ALA A 86 34.99 -2.53 6.79
N TRP A 87 34.58 -3.78 6.87
CA TRP A 87 33.94 -4.42 5.74
C TRP A 87 32.63 -5.06 6.19
N TYR A 88 31.66 -5.05 5.29
CA TYR A 88 30.38 -5.71 5.49
C TYR A 88 30.05 -6.53 4.25
N GLY A 89 29.36 -7.64 4.48
CA GLY A 89 28.98 -8.53 3.40
C GLY A 89 29.40 -9.95 3.69
N GLU A 90 28.73 -10.91 3.06
CA GLU A 90 28.92 -12.32 3.33
C GLU A 90 30.18 -12.89 2.68
N LEU A 91 30.81 -12.17 1.76
CA LEU A 91 31.98 -12.65 1.04
C LEU A 91 33.25 -11.84 1.28
N PRO A 92 34.38 -12.52 1.62
CA PRO A 92 35.66 -11.84 1.84
C PRO A 92 36.11 -10.89 0.74
N TYR A 93 37.20 -10.16 0.98
CA TYR A 93 37.54 -8.97 0.19
C TYR A 93 39.05 -8.83 0.30
N THR A 94 39.79 -9.04 -0.77
CA THR A 94 41.24 -8.93 -0.70
C THR A 94 41.81 -7.88 -1.65
N TYR A 95 42.56 -6.94 -1.10
CA TYR A 95 43.21 -5.89 -1.87
C TYR A 95 44.55 -5.58 -1.22
N SER A 96 45.53 -5.22 -2.04
CA SER A 96 46.88 -4.93 -1.56
C SER A 96 47.44 -6.09 -0.75
N ARG A 97 47.06 -7.31 -1.13
CA ARG A 97 47.52 -8.56 -0.57
C ARG A 97 47.01 -8.82 0.85
N ILE A 98 45.99 -8.09 1.29
CA ILE A 98 45.43 -8.23 2.63
C ILE A 98 43.96 -8.56 2.47
N THR A 99 43.43 -9.39 3.37
CA THR A 99 42.06 -9.87 3.29
C THR A 99 41.13 -9.50 4.42
N MET A 100 40.03 -8.84 4.07
CA MET A 100 39.05 -8.30 4.99
C MET A 100 38.07 -9.48 5.04
N GLU A 101 37.92 -10.10 6.21
CA GLU A 101 36.95 -11.19 6.36
C GLU A 101 35.49 -10.73 6.47
N PRO A 102 34.56 -11.62 6.09
CA PRO A 102 33.13 -11.31 6.05
C PRO A 102 32.40 -10.98 7.36
N ASN A 103 31.55 -9.95 7.26
CA ASN A 103 30.70 -9.44 8.33
C ASN A 103 29.31 -9.44 7.71
N PRO A 104 28.55 -10.54 7.85
CA PRO A 104 27.19 -10.56 7.27
C PRO A 104 26.17 -9.73 8.02
N HIS A 105 26.46 -9.28 9.24
CA HIS A 105 25.50 -8.51 10.02
C HIS A 105 25.75 -7.02 9.76
N TRP A 106 24.98 -6.46 8.84
CA TRP A 106 25.10 -5.06 8.48
C TRP A 106 24.54 -4.16 9.56
N HIS A 107 25.26 -3.08 9.87
CA HIS A 107 24.67 -2.09 10.75
C HIS A 107 23.36 -1.65 10.10
N PRO A 108 22.27 -1.51 10.88
CA PRO A 108 20.98 -1.17 10.24
C PRO A 108 21.01 0.11 9.41
N VAL A 109 21.74 1.14 9.85
CA VAL A 109 21.85 2.37 9.08
C VAL A 109 22.51 2.10 7.74
N LEU A 110 23.52 1.23 7.73
CA LEU A 110 24.20 0.93 6.47
C LEU A 110 23.27 0.15 5.55
N ARG A 111 22.45 -0.72 6.11
CA ARG A 111 21.47 -1.47 5.32
C ARG A 111 20.44 -0.51 4.71
N THR A 112 19.96 0.44 5.51
CA THR A 112 19.02 1.46 5.03
C THR A 112 19.62 2.29 3.90
N LEU A 113 20.87 2.74 4.07
CA LEU A 113 21.50 3.56 3.04
C LEU A 113 21.71 2.74 1.79
N LYS A 114 22.06 1.46 1.95
CA LYS A 114 22.15 0.55 0.82
C LYS A 114 20.83 0.52 0.06
N ASN A 115 19.72 0.36 0.80
CA ASN A 115 18.42 0.24 0.15
C ASN A 115 18.04 1.55 -0.56
N ARG A 116 18.36 2.70 0.05
CA ARG A 116 18.04 3.97 -0.60
C ARG A 116 18.82 4.11 -1.89
N ILE A 117 20.11 3.75 -1.85
CA ILE A 117 20.95 3.86 -3.03
C ILE A 117 20.43 2.95 -4.13
N GLU A 118 20.02 1.73 -3.76
CA GLU A 118 19.55 0.81 -4.78
C GLU A 118 18.26 1.31 -5.41
N GLU A 119 17.32 1.78 -4.58
CA GLU A 119 16.04 2.21 -5.14
C GLU A 119 16.17 3.47 -5.98
N ASN A 120 17.09 4.37 -5.62
CA ASN A 120 17.29 5.62 -6.34
C ASN A 120 18.27 5.52 -7.50
N THR A 121 18.75 4.32 -7.82
CA THR A 121 19.71 4.14 -8.92
C THR A 121 19.42 2.94 -9.80
N GLY A 122 18.70 1.92 -9.33
CA GLY A 122 18.48 0.75 -10.15
C GLY A 122 19.58 -0.28 -10.07
N HIS A 123 20.59 -0.07 -9.23
CA HIS A 123 21.72 -0.98 -9.11
C HIS A 123 21.68 -1.67 -7.76
N THR A 124 22.12 -2.93 -7.72
CA THR A 124 22.09 -3.69 -6.49
C THR A 124 23.51 -3.86 -5.97
N PHE A 125 23.62 -4.10 -4.66
CA PHE A 125 24.92 -4.23 -4.01
C PHE A 125 24.84 -5.34 -2.98
N ASN A 126 25.97 -5.98 -2.68
CA ASN A 126 26.00 -6.99 -1.63
C ASN A 126 27.21 -6.82 -0.71
N SER A 127 27.98 -5.76 -0.89
CA SER A 127 29.23 -5.55 -0.18
C SER A 127 29.43 -4.09 0.16
N LEU A 128 29.94 -3.80 1.36
CA LEU A 128 30.18 -2.41 1.74
C LEU A 128 31.56 -2.28 2.36
N LEU A 129 32.41 -1.45 1.76
CA LEU A 129 33.71 -1.09 2.32
C LEU A 129 33.59 0.30 2.97
N CYS A 130 34.02 0.41 4.22
CA CYS A 130 33.96 1.67 4.94
C CYS A 130 35.37 2.13 5.24
N ASN A 131 35.66 3.38 4.86
CA ASN A 131 36.93 4.05 5.09
C ASN A 131 36.66 5.23 6.00
N LEU A 132 37.47 5.40 7.03
CA LEU A 132 37.36 6.58 7.89
C LEU A 132 38.74 7.22 7.79
N TYR A 133 38.75 8.44 7.26
CA TYR A 133 39.92 9.29 7.16
C TYR A 133 39.92 10.24 8.35
N ARG A 134 40.76 9.94 9.34
CA ARG A 134 40.69 10.62 10.63
C ARG A 134 41.02 12.10 10.53
N ASN A 135 41.98 12.46 9.67
CA ASN A 135 42.36 13.86 9.48
C ASN A 135 43.14 13.98 8.17
N GLU A 136 43.76 15.14 7.95
CA GLU A 136 44.45 15.41 6.69
C GLU A 136 45.60 14.45 6.40
N LYS A 137 46.12 13.70 7.37
CA LYS A 137 47.22 12.82 7.01
C LYS A 137 46.73 11.47 6.53
N ASP A 138 45.43 11.19 6.62
CA ASP A 138 44.94 9.91 6.14
C ASP A 138 44.60 10.04 4.66
N SER A 139 44.64 8.91 3.97
CA SER A 139 44.57 8.92 2.50
C SER A 139 44.38 7.50 1.99
N VAL A 140 44.15 7.40 0.68
CA VAL A 140 44.28 6.15 -0.07
C VAL A 140 45.01 6.46 -1.37
N ASP A 141 45.99 5.62 -1.71
CA ASP A 141 46.84 5.84 -2.86
C ASP A 141 46.17 5.43 -4.17
N TRP A 142 46.84 5.77 -5.27
CA TRP A 142 46.31 5.50 -6.60
C TRP A 142 46.00 4.03 -6.80
N HIS A 143 44.79 3.75 -7.25
CA HIS A 143 44.42 2.38 -7.59
C HIS A 143 43.17 2.42 -8.46
N SER A 144 42.84 1.27 -9.01
CA SER A 144 41.54 1.08 -9.65
C SER A 144 40.85 -0.02 -8.87
N ASP A 145 39.52 0.00 -8.85
CA ASP A 145 38.79 -1.06 -8.17
C ASP A 145 38.43 -2.13 -9.19
N ASP A 146 39.46 -2.87 -9.63
CA ASP A 146 39.31 -3.84 -10.71
C ASP A 146 39.62 -5.28 -10.32
N CYS A 147 39.34 -5.70 -9.07
CA CYS A 147 39.56 -7.10 -8.73
C CYS A 147 38.77 -8.00 -9.67
N PRO A 148 39.22 -9.24 -9.87
CA PRO A 148 38.33 -10.19 -10.55
C PRO A 148 37.08 -10.46 -9.75
N SER A 149 37.13 -10.29 -8.44
CA SER A 149 35.93 -10.53 -7.65
C SER A 149 34.90 -9.41 -7.75
N LEU A 150 35.23 -8.27 -8.36
CA LEU A 150 34.25 -7.24 -8.74
C LEU A 150 33.55 -7.53 -10.05
N GLY A 151 34.02 -8.48 -10.83
CA GLY A 151 33.41 -8.74 -12.11
C GLY A 151 33.85 -7.73 -13.17
N ARG A 152 33.34 -7.94 -14.38
CA ARG A 152 33.52 -6.98 -15.47
C ARG A 152 32.68 -5.73 -15.29
N SER A 153 33.29 -4.57 -15.58
CA SER A 153 32.68 -3.25 -15.50
C SER A 153 31.89 -3.11 -14.20
N PRO A 154 32.54 -3.02 -13.04
CA PRO A 154 31.75 -3.03 -11.81
C PRO A 154 31.03 -1.72 -11.62
N ILE A 155 29.92 -1.78 -10.89
CA ILE A 155 29.19 -0.62 -10.42
C ILE A 155 29.53 -0.37 -8.96
N ILE A 156 30.01 0.83 -8.65
CA ILE A 156 30.44 1.18 -7.31
C ILE A 156 29.72 2.44 -6.88
N ALA A 157 29.16 2.43 -5.67
CA ALA A 157 28.48 3.60 -5.14
C ALA A 157 29.25 4.13 -3.95
N SER A 158 29.37 5.45 -3.87
CA SER A 158 30.18 6.10 -2.85
C SER A 158 29.34 7.15 -2.14
N LEU A 159 29.22 7.03 -0.83
CA LEU A 159 28.46 7.98 -0.05
C LEU A 159 29.42 8.54 0.98
N SER A 160 29.48 9.86 1.09
CA SER A 160 30.48 10.49 1.93
C SER A 160 29.81 11.27 3.05
N PHE A 161 30.48 11.33 4.19
CA PHE A 161 30.01 12.04 5.36
C PHE A 161 31.21 12.74 5.98
N GLY A 162 30.95 13.90 6.58
CA GLY A 162 32.01 14.60 7.28
C GLY A 162 32.70 15.66 6.43
N ALA A 163 33.99 15.87 6.71
CA ALA A 163 34.75 16.91 6.02
C ALA A 163 34.86 16.59 4.54
N THR A 164 34.89 17.64 3.72
CA THR A 164 35.14 17.45 2.30
C THR A 164 36.57 16.99 2.06
N ARG A 165 36.71 15.99 1.21
CA ARG A 165 37.99 15.53 0.71
C ARG A 165 37.87 15.36 -0.80
N THR A 166 39.00 15.30 -1.48
CA THR A 166 39.01 15.24 -2.93
C THR A 166 39.20 13.81 -3.41
N PHE A 167 38.33 13.38 -4.31
CA PHE A 167 38.46 12.12 -5.01
C PHE A 167 39.15 12.46 -6.32
N GLU A 168 40.42 12.11 -6.44
CA GLU A 168 41.16 12.45 -7.65
C GLU A 168 41.15 11.25 -8.57
N MET A 169 41.06 11.50 -9.87
CA MET A 169 41.10 10.47 -10.90
C MET A 169 42.10 10.84 -11.98
N ARG A 170 42.79 9.83 -12.49
CA ARG A 170 43.71 9.99 -13.59
C ARG A 170 43.48 8.86 -14.59
N LYS A 171 43.48 9.19 -15.87
CA LYS A 171 43.22 8.17 -16.89
C LYS A 171 44.50 7.39 -17.15
N LYS A 172 44.34 6.09 -17.15
CA LYS A 172 45.47 5.20 -17.38
C LYS A 172 45.88 5.39 -18.82
N PRO A 173 47.18 5.42 -19.10
CA PRO A 173 47.67 5.60 -20.42
C PRO A 173 47.71 4.25 -21.09
N PRO A 174 47.83 4.23 -22.41
CA PRO A 174 47.93 3.00 -23.15
C PRO A 174 49.37 2.50 -23.12
N PRO A 175 49.65 1.28 -23.59
CA PRO A 175 51.00 0.74 -23.50
C PRO A 175 51.82 1.84 -24.16
N GLU A 176 52.68 2.38 -23.29
CA GLU A 176 53.63 3.50 -23.44
C GLU A 176 53.95 4.04 -22.05
N VAL A 184 48.39 13.34 -19.39
CA VAL A 184 47.53 12.34 -18.70
C VAL A 184 46.24 13.04 -18.26
N GLU A 185 45.09 12.53 -18.68
CA GLU A 185 43.81 13.21 -18.33
C GLU A 185 43.55 13.07 -16.84
N ARG A 186 43.01 14.12 -16.22
CA ARG A 186 42.83 14.12 -14.75
C ARG A 186 41.51 14.79 -14.37
N VAL A 187 40.85 14.29 -13.32
CA VAL A 187 39.56 14.83 -12.85
C VAL A 187 39.61 14.94 -11.33
N LYS A 188 39.16 16.07 -10.80
CA LYS A 188 39.08 16.24 -9.33
C LYS A 188 37.61 16.33 -8.97
N ILE A 189 37.18 15.52 -8.02
CA ILE A 189 35.79 15.57 -7.57
C ILE A 189 35.79 15.82 -6.08
N PRO A 190 35.48 17.03 -5.62
CA PRO A 190 35.28 17.23 -4.18
C PRO A 190 34.04 16.47 -3.73
N LEU A 191 34.16 15.71 -2.65
CA LEU A 191 33.09 14.89 -2.10
C LEU A 191 32.67 15.47 -0.77
N ASP A 192 31.52 16.15 -0.74
CA ASP A 192 31.08 16.82 0.47
C ASP A 192 30.06 15.98 1.23
N HIS A 193 29.68 16.53 2.37
CA HIS A 193 28.87 15.86 3.38
C HIS A 193 27.55 15.43 2.76
N GLY A 194 27.27 14.13 2.73
CA GLY A 194 26.01 13.67 2.17
C GLY A 194 25.99 13.44 0.67
N THR A 195 27.14 13.56 -0.02
CA THR A 195 27.19 13.41 -1.47
C THR A 195 27.28 11.96 -1.91
N LEU A 196 26.45 11.59 -2.89
CA LEU A 196 26.52 10.27 -3.52
C LEU A 196 27.22 10.37 -4.86
N LEU A 197 28.19 9.48 -5.09
CA LEU A 197 28.92 9.35 -6.33
C LEU A 197 28.67 7.95 -6.85
N ILE A 198 28.36 7.81 -8.14
CA ILE A 198 28.27 6.49 -8.73
C ILE A 198 29.34 6.40 -9.80
N MET A 199 30.07 5.30 -9.80
CA MET A 199 30.99 4.97 -10.88
C MET A 199 30.44 3.73 -11.55
N GLU A 200 30.37 3.75 -12.87
CA GLU A 200 29.95 2.58 -13.61
C GLU A 200 30.66 2.55 -14.96
N GLY A 201 30.37 1.49 -15.72
CA GLY A 201 30.96 1.37 -17.04
C GLY A 201 32.44 1.06 -16.91
N ALA A 202 33.22 1.62 -17.82
CA ALA A 202 34.64 1.33 -17.97
C ALA A 202 35.51 2.07 -16.97
N THR A 203 34.90 2.72 -15.97
CA THR A 203 35.65 3.62 -15.07
C THR A 203 36.83 2.94 -14.39
N GLN A 204 36.64 1.71 -13.89
CA GLN A 204 37.74 1.02 -13.22
C GLN A 204 38.76 0.46 -14.20
N ALA A 205 38.34 0.15 -15.43
CA ALA A 205 39.30 -0.35 -16.42
C ALA A 205 40.19 0.76 -16.95
N ASP A 206 39.65 1.97 -17.10
CA ASP A 206 40.32 3.04 -17.82
C ASP A 206 40.84 4.15 -16.92
N TRP A 207 40.46 4.17 -15.64
CA TRP A 207 40.89 5.19 -14.72
C TRP A 207 41.44 4.60 -13.43
N GLN A 208 42.26 5.40 -12.75
CA GLN A 208 42.62 5.18 -11.38
C GLN A 208 42.11 6.36 -10.56
N HIS A 209 41.99 6.13 -9.25
CA HIS A 209 41.55 7.17 -8.34
C HIS A 209 42.27 7.04 -7.01
N ARG A 210 42.21 8.11 -6.23
CA ARG A 210 42.82 8.18 -4.91
C ARG A 210 42.13 9.28 -4.13
N VAL A 211 42.43 9.34 -2.83
CA VAL A 211 42.04 10.47 -1.99
C VAL A 211 43.35 10.96 -1.40
N PRO A 212 43.85 12.12 -1.82
CA PRO A 212 45.18 12.56 -1.38
C PRO A 212 45.19 13.14 0.03
N LYS A 213 46.40 13.13 0.61
CA LYS A 213 46.62 13.91 1.81
C LYS A 213 46.37 15.38 1.50
N GLU A 214 46.00 16.12 2.53
CA GLU A 214 45.76 17.54 2.45
C GLU A 214 46.76 18.26 3.36
N TYR A 215 46.91 19.58 3.21
CA TYR A 215 47.96 20.30 3.93
C TYR A 215 47.37 21.18 5.01
N HIS A 216 46.15 21.67 4.81
CA HIS A 216 45.36 22.32 5.84
C HIS A 216 44.57 21.30 6.64
N SER A 217 44.16 21.72 7.83
CA SER A 217 43.41 20.87 8.75
C SER A 217 42.17 20.27 8.11
N ARG A 218 41.92 18.99 8.40
CA ARG A 218 40.67 18.34 8.06
C ARG A 218 40.06 17.62 9.27
N GLU A 219 38.75 17.79 9.41
CA GLU A 219 37.95 16.98 10.33
C GLU A 219 37.80 15.58 9.75
N PRO A 220 37.28 14.61 10.52
CA PRO A 220 37.15 13.26 9.99
C PRO A 220 36.16 13.16 8.83
N ARG A 221 36.43 12.21 7.94
CA ARG A 221 35.54 11.89 6.82
C ARG A 221 35.26 10.38 6.83
N VAL A 222 34.01 10.00 6.66
CA VAL A 222 33.63 8.61 6.46
C VAL A 222 33.18 8.44 5.02
N ASN A 223 33.72 7.42 4.34
CA ASN A 223 33.25 7.09 3.01
C ASN A 223 32.75 5.66 3.02
N LEU A 224 31.60 5.48 2.38
CA LEU A 224 30.94 4.20 2.19
C LEU A 224 30.96 3.84 0.71
N THR A 225 31.60 2.73 0.36
CA THR A 225 31.65 2.29 -1.02
C THR A 225 30.90 0.97 -1.08
N PHE A 226 29.80 0.96 -1.81
CA PHE A 226 28.93 -0.20 -1.91
C PHE A 226 29.34 -0.84 -3.22
N ARG A 227 29.46 -2.16 -3.16
CA ARG A 227 29.95 -2.91 -4.32
C ARG A 227 29.31 -4.29 -4.40
N THR A 228 29.43 -4.92 -5.56
CA THR A 228 28.99 -6.29 -5.73
C THR A 228 30.24 -7.17 -5.83
N VAL A 229 30.37 -8.07 -4.86
CA VAL A 229 31.43 -9.08 -4.75
C VAL A 229 30.92 -10.44 -5.23
N TYR A 230 31.68 -11.12 -6.07
CA TYR A 230 31.22 -12.42 -6.53
C TYR A 230 32.02 -13.56 -5.91
N PRO A 231 31.35 -14.69 -5.67
CA PRO A 231 32.00 -15.96 -5.32
C PRO A 231 33.36 -16.34 -5.89
N ARG C 22 24.05 -50.81 -16.13
CA ARG C 22 23.68 -49.84 -15.11
C ARG C 22 22.99 -48.66 -15.76
N VAL C 23 21.68 -48.57 -15.53
CA VAL C 23 20.79 -47.75 -16.33
C VAL C 23 20.02 -46.81 -15.42
N ILE C 24 20.01 -45.53 -15.76
CA ILE C 24 19.34 -44.55 -14.93
C ILE C 24 18.33 -43.97 -15.88
N ASP C 25 17.09 -44.13 -15.50
CA ASP C 25 15.98 -43.55 -16.23
C ASP C 25 14.89 -42.89 -15.40
N ARG C 26 15.10 -42.73 -14.10
CA ARG C 26 14.14 -42.15 -13.19
C ARG C 26 14.64 -40.82 -12.64
N GLU C 27 13.70 -39.89 -12.39
CA GLU C 27 14.06 -38.65 -11.71
C GLU C 27 14.76 -38.98 -10.40
N GLY C 28 15.85 -38.29 -10.08
CA GLY C 28 16.53 -38.59 -8.85
C GLY C 28 17.95 -38.06 -8.82
N VAL C 29 18.55 -38.18 -7.64
CA VAL C 29 19.95 -37.85 -7.39
C VAL C 29 20.69 -39.17 -7.18
N TYR C 30 21.73 -39.40 -7.97
CA TYR C 30 22.47 -40.66 -7.99
C TYR C 30 23.94 -40.46 -7.69
N GLU C 31 24.43 -41.12 -6.65
CA GLU C 31 25.85 -41.13 -6.35
C GLU C 31 26.42 -42.35 -7.06
N ILE C 32 27.03 -42.11 -8.22
CA ILE C 32 27.46 -43.20 -9.08
C ILE C 32 28.85 -43.70 -8.67
N SER C 33 29.61 -42.92 -7.92
CA SER C 33 30.86 -43.43 -7.38
C SER C 33 31.31 -42.52 -6.26
N LEU C 34 32.21 -43.07 -5.44
CA LEU C 34 32.79 -42.42 -4.25
C LEU C 34 34.31 -42.32 -4.27
N SER C 35 34.96 -42.80 -5.33
CA SER C 35 36.41 -42.82 -5.42
C SER C 35 36.80 -42.88 -6.89
N PRO C 36 38.07 -42.55 -7.22
CA PRO C 36 39.15 -42.17 -6.29
C PRO C 36 39.18 -40.72 -5.79
N THR C 37 38.52 -39.82 -6.50
CA THR C 37 38.67 -38.39 -6.19
C THR C 37 37.66 -37.95 -5.13
N GLY C 38 36.48 -38.57 -5.10
CA GLY C 38 35.42 -38.23 -4.19
C GLY C 38 34.10 -38.66 -4.82
N VAL C 39 33.00 -38.16 -4.27
CA VAL C 39 31.70 -38.56 -4.81
C VAL C 39 31.52 -37.93 -6.19
N SER C 40 31.16 -38.75 -7.17
CA SER C 40 30.70 -38.30 -8.48
C SER C 40 29.18 -38.41 -8.46
N ARG C 41 28.50 -37.29 -8.68
CA ARG C 41 27.05 -37.25 -8.55
C ARG C 41 26.39 -36.77 -9.84
N VAL C 42 25.34 -37.46 -10.26
CA VAL C 42 24.48 -37.04 -11.37
C VAL C 42 23.04 -36.99 -10.91
N CYS C 43 22.29 -35.99 -11.41
CA CYS C 43 20.90 -35.73 -11.05
C CYS C 43 20.05 -35.69 -12.32
N LEU C 44 18.93 -36.42 -12.32
CA LEU C 44 18.10 -36.53 -13.52
C LEU C 44 16.70 -35.96 -13.28
N TYR C 45 16.23 -35.13 -14.20
CA TYR C 45 14.90 -34.53 -14.14
C TYR C 45 14.21 -34.63 -15.50
N PRO C 46 13.59 -35.76 -15.81
CA PRO C 46 12.80 -35.83 -17.05
C PRO C 46 11.65 -34.83 -16.98
N GLY C 47 11.32 -34.24 -18.13
CA GLY C 47 10.16 -33.37 -18.18
C GLY C 47 10.35 -32.05 -17.46
N PHE C 48 11.60 -31.68 -17.19
CA PHE C 48 11.95 -30.39 -16.58
C PHE C 48 11.38 -29.21 -17.36
N VAL C 49 11.41 -29.31 -18.68
CA VAL C 49 10.74 -28.42 -19.63
C VAL C 49 9.52 -29.13 -20.17
N ASP C 50 8.37 -28.45 -20.15
CA ASP C 50 7.15 -29.11 -20.59
C ASP C 50 7.22 -29.45 -22.07
N VAL C 51 6.38 -30.43 -22.45
CA VAL C 51 6.53 -31.06 -23.75
C VAL C 51 6.35 -30.08 -24.90
N LYS C 52 5.31 -29.23 -24.84
CA LYS C 52 5.04 -28.35 -25.98
C LYS C 52 6.09 -27.26 -26.08
N GLU C 53 6.55 -26.75 -24.93
CA GLU C 53 7.62 -25.78 -24.94
C GLU C 53 8.89 -26.44 -25.45
N ALA C 54 9.13 -27.70 -25.09
CA ALA C 54 10.33 -28.35 -25.61
C ALA C 54 10.25 -28.47 -27.13
N ASP C 55 9.05 -28.75 -27.68
CA ASP C 55 8.87 -28.79 -29.13
C ASP C 55 9.23 -27.44 -29.74
N TRP C 56 8.74 -26.36 -29.10
CA TRP C 56 8.94 -25.03 -29.64
C TRP C 56 10.39 -24.61 -29.51
N ILE C 57 11.03 -24.99 -28.40
CA ILE C 57 12.44 -24.68 -28.23
C ILE C 57 13.25 -25.39 -29.29
N LEU C 58 12.94 -26.66 -29.55
CA LEU C 58 13.68 -27.36 -30.59
C LEU C 58 13.58 -26.61 -31.90
N GLU C 59 12.36 -26.18 -32.26
CA GLU C 59 12.20 -25.43 -33.51
C GLU C 59 12.96 -24.11 -33.50
N GLN C 60 12.83 -23.34 -32.40
CA GLN C 60 13.45 -22.03 -32.35
C GLN C 60 14.97 -22.11 -32.34
N LEU C 61 15.53 -23.07 -31.60
CA LEU C 61 16.98 -23.13 -31.50
C LEU C 61 17.57 -23.71 -32.78
N SER C 62 16.87 -24.66 -33.41
CA SER C 62 17.32 -25.15 -34.70
C SER C 62 17.31 -24.02 -35.73
N GLN C 63 16.32 -23.14 -35.68
CA GLN C 63 16.24 -22.11 -36.71
C GLN C 63 17.13 -20.91 -36.43
N ASP C 64 17.31 -20.56 -35.15
CA ASP C 64 17.90 -19.29 -34.77
C ASP C 64 19.34 -19.37 -34.28
N VAL C 65 19.75 -20.49 -33.71
CA VAL C 65 21.12 -20.61 -33.18
C VAL C 65 22.11 -20.64 -34.35
N PRO C 66 23.23 -19.93 -34.27
CA PRO C 66 24.19 -19.93 -35.40
C PRO C 66 25.09 -21.17 -35.42
N TRP C 67 24.47 -22.28 -35.79
CA TRP C 67 25.15 -23.57 -35.81
C TRP C 67 26.30 -23.58 -36.82
N LYS C 68 27.44 -24.15 -36.42
CA LYS C 68 28.52 -24.36 -37.36
C LYS C 68 29.09 -25.73 -37.06
N GLN C 69 29.57 -26.37 -38.12
CA GLN C 69 30.35 -27.62 -38.10
C GLN C 69 31.85 -27.34 -38.05
N ARG C 70 32.51 -27.66 -36.94
CA ARG C 70 33.88 -27.15 -36.85
C ARG C 70 34.88 -28.26 -37.13
N THR C 71 36.07 -27.83 -37.55
CA THR C 71 37.21 -28.69 -37.80
C THR C 71 37.97 -29.04 -36.51
N THR C 78 43.39 -32.16 -39.22
CA THR C 78 42.20 -32.53 -38.46
C THR C 78 40.98 -32.64 -39.38
N TYR C 79 39.85 -32.94 -38.76
CA TYR C 79 38.63 -33.44 -39.39
C TYR C 79 37.53 -32.38 -39.38
N GLN C 80 36.30 -32.86 -39.34
CA GLN C 80 35.08 -32.09 -39.20
C GLN C 80 34.27 -32.84 -38.15
N GLN C 81 33.85 -32.13 -37.11
CA GLN C 81 33.10 -32.77 -36.03
C GLN C 81 31.77 -33.27 -36.56
N PRO C 82 31.36 -34.46 -36.17
CA PRO C 82 30.07 -35.02 -36.59
C PRO C 82 28.91 -34.48 -35.75
N ARG C 83 28.83 -33.15 -35.70
CA ARG C 83 27.77 -32.48 -34.92
C ARG C 83 27.89 -30.98 -35.19
N LEU C 84 26.76 -30.27 -35.19
CA LEU C 84 26.81 -28.84 -35.34
C LEU C 84 26.94 -28.25 -33.94
N THR C 85 27.60 -27.10 -33.85
CA THR C 85 27.84 -26.53 -32.54
C THR C 85 27.72 -25.02 -32.61
N ALA C 86 27.54 -24.45 -31.43
CA ALA C 86 27.54 -23.02 -31.25
C ALA C 86 27.91 -22.74 -29.80
N TRP C 87 28.46 -21.55 -29.57
CA TRP C 87 28.91 -21.22 -28.23
C TRP C 87 28.34 -19.88 -27.82
N TYR C 88 28.05 -19.77 -26.52
CA TYR C 88 27.61 -18.54 -25.91
C TYR C 88 28.42 -18.33 -24.64
N GLY C 89 28.67 -17.08 -24.31
CA GLY C 89 29.43 -16.80 -23.11
C GLY C 89 30.51 -15.77 -23.35
N GLU C 90 30.94 -15.10 -22.29
CA GLU C 90 31.91 -14.01 -22.43
C GLU C 90 33.27 -14.56 -22.81
N LEU C 91 33.60 -15.74 -22.31
CA LEU C 91 34.93 -16.31 -22.57
C LEU C 91 34.81 -17.50 -23.50
N PRO C 92 35.79 -17.68 -24.40
CA PRO C 92 35.81 -18.77 -25.36
C PRO C 92 36.00 -20.16 -24.78
N TYR C 93 35.63 -21.16 -25.57
CA TYR C 93 35.74 -22.58 -25.20
C TYR C 93 36.72 -23.25 -26.16
N THR C 94 37.74 -23.90 -25.61
CA THR C 94 38.75 -24.58 -26.46
C THR C 94 38.67 -26.07 -26.22
N TYR C 95 38.76 -26.84 -27.29
CA TYR C 95 38.67 -28.30 -27.29
C TYR C 95 38.98 -28.79 -28.70
N SER C 96 39.60 -29.96 -28.81
CA SER C 96 40.01 -30.54 -30.09
C SER C 96 40.97 -29.62 -30.84
N ARG C 97 41.64 -28.74 -30.08
CA ARG C 97 42.65 -27.79 -30.56
C ARG C 97 41.95 -26.73 -31.40
N ILE C 98 40.62 -26.69 -31.32
CA ILE C 98 39.75 -25.78 -32.05
C ILE C 98 39.14 -24.92 -30.94
N THR C 99 39.11 -23.61 -31.15
CA THR C 99 38.60 -22.72 -30.12
C THR C 99 37.41 -21.90 -30.57
N MET C 100 36.33 -21.95 -29.78
CA MET C 100 35.06 -21.36 -30.16
C MET C 100 35.04 -19.94 -29.61
N GLU C 101 34.83 -19.00 -30.54
CA GLU C 101 34.67 -17.58 -30.28
C GLU C 101 33.47 -17.28 -29.39
N PRO C 102 33.64 -16.41 -28.42
CA PRO C 102 32.51 -16.06 -27.54
C PRO C 102 31.38 -15.35 -28.25
N ASN C 103 30.31 -15.07 -27.51
CA ASN C 103 29.11 -14.36 -27.95
C ASN C 103 28.42 -13.94 -26.68
N PRO C 104 28.37 -12.64 -26.40
CA PRO C 104 27.67 -12.14 -25.19
C PRO C 104 26.18 -12.11 -25.34
N HIS C 105 25.71 -11.94 -26.58
CA HIS C 105 24.30 -11.76 -26.88
C HIS C 105 23.68 -13.14 -26.94
N TRP C 106 23.43 -13.70 -25.76
CA TRP C 106 22.66 -14.93 -25.64
C TRP C 106 21.29 -14.80 -26.28
N HIS C 107 20.90 -15.83 -27.01
CA HIS C 107 19.54 -15.88 -27.50
C HIS C 107 18.62 -15.76 -26.29
N PRO C 108 17.55 -14.97 -26.36
CA PRO C 108 16.70 -14.78 -25.17
C PRO C 108 16.14 -16.07 -24.56
N VAL C 109 15.79 -17.04 -25.40
CA VAL C 109 15.29 -18.33 -24.90
C VAL C 109 16.37 -19.05 -24.11
N LEU C 110 17.61 -18.96 -24.58
CA LEU C 110 18.71 -19.63 -23.88
C LEU C 110 18.96 -18.95 -22.53
N ARG C 111 18.81 -17.63 -22.49
CA ARG C 111 18.96 -16.90 -21.22
C ARG C 111 17.87 -17.32 -20.24
N THR C 112 16.63 -17.43 -20.72
CA THR C 112 15.53 -17.86 -19.88
C THR C 112 15.77 -19.26 -19.31
N LEU C 113 16.21 -20.19 -20.17
CA LEU C 113 16.44 -21.56 -19.70
C LEU C 113 17.59 -21.59 -18.70
N LYS C 114 18.62 -20.78 -18.94
CA LYS C 114 19.71 -20.61 -18.00
C LYS C 114 19.18 -20.16 -16.64
N ASN C 115 18.32 -19.15 -16.64
CA ASN C 115 17.80 -18.60 -15.40
C ASN C 115 16.95 -19.62 -14.65
N ARG C 116 16.15 -20.40 -15.39
CA ARG C 116 15.32 -21.41 -14.74
C ARG C 116 16.19 -22.47 -14.08
N ILE C 117 17.25 -22.91 -14.77
CA ILE C 117 18.13 -23.93 -14.21
C ILE C 117 18.81 -23.39 -12.95
N GLU C 118 19.26 -22.13 -13.01
CA GLU C 118 19.96 -21.55 -11.87
C GLU C 118 19.02 -21.41 -10.68
N GLU C 119 17.81 -20.91 -10.92
CA GLU C 119 16.87 -20.70 -9.82
C GLU C 119 16.40 -22.00 -9.18
N ASN C 120 16.30 -23.08 -9.96
CA ASN C 120 15.82 -24.30 -9.32
C ASN C 120 16.95 -25.07 -8.66
N THR C 121 18.14 -25.06 -9.27
CA THR C 121 19.26 -25.78 -8.71
C THR C 121 20.12 -24.99 -7.72
N GLY C 122 20.12 -23.65 -7.77
CA GLY C 122 21.02 -22.99 -6.84
C GLY C 122 22.43 -22.82 -7.36
N HIS C 123 22.68 -23.18 -8.62
CA HIS C 123 24.00 -23.13 -9.23
C HIS C 123 24.06 -22.03 -10.27
N THR C 124 25.22 -21.41 -10.42
CA THR C 124 25.30 -20.33 -11.39
C THR C 124 26.09 -20.80 -12.60
N PHE C 125 25.84 -20.16 -13.72
CA PHE C 125 26.48 -20.52 -14.98
C PHE C 125 26.77 -19.25 -15.76
N ASN C 126 27.82 -19.29 -16.58
CA ASN C 126 28.09 -18.14 -17.43
C ASN C 126 28.43 -18.51 -18.87
N SER C 127 28.34 -19.79 -19.24
CA SER C 127 28.78 -20.28 -20.54
C SER C 127 27.85 -21.38 -21.05
N LEU C 128 27.56 -21.38 -22.34
CA LEU C 128 26.69 -22.42 -22.89
C LEU C 128 27.29 -22.99 -24.18
N LEU C 129 27.35 -24.32 -24.25
CA LEU C 129 27.71 -25.05 -25.45
C LEU C 129 26.47 -25.70 -26.02
N CYS C 130 26.13 -25.38 -27.27
CA CYS C 130 24.99 -25.99 -27.93
C CYS C 130 25.48 -26.98 -28.97
N ASN C 131 24.96 -28.20 -28.90
CA ASN C 131 25.24 -29.29 -29.81
C ASN C 131 23.96 -29.68 -30.53
N LEU C 132 24.03 -29.83 -31.84
CA LEU C 132 22.90 -30.32 -32.61
C LEU C 132 23.40 -31.57 -33.32
N TYR C 133 22.77 -32.69 -32.99
CA TYR C 133 23.03 -33.99 -33.60
C TYR C 133 21.99 -34.20 -34.70
N ARG C 134 22.45 -34.03 -35.94
CA ARG C 134 21.58 -33.93 -37.09
C ARG C 134 20.82 -35.23 -37.34
N ASN C 135 21.48 -36.37 -37.12
CA ASN C 135 20.87 -37.68 -37.30
C ASN C 135 21.70 -38.72 -36.58
N GLU C 136 21.38 -39.99 -36.84
CA GLU C 136 22.01 -41.11 -36.18
C GLU C 136 23.51 -41.20 -36.44
N LYS C 137 24.02 -40.50 -37.46
CA LYS C 137 25.44 -40.56 -37.78
C LYS C 137 26.25 -39.53 -37.00
N ASP C 138 25.58 -38.62 -36.30
CA ASP C 138 26.26 -37.61 -35.50
C ASP C 138 26.53 -38.13 -34.09
N SER C 139 27.53 -37.55 -33.43
CA SER C 139 28.02 -38.09 -32.18
C SER C 139 28.99 -37.12 -31.52
N VAL C 140 29.36 -37.46 -30.28
CA VAL C 140 30.53 -36.89 -29.61
C VAL C 140 31.27 -38.03 -28.92
N ASP C 141 32.59 -38.08 -29.09
CA ASP C 141 33.37 -39.20 -28.57
C ASP C 141 33.67 -39.03 -27.09
N TRP C 142 34.25 -40.09 -26.51
CA TRP C 142 34.56 -40.17 -25.09
C TRP C 142 35.44 -39.00 -24.63
N HIS C 143 35.03 -38.32 -23.58
CA HIS C 143 35.82 -37.24 -23.00
C HIS C 143 35.34 -36.97 -21.59
N SER C 144 36.10 -36.16 -20.86
CA SER C 144 35.63 -35.63 -19.60
C SER C 144 35.57 -34.12 -19.72
N ASP C 145 34.68 -33.44 -19.00
CA ASP C 145 34.72 -32.00 -19.12
C ASP C 145 35.59 -31.44 -17.99
N ASP C 146 36.88 -31.72 -18.07
CA ASP C 146 37.78 -31.33 -16.99
C ASP C 146 38.91 -30.40 -17.46
N CYS C 147 38.64 -29.55 -18.45
CA CYS C 147 39.62 -28.55 -18.86
C CYS C 147 39.97 -27.67 -17.67
N PRO C 148 41.13 -27.03 -17.69
CA PRO C 148 41.35 -25.95 -16.72
C PRO C 148 40.33 -24.82 -16.79
N SER C 149 39.64 -24.59 -17.92
CA SER C 149 38.75 -23.44 -17.82
C SER C 149 37.44 -23.68 -17.06
N LEU C 150 37.08 -24.90 -16.69
CA LEU C 150 35.98 -25.16 -15.75
C LEU C 150 36.37 -25.10 -14.27
N GLY C 151 37.66 -25.07 -13.98
CA GLY C 151 38.18 -25.10 -12.63
C GLY C 151 38.08 -26.57 -12.21
N ARG C 152 38.57 -26.88 -11.01
CA ARG C 152 38.38 -28.23 -10.46
C ARG C 152 36.96 -28.49 -9.95
N SER C 153 36.47 -29.73 -10.14
CA SER C 153 35.16 -30.25 -9.71
C SER C 153 34.00 -29.42 -10.25
N PRO C 154 33.79 -29.41 -11.56
CA PRO C 154 32.82 -28.48 -12.14
C PRO C 154 31.39 -28.97 -12.05
N ILE C 155 30.48 -28.01 -12.10
CA ILE C 155 29.04 -28.25 -12.23
C ILE C 155 28.59 -28.03 -13.67
N ILE C 156 27.96 -29.04 -14.27
CA ILE C 156 27.53 -28.97 -15.66
C ILE C 156 26.05 -29.33 -15.75
N ALA C 157 25.28 -28.50 -16.47
CA ALA C 157 23.86 -28.75 -16.67
C ALA C 157 23.57 -29.06 -18.13
N SER C 158 22.72 -30.04 -18.37
CA SER C 158 22.42 -30.53 -19.71
C SER C 158 20.91 -30.52 -19.90
N LEU C 159 20.43 -29.86 -20.92
CA LEU C 159 19.01 -29.80 -21.20
C LEU C 159 18.84 -30.37 -22.59
N SER C 160 17.93 -31.31 -22.77
CA SER C 160 17.85 -32.00 -24.05
C SER C 160 16.52 -31.75 -24.76
N PHE C 161 16.59 -31.73 -26.08
CA PHE C 161 15.43 -31.52 -26.94
C PHE C 161 15.55 -32.41 -28.16
N GLY C 162 14.41 -32.86 -28.66
CA GLY C 162 14.44 -33.64 -29.89
C GLY C 162 14.46 -35.14 -29.70
N ALA C 163 15.10 -35.83 -30.63
CA ALA C 163 15.13 -37.28 -30.58
C ALA C 163 15.87 -37.74 -29.34
N THR C 164 15.43 -38.86 -28.79
CA THR C 164 16.19 -39.42 -27.67
C THR C 164 17.54 -39.93 -28.17
N ARG C 165 18.59 -39.60 -27.43
CA ARG C 165 19.91 -40.16 -27.64
C ARG C 165 20.46 -40.58 -26.29
N THR C 166 21.49 -41.41 -26.33
CA THR C 166 22.02 -41.95 -25.10
C THR C 166 23.26 -41.19 -24.67
N PHE C 167 23.27 -40.79 -23.41
CA PHE C 167 24.45 -40.20 -22.79
C PHE C 167 25.10 -41.40 -22.10
N GLU C 168 26.18 -41.87 -22.68
CA GLU C 168 26.84 -43.04 -22.13
C GLU C 168 28.00 -42.56 -21.28
N MET C 169 28.26 -43.25 -20.17
CA MET C 169 29.34 -42.94 -19.26
C MET C 169 30.15 -44.16 -18.93
N ARG C 170 31.45 -43.96 -18.84
CA ARG C 170 32.38 -45.01 -18.44
C ARG C 170 33.32 -44.40 -17.41
N LYS C 171 33.62 -45.16 -16.37
CA LYS C 171 34.47 -44.69 -15.30
C LYS C 171 35.91 -44.81 -15.73
N LYS C 172 36.72 -43.83 -15.35
CA LYS C 172 38.11 -43.96 -15.72
C LYS C 172 38.66 -45.16 -14.96
N PRO C 173 39.60 -45.87 -15.54
CA PRO C 173 40.25 -46.98 -14.86
C PRO C 173 41.21 -46.52 -13.79
N PRO C 174 41.47 -47.39 -12.81
CA PRO C 174 42.42 -47.05 -11.78
C PRO C 174 43.82 -47.36 -12.26
N PRO C 175 44.84 -46.75 -11.67
CA PRO C 175 46.13 -46.63 -12.38
C PRO C 175 46.71 -47.96 -12.86
N GLU C 176 46.32 -49.07 -12.24
CA GLU C 176 46.95 -50.35 -12.55
C GLU C 176 46.53 -50.89 -13.92
N GLU C 177 45.30 -50.60 -14.37
CA GLU C 177 44.87 -51.17 -15.64
C GLU C 177 45.24 -50.31 -16.84
N ASN C 178 46.00 -49.23 -16.64
CA ASN C 178 46.83 -48.64 -17.68
C ASN C 178 46.00 -48.03 -18.81
N GLY C 179 45.01 -47.23 -18.44
CA GLY C 179 44.22 -46.51 -19.44
C GLY C 179 43.31 -47.36 -20.28
N ASP C 180 43.05 -48.59 -19.88
CA ASP C 180 42.16 -49.49 -20.61
C ASP C 180 40.76 -49.42 -20.00
N TYR C 181 39.78 -49.03 -20.82
CA TYR C 181 38.42 -48.70 -20.37
C TYR C 181 37.41 -49.83 -20.52
N THR C 182 37.71 -50.92 -21.20
CA THR C 182 36.88 -52.09 -20.91
C THR C 182 37.04 -52.41 -19.43
N TYR C 183 35.97 -52.95 -18.83
CA TYR C 183 35.92 -53.58 -17.52
C TYR C 183 35.54 -52.58 -16.42
N VAL C 184 35.72 -51.28 -16.64
CA VAL C 184 35.32 -50.31 -15.62
C VAL C 184 33.81 -50.16 -15.62
N GLU C 185 33.28 -49.49 -14.60
CA GLU C 185 31.83 -49.44 -14.52
C GLU C 185 31.33 -48.51 -15.63
N ARG C 186 30.11 -48.79 -16.08
CA ARG C 186 29.35 -48.03 -17.08
C ARG C 186 27.90 -47.78 -16.72
N VAL C 187 27.46 -46.58 -17.13
CA VAL C 187 26.13 -46.06 -16.90
C VAL C 187 25.59 -45.58 -18.24
N LYS C 188 24.35 -45.95 -18.53
CA LYS C 188 23.67 -45.50 -19.73
C LYS C 188 22.50 -44.64 -19.30
N ILE C 189 22.39 -43.46 -19.91
CA ILE C 189 21.29 -42.56 -19.54
C ILE C 189 20.59 -42.13 -20.82
N PRO C 190 19.41 -42.67 -21.13
CA PRO C 190 18.66 -42.12 -22.25
C PRO C 190 18.23 -40.72 -21.87
N LEU C 191 18.45 -39.77 -22.76
CA LEU C 191 18.11 -38.37 -22.53
C LEU C 191 16.97 -38.04 -23.46
N ASP C 192 15.76 -37.93 -22.90
CA ASP C 192 14.57 -37.71 -23.69
C ASP C 192 14.20 -36.23 -23.69
N HIS C 193 13.16 -35.96 -24.46
CA HIS C 193 12.73 -34.61 -24.79
C HIS C 193 12.42 -33.83 -23.51
N GLY C 194 13.14 -32.73 -23.26
CA GLY C 194 12.86 -31.94 -22.06
C GLY C 194 13.57 -32.39 -20.81
N THR C 195 14.50 -33.33 -20.92
CA THR C 195 15.18 -33.88 -19.77
C THR C 195 16.36 -33.02 -19.33
N LEU C 196 16.45 -32.75 -18.02
CA LEU C 196 17.60 -32.06 -17.42
C LEU C 196 18.54 -33.05 -16.75
N LEU C 197 19.83 -32.95 -17.03
CA LEU C 197 20.86 -33.77 -16.40
C LEU C 197 21.83 -32.81 -15.73
N ILE C 198 22.16 -33.08 -14.48
CA ILE C 198 23.21 -32.33 -13.80
C ILE C 198 24.33 -33.28 -13.42
N MET C 199 25.58 -32.86 -13.66
CA MET C 199 26.77 -33.53 -13.16
C MET C 199 27.44 -32.60 -12.16
N GLU C 200 27.84 -33.18 -11.03
CA GLU C 200 28.56 -32.50 -9.98
C GLU C 200 29.57 -33.44 -9.34
N GLY C 201 30.32 -32.88 -8.39
CA GLY C 201 31.29 -33.64 -7.64
C GLY C 201 32.45 -34.01 -8.54
N ALA C 202 32.99 -35.19 -8.31
CA ALA C 202 34.20 -35.72 -8.94
C ALA C 202 33.92 -36.30 -10.32
N THR C 203 32.71 -36.09 -10.87
CA THR C 203 32.29 -36.79 -12.08
C THR C 203 33.26 -36.59 -13.25
N GLN C 204 33.71 -35.36 -13.47
CA GLN C 204 34.61 -35.13 -14.60
C GLN C 204 35.98 -35.67 -14.27
N ALA C 205 36.32 -35.73 -12.99
CA ALA C 205 37.60 -36.29 -12.61
C ALA C 205 37.55 -37.81 -12.77
N ASP C 206 36.40 -38.43 -12.50
CA ASP C 206 36.36 -39.88 -12.39
C ASP C 206 35.67 -40.57 -13.54
N TRP C 207 34.96 -39.85 -14.39
CA TRP C 207 34.23 -40.47 -15.49
C TRP C 207 34.51 -39.77 -16.81
N GLN C 208 34.31 -40.50 -17.89
CA GLN C 208 34.18 -39.91 -19.22
C GLN C 208 32.78 -40.21 -19.70
N HIS C 209 32.34 -39.44 -20.68
CA HIS C 209 31.03 -39.62 -21.27
C HIS C 209 31.08 -39.34 -22.76
N ARG C 210 30.05 -39.79 -23.44
CA ARG C 210 29.93 -39.60 -24.89
C ARG C 210 28.47 -39.73 -25.28
N VAL C 211 28.19 -39.39 -26.54
CA VAL C 211 26.90 -39.66 -27.15
C VAL C 211 27.26 -40.47 -28.40
N PRO C 212 26.98 -41.77 -28.42
CA PRO C 212 27.45 -42.61 -29.52
C PRO C 212 26.61 -42.45 -30.77
N LYS C 213 27.22 -42.83 -31.90
CA LYS C 213 26.43 -43.01 -33.10
C LYS C 213 25.41 -44.11 -32.85
N GLU C 214 24.31 -44.03 -33.57
CA GLU C 214 23.24 -45.02 -33.54
C GLU C 214 23.10 -45.68 -34.90
N TYR C 215 22.40 -46.81 -34.91
CA TYR C 215 22.32 -47.63 -36.10
C TYR C 215 20.93 -47.59 -36.71
N HIS C 216 19.89 -47.39 -35.92
CA HIS C 216 18.62 -47.10 -36.54
C HIS C 216 18.53 -45.59 -36.71
N SER C 217 17.66 -45.17 -37.63
CA SER C 217 17.46 -43.75 -37.95
C SER C 217 17.15 -42.97 -36.69
N ARG C 218 17.74 -41.76 -36.57
CA ARG C 218 17.38 -40.79 -35.54
C ARG C 218 17.09 -39.42 -36.13
N GLU C 219 16.03 -38.77 -35.61
CA GLU C 219 15.73 -37.36 -35.88
C GLU C 219 16.72 -36.46 -35.16
N PRO C 220 16.74 -35.16 -35.46
CA PRO C 220 17.71 -34.26 -34.80
C PRO C 220 17.49 -34.15 -33.30
N ARG C 221 18.59 -33.93 -32.58
CA ARG C 221 18.59 -33.67 -31.15
C ARG C 221 19.39 -32.41 -30.87
N VAL C 222 18.86 -31.51 -30.04
CA VAL C 222 19.62 -30.36 -29.55
C VAL C 222 19.93 -30.58 -28.08
N ASN C 223 21.20 -30.42 -27.71
CA ASN C 223 21.57 -30.47 -26.31
C ASN C 223 22.21 -29.14 -25.94
N LEU C 224 21.81 -28.63 -24.77
CA LEU C 224 22.33 -27.41 -24.20
C LEU C 224 23.12 -27.77 -22.94
N THR C 225 24.41 -27.49 -22.92
CA THR C 225 25.22 -27.79 -21.74
C THR C 225 25.71 -26.45 -21.20
N PHE C 226 25.29 -26.11 -19.99
CA PHE C 226 25.60 -24.85 -19.34
C PHE C 226 26.75 -25.18 -18.41
N ARG C 227 27.75 -24.30 -18.45
CA ARG C 227 28.95 -24.52 -17.62
C ARG C 227 29.42 -23.16 -17.13
N THR C 228 30.31 -23.17 -16.15
CA THR C 228 30.92 -21.91 -15.72
C THR C 228 32.37 -21.96 -16.20
N VAL C 229 32.73 -21.01 -17.07
CA VAL C 229 34.09 -20.85 -17.60
C VAL C 229 34.84 -19.74 -16.85
N TYR C 230 36.12 -20.04 -16.41
CA TYR C 230 36.71 -18.91 -15.72
C TYR C 230 37.84 -18.24 -16.50
N PRO C 231 37.91 -16.90 -16.39
CA PRO C 231 39.07 -16.11 -16.81
C PRO C 231 40.42 -16.78 -16.64
N ASP C 232 41.15 -17.02 -17.72
CA ASP C 232 42.57 -17.31 -17.59
C ASP C 232 43.39 -16.07 -17.88
N ARG E 22 -17.55 33.32 27.66
CA ARG E 22 -16.49 32.38 27.30
C ARG E 22 -16.02 32.60 25.87
N VAL E 23 -14.71 32.50 25.70
CA VAL E 23 -14.06 32.69 24.42
C VAL E 23 -13.16 31.50 24.14
N ILE E 24 -13.31 30.91 22.96
CA ILE E 24 -12.51 29.75 22.64
C ILE E 24 -11.81 30.19 21.37
N ASP E 25 -10.49 30.28 21.43
CA ASP E 25 -9.75 30.57 20.22
C ASP E 25 -8.50 29.73 20.07
N ARG E 26 -8.33 28.72 20.89
CA ARG E 26 -7.17 27.85 20.87
C ARG E 26 -7.62 26.46 20.40
N GLU E 27 -6.75 25.78 19.68
CA GLU E 27 -7.02 24.39 19.30
C GLU E 27 -7.34 23.56 20.53
N GLY E 28 -8.33 22.69 20.43
CA GLY E 28 -8.69 21.90 21.60
C GLY E 28 -10.06 21.27 21.48
N VAL E 29 -10.35 20.42 22.47
CA VAL E 29 -11.65 19.78 22.60
C VAL E 29 -12.37 20.41 23.79
N TYR E 30 -13.56 20.96 23.53
CA TYR E 30 -14.33 21.69 24.53
C TYR E 30 -15.72 21.11 24.71
N GLU E 31 -16.02 20.68 25.93
CA GLU E 31 -17.37 20.28 26.30
C GLU E 31 -18.04 21.52 26.91
N ILE E 32 -18.88 22.19 26.12
CA ILE E 32 -19.42 23.48 26.52
C ILE E 32 -20.65 23.36 27.41
N SER E 33 -21.30 22.19 27.43
CA SER E 33 -22.37 21.95 28.37
C SER E 33 -22.59 20.46 28.45
N LEU E 34 -23.24 20.04 29.54
CA LEU E 34 -23.48 18.63 29.79
C LEU E 34 -24.95 18.30 29.97
N SER E 35 -25.83 19.30 29.91
CA SER E 35 -27.25 19.11 30.16
C SER E 35 -28.01 20.25 29.50
N PRO E 36 -29.33 20.11 29.29
CA PRO E 36 -30.20 19.00 29.70
C PRO E 36 -30.20 17.78 28.76
N THR E 37 -29.73 17.94 27.52
CA THR E 37 -29.89 16.85 26.56
C THR E 37 -28.72 15.88 26.63
N GLY E 38 -27.54 16.37 26.95
CA GLY E 38 -26.34 15.58 27.01
C GLY E 38 -25.15 16.48 26.76
N VAL E 39 -24.02 15.85 26.47
CA VAL E 39 -22.79 16.60 26.24
C VAL E 39 -22.90 17.31 24.90
N SER E 40 -22.62 18.60 24.88
CA SER E 40 -22.44 19.34 23.65
C SER E 40 -20.94 19.46 23.48
N ARG E 41 -20.40 18.95 22.38
CA ARG E 41 -18.95 18.92 22.24
C ARG E 41 -18.59 19.65 20.96
N VAL E 42 -17.60 20.52 21.04
CA VAL E 42 -16.99 21.18 19.90
C VAL E 42 -15.49 20.98 19.91
N CYS E 43 -14.92 20.81 18.72
CA CYS E 43 -13.50 20.57 18.53
C CYS E 43 -12.96 21.61 17.57
N LEU E 44 -11.85 22.24 17.92
CA LEU E 44 -11.32 23.33 17.11
C LEU E 44 -9.94 22.92 16.61
N TYR E 45 -9.70 23.11 15.31
CA TYR E 45 -8.43 22.79 14.66
C TYR E 45 -7.97 23.95 13.78
N PRO E 46 -7.29 24.94 14.34
CA PRO E 46 -6.69 25.99 13.50
C PRO E 46 -5.65 25.37 12.58
N GLY E 47 -5.54 25.91 11.37
CA GLY E 47 -4.50 25.49 10.46
C GLY E 47 -4.71 24.11 9.88
N PHE E 48 -5.94 23.60 9.95
CA PHE E 48 -6.31 22.32 9.36
C PHE E 48 -5.97 22.28 7.88
N VAL E 49 -6.20 23.39 7.20
CA VAL E 49 -5.76 23.66 5.83
C VAL E 49 -4.58 24.61 5.91
N ASP E 50 -3.50 24.26 5.21
CA ASP E 50 -2.33 25.12 5.29
C ASP E 50 -2.63 26.47 4.66
N VAL E 51 -1.82 27.47 5.05
CA VAL E 51 -2.18 28.86 4.74
C VAL E 51 -2.27 29.11 3.24
N LYS E 52 -1.27 28.67 2.48
CA LYS E 52 -1.33 28.99 1.06
C LYS E 52 -2.43 28.20 0.36
N GLU E 53 -2.62 26.95 0.78
CA GLU E 53 -3.72 26.20 0.20
C GLU E 53 -5.02 26.86 0.57
N ALA E 54 -5.14 27.38 1.80
CA ALA E 54 -6.39 28.04 2.14
C ALA E 54 -6.58 29.28 1.26
N ASP E 55 -5.50 30.00 0.95
CA ASP E 55 -5.58 31.15 0.04
C ASP E 55 -6.11 30.72 -1.33
N TRP E 56 -5.55 29.61 -1.83
CA TRP E 56 -5.90 29.13 -3.16
C TRP E 56 -7.32 28.58 -3.18
N ILE E 57 -7.72 27.91 -2.10
CA ILE E 57 -9.08 27.40 -2.00
C ILE E 57 -10.07 28.54 -1.98
N LEU E 58 -9.77 29.59 -1.21
CA LEU E 58 -10.66 30.73 -1.17
C LEU E 58 -10.88 31.27 -2.57
N GLU E 59 -9.78 31.44 -3.34
CA GLU E 59 -9.93 31.94 -4.69
C GLU E 59 -10.76 31.01 -5.57
N GLN E 60 -10.46 29.71 -5.53
CA GLN E 60 -11.17 28.77 -6.40
C GLN E 60 -12.64 28.65 -6.03
N LEU E 61 -12.96 28.63 -4.74
CA LEU E 61 -14.35 28.44 -4.36
C LEU E 61 -15.17 29.68 -4.63
N SER E 62 -14.57 30.87 -4.50
CA SER E 62 -15.28 32.06 -4.94
C SER E 62 -15.49 32.04 -6.45
N GLN E 63 -14.51 31.51 -7.20
CA GLN E 63 -14.65 31.59 -8.65
C GLN E 63 -15.59 30.52 -9.21
N ASP E 64 -15.60 29.34 -8.59
CA ASP E 64 -16.22 28.15 -9.17
C ASP E 64 -17.54 27.73 -8.56
N VAL E 65 -17.78 28.02 -7.29
CA VAL E 65 -19.03 27.58 -6.64
C VAL E 65 -20.21 28.34 -7.23
N PRO E 66 -21.33 27.68 -7.52
CA PRO E 66 -22.46 28.43 -8.10
C PRO E 66 -23.25 29.17 -7.02
N TRP E 67 -22.61 30.24 -6.54
CA TRP E 67 -23.17 31.06 -5.46
C TRP E 67 -24.46 31.73 -5.87
N LYS E 68 -25.43 31.69 -4.97
CA LYS E 68 -26.64 32.46 -5.19
C LYS E 68 -27.02 33.09 -3.86
N GLN E 69 -27.62 34.26 -3.96
CA GLN E 69 -28.24 34.97 -2.86
C GLN E 69 -29.67 34.52 -2.80
N ARG E 70 -30.07 33.79 -1.78
CA ARG E 70 -31.37 33.28 -2.12
C ARG E 70 -32.33 34.16 -1.38
N THR E 71 -33.53 34.26 -1.92
CA THR E 71 -34.55 34.99 -1.26
C THR E 71 -35.09 34.02 -0.25
N TYR E 79 -37.39 39.34 1.37
CA TYR E 79 -36.49 38.75 2.37
C TYR E 79 -35.34 38.01 1.70
N GLN E 80 -34.35 38.80 1.29
CA GLN E 80 -33.09 38.32 0.73
C GLN E 80 -32.12 37.99 1.85
N GLN E 81 -31.58 36.77 1.86
CA GLN E 81 -30.63 36.42 2.90
C GLN E 81 -29.37 37.27 2.74
N PRO E 82 -28.80 37.76 3.83
CA PRO E 82 -27.56 38.56 3.77
C PRO E 82 -26.30 37.68 3.66
N ARG E 83 -26.27 36.80 2.68
CA ARG E 83 -25.13 35.95 2.38
C ARG E 83 -25.40 35.20 1.10
N LEU E 84 -24.34 34.77 0.44
CA LEU E 84 -24.51 33.92 -0.73
C LEU E 84 -24.37 32.49 -0.26
N THR E 85 -25.07 31.58 -0.95
CA THR E 85 -25.07 30.19 -0.51
C THR E 85 -25.06 29.26 -1.71
N ALA E 86 -24.68 28.02 -1.41
CA ALA E 86 -24.75 26.94 -2.39
C ALA E 86 -24.84 25.63 -1.63
N TRP E 87 -25.41 24.63 -2.27
CA TRP E 87 -25.62 23.34 -1.62
C TRP E 87 -25.08 22.22 -2.50
N TYR E 88 -24.56 21.18 -1.84
CA TYR E 88 -24.11 19.98 -2.51
C TYR E 88 -24.67 18.77 -1.78
N GLY E 89 -24.93 17.71 -2.54
CA GLY E 89 -25.46 16.50 -1.96
C GLY E 89 -26.71 16.03 -2.70
N GLU E 90 -27.03 14.75 -2.55
CA GLU E 90 -28.09 14.14 -3.32
C GLU E 90 -29.49 14.48 -2.80
N LEU E 91 -29.62 15.05 -1.58
CA LEU E 91 -30.95 15.34 -1.04
C LEU E 91 -31.25 16.82 -0.77
N PRO E 92 -32.38 17.31 -1.29
CA PRO E 92 -32.85 18.70 -1.09
C PRO E 92 -32.91 19.19 0.36
N TYR E 93 -32.44 20.42 0.59
CA TYR E 93 -32.10 20.93 1.92
C TYR E 93 -32.97 22.16 2.22
N THR E 94 -34.06 21.96 2.97
CA THR E 94 -35.01 23.01 3.36
C THR E 94 -34.63 23.70 4.66
N TYR E 95 -34.82 25.01 4.73
CA TYR E 95 -34.55 25.77 5.95
C TYR E 95 -35.01 27.21 5.77
N SER E 96 -35.48 27.80 6.87
CA SER E 96 -36.00 29.17 6.95
C SER E 96 -36.59 29.71 5.63
N ARG E 97 -37.66 29.06 5.17
CA ARG E 97 -38.57 29.29 4.03
C ARG E 97 -37.94 28.72 2.75
N ILE E 98 -36.65 28.95 2.60
CA ILE E 98 -35.85 28.53 1.44
C ILE E 98 -35.65 27.01 1.38
N THR E 99 -35.32 26.53 0.18
CA THR E 99 -35.10 25.11 -0.06
C THR E 99 -34.14 24.93 -1.21
N MET E 100 -32.98 24.34 -0.92
CA MET E 100 -31.89 24.25 -1.87
C MET E 100 -32.06 22.92 -2.61
N GLU E 101 -32.05 22.98 -3.94
CA GLU E 101 -32.10 21.78 -4.75
C GLU E 101 -30.81 20.97 -4.76
N PRO E 102 -30.93 19.64 -4.95
CA PRO E 102 -29.77 18.75 -4.92
C PRO E 102 -28.74 18.99 -6.02
N ASN E 103 -27.47 18.97 -5.61
CA ASN E 103 -26.31 19.16 -6.47
C ASN E 103 -25.43 17.94 -6.23
N PRO E 104 -25.69 16.83 -6.95
CA PRO E 104 -24.88 15.62 -6.74
C PRO E 104 -23.47 15.68 -7.33
N HIS E 105 -23.13 16.69 -8.12
CA HIS E 105 -21.79 16.79 -8.69
C HIS E 105 -20.98 17.79 -7.87
N TRP E 106 -20.21 17.26 -6.93
CA TRP E 106 -19.37 18.05 -6.03
C TRP E 106 -18.16 18.61 -6.74
N HIS E 107 -17.85 19.88 -6.46
CA HIS E 107 -16.59 20.40 -6.94
C HIS E 107 -15.49 19.49 -6.39
N PRO E 108 -14.49 19.12 -7.20
CA PRO E 108 -13.46 18.18 -6.71
C PRO E 108 -12.74 18.62 -5.45
N VAL E 109 -12.48 19.91 -5.29
CA VAL E 109 -11.83 20.41 -4.07
C VAL E 109 -12.71 20.15 -2.87
N LEU E 110 -14.03 20.31 -3.03
CA LEU E 110 -14.94 20.09 -1.91
C LEU E 110 -14.97 18.61 -1.55
N ARG E 111 -14.89 17.73 -2.56
CA ARG E 111 -14.85 16.29 -2.30
C ARG E 111 -13.58 15.93 -1.54
N THR E 112 -12.44 16.48 -1.97
CA THR E 112 -11.18 16.24 -1.29
C THR E 112 -11.22 16.71 0.16
N LEU E 113 -11.76 17.91 0.40
CA LEU E 113 -11.81 18.42 1.77
C LEU E 113 -12.77 17.59 2.63
N LYS E 114 -13.89 17.16 2.04
CA LYS E 114 -14.79 16.25 2.73
C LYS E 114 -14.04 14.99 3.17
N ASN E 115 -13.28 14.41 2.24
CA ASN E 115 -12.58 13.17 2.55
C ASN E 115 -11.53 13.41 3.64
N ARG E 116 -10.84 14.55 3.58
CA ARG E 116 -9.84 14.87 4.60
C ARG E 116 -10.48 15.01 5.97
N ILE E 117 -11.63 15.68 6.02
CA ILE E 117 -12.31 15.87 7.30
C ILE E 117 -12.74 14.51 7.83
N GLU E 118 -13.24 13.64 6.95
CA GLU E 118 -13.69 12.33 7.40
C GLU E 118 -12.53 11.49 7.90
N GLU E 119 -11.39 11.48 7.19
CA GLU E 119 -10.27 10.64 7.59
C GLU E 119 -9.67 11.10 8.91
N ASN E 120 -9.66 12.42 9.13
CA ASN E 120 -9.08 13.01 10.31
C ASN E 120 -10.05 13.15 11.48
N THR E 121 -11.27 12.61 11.37
CA THR E 121 -12.24 12.71 12.45
C THR E 121 -13.02 11.44 12.71
N GLY E 122 -13.15 10.52 11.77
CA GLY E 122 -13.96 9.36 12.03
C GLY E 122 -15.43 9.57 11.74
N HIS E 123 -15.81 10.73 11.21
CA HIS E 123 -17.20 11.05 10.93
C HIS E 123 -17.43 11.09 9.43
N THR E 124 -18.63 10.66 9.00
CA THR E 124 -18.93 10.66 7.57
C THR E 124 -19.94 11.76 7.26
N PHE E 125 -19.96 12.19 6.00
CA PHE E 125 -20.84 13.28 5.58
C PHE E 125 -21.38 12.98 4.18
N ASN E 126 -22.57 13.52 3.87
CA ASN E 126 -23.09 13.37 2.51
C ASN E 126 -23.66 14.66 1.94
N SER E 127 -23.51 15.77 2.67
CA SER E 127 -24.11 17.05 2.31
C SER E 127 -23.20 18.21 2.65
N LEU E 128 -23.13 19.24 1.80
CA LEU E 128 -22.28 20.39 2.09
C LEU E 128 -23.04 21.68 1.81
N LEU E 129 -23.15 22.53 2.83
CA LEU E 129 -23.73 23.86 2.69
C LEU E 129 -22.61 24.89 2.69
N CYS E 130 -22.58 25.74 1.66
CA CYS E 130 -21.54 26.74 1.50
C CYS E 130 -22.14 28.12 1.67
N ASN E 131 -21.52 28.90 2.55
CA ASN E 131 -21.89 30.28 2.86
C ASN E 131 -20.74 31.19 2.46
N LEU E 132 -21.05 32.27 1.77
CA LEU E 132 -20.04 33.27 1.45
C LEU E 132 -20.60 34.53 2.06
N TYR E 133 -19.86 35.07 3.03
CA TYR E 133 -20.15 36.35 3.67
C TYR E 133 -19.31 37.39 2.96
N ARG E 134 -19.96 38.17 2.10
CA ARG E 134 -19.27 39.05 1.17
C ARG E 134 -18.49 40.13 1.90
N ASN E 135 -19.04 40.64 3.00
CA ASN E 135 -18.40 41.68 3.78
C ASN E 135 -19.04 41.72 5.16
N GLU E 136 -18.70 42.78 5.92
CA GLU E 136 -19.17 42.92 7.29
C GLU E 136 -20.68 43.01 7.40
N LYS E 137 -21.39 43.28 6.31
CA LYS E 137 -22.83 43.39 6.38
C LYS E 137 -23.53 42.05 6.19
N ASP E 138 -22.77 41.02 5.81
CA ASP E 138 -23.36 39.69 5.66
C ASP E 138 -23.29 38.95 6.98
N SER E 139 -24.20 37.99 7.16
CA SER E 139 -24.40 37.34 8.45
C SER E 139 -25.32 36.14 8.28
N VAL E 140 -25.44 35.38 9.37
CA VAL E 140 -26.51 34.41 9.54
C VAL E 140 -27.02 34.58 10.95
N ASP E 141 -28.33 34.64 11.11
CA ASP E 141 -28.95 34.93 12.40
C ASP E 141 -29.01 33.67 13.27
N TRP E 142 -29.41 33.90 14.53
CA TRP E 142 -29.45 32.84 15.53
C TRP E 142 -30.29 31.65 15.08
N HIS E 143 -29.72 30.46 15.16
CA HIS E 143 -30.45 29.23 14.86
C HIS E 143 -29.68 28.06 15.44
N SER E 144 -30.32 26.90 15.46
CA SER E 144 -29.62 25.66 15.71
C SER E 144 -29.79 24.81 14.46
N ASP E 145 -28.83 23.93 14.16
CA ASP E 145 -29.03 23.10 12.97
C ASP E 145 -29.68 21.76 13.36
N ASP E 146 -30.96 21.83 13.74
CA ASP E 146 -31.63 20.62 14.22
C ASP E 146 -32.86 20.19 13.43
N CYS E 147 -32.86 20.25 12.09
CA CYS E 147 -34.06 19.81 11.39
C CYS E 147 -34.22 18.31 11.61
N PRO E 148 -35.40 17.76 11.32
CA PRO E 148 -35.50 16.30 11.35
C PRO E 148 -34.63 15.64 10.30
N SER E 149 -34.31 16.31 9.18
CA SER E 149 -33.49 15.63 8.20
C SER E 149 -32.01 15.53 8.58
N LEU E 150 -31.54 16.24 9.62
CA LEU E 150 -30.22 15.99 10.18
C LEU E 150 -30.18 14.83 11.17
N GLY E 151 -31.32 14.38 11.60
CA GLY E 151 -31.45 13.35 12.61
C GLY E 151 -31.17 13.96 13.98
N ARG E 152 -31.32 13.14 15.01
CA ARG E 152 -30.91 13.53 16.35
C ARG E 152 -29.40 13.51 16.54
N SER E 153 -28.90 14.45 17.34
CA SER E 153 -27.50 14.69 17.63
C SER E 153 -26.69 14.64 16.34
N PRO E 154 -26.90 15.56 15.40
CA PRO E 154 -26.13 15.49 14.16
C PRO E 154 -24.67 15.88 14.41
N ILE E 155 -23.81 15.38 13.53
CA ILE E 155 -22.41 15.76 13.47
C ILE E 155 -22.21 16.75 12.34
N ILE E 156 -21.68 17.93 12.65
CA ILE E 156 -21.52 18.99 11.67
C ILE E 156 -20.06 19.44 11.67
N ALA E 157 -19.47 19.55 10.47
CA ALA E 157 -18.10 20.02 10.34
C ALA E 157 -18.07 21.36 9.63
N SER E 158 -17.24 22.28 10.10
CA SER E 158 -17.20 23.64 9.60
C SER E 158 -15.76 23.98 9.23
N LEU E 159 -15.54 24.36 7.97
CA LEU E 159 -14.21 24.72 7.52
C LEU E 159 -14.31 26.14 7.00
N SER E 160 -13.42 27.01 7.47
CA SER E 160 -13.56 28.42 7.13
C SER E 160 -12.34 28.91 6.34
N PHE E 161 -12.59 29.89 5.45
CA PHE E 161 -11.57 30.48 4.62
C PHE E 161 -11.83 31.97 4.54
N GLY E 162 -10.75 32.75 4.44
CA GLY E 162 -10.86 34.19 4.26
C GLY E 162 -10.77 34.95 5.57
N ALA E 163 -11.45 36.09 5.64
CA ALA E 163 -11.37 36.96 6.81
C ALA E 163 -11.97 36.25 8.03
N THR E 164 -11.40 36.56 9.19
CA THR E 164 -11.98 36.04 10.42
C THR E 164 -13.34 36.68 10.69
N ARG E 165 -14.30 35.84 11.05
CA ARG E 165 -15.61 36.24 11.55
C ARG E 165 -15.89 35.44 12.80
N THR E 166 -16.86 35.89 13.58
CA THR E 166 -17.14 35.27 14.86
C THR E 166 -18.34 34.34 14.75
N PHE E 167 -18.18 33.12 15.24
CA PHE E 167 -19.24 32.15 15.39
C PHE E 167 -19.71 32.29 16.84
N GLU E 168 -20.88 32.89 17.05
CA GLU E 168 -21.36 33.08 18.40
C GLU E 168 -22.33 31.96 18.71
N MET E 169 -22.31 31.53 19.96
CA MET E 169 -23.20 30.50 20.46
C MET E 169 -23.86 30.99 21.73
N ARG E 170 -25.13 30.64 21.87
CA ARG E 170 -25.91 30.93 23.04
C ARG E 170 -26.64 29.64 23.41
N LYS E 171 -26.69 29.37 24.69
CA LYS E 171 -27.30 28.15 25.19
C LYS E 171 -28.81 28.33 25.21
N LYS E 172 -29.53 27.27 24.85
CA LYS E 172 -30.97 27.44 24.90
C LYS E 172 -31.38 27.62 26.36
N PRO E 173 -32.42 28.40 26.59
CA PRO E 173 -32.96 28.59 27.93
C PRO E 173 -33.71 27.39 28.45
N PRO E 174 -33.81 27.29 29.78
CA PRO E 174 -34.55 26.20 30.38
C PRO E 174 -36.01 26.58 30.42
N PRO E 175 -36.91 25.59 30.44
CA PRO E 175 -38.31 25.85 30.05
C PRO E 175 -39.00 26.95 30.83
N GLU E 176 -38.51 27.30 32.02
CA GLU E 176 -39.22 28.29 32.82
C GLU E 176 -39.07 29.70 32.26
N GLU E 177 -37.89 30.03 31.72
CA GLU E 177 -37.60 31.39 31.28
C GLU E 177 -38.21 31.73 29.93
N ASN E 178 -38.82 30.76 29.24
CA ASN E 178 -39.67 31.02 28.07
C ASN E 178 -38.89 31.69 26.93
N GLY E 179 -37.82 31.03 26.50
CA GLY E 179 -37.08 31.54 25.37
C GLY E 179 -36.39 32.85 25.59
N ASP E 180 -36.18 33.24 26.84
CA ASP E 180 -35.45 34.47 27.16
C ASP E 180 -33.97 34.16 27.15
N TYR E 181 -33.31 34.42 26.03
CA TYR E 181 -31.89 34.16 25.87
C TYR E 181 -31.02 35.21 26.54
N THR E 182 -31.62 36.18 27.26
CA THR E 182 -30.86 37.30 27.79
C THR E 182 -29.80 36.85 28.81
N TYR E 183 -30.11 35.82 29.59
CA TYR E 183 -29.27 35.44 30.73
C TYR E 183 -28.61 34.08 30.58
N VAL E 184 -28.75 33.44 29.43
CA VAL E 184 -28.18 32.11 29.21
C VAL E 184 -26.69 32.23 28.94
N GLU E 185 -26.02 31.09 28.80
CA GLU E 185 -24.57 31.11 28.66
C GLU E 185 -24.25 31.57 27.24
N ARG E 186 -23.07 32.13 27.07
CA ARG E 186 -22.57 32.56 25.77
C ARG E 186 -21.13 32.15 25.55
N VAL E 187 -20.86 31.73 24.31
CA VAL E 187 -19.55 31.29 23.87
C VAL E 187 -19.28 32.01 22.56
N LYS E 188 -18.08 32.56 22.43
CA LYS E 188 -17.67 33.20 21.20
C LYS E 188 -16.48 32.44 20.64
N ILE E 189 -16.54 32.11 19.35
CA ILE E 189 -15.48 31.36 18.70
C ILE E 189 -15.04 32.10 17.44
N PRO E 190 -13.91 32.79 17.45
CA PRO E 190 -13.39 33.35 16.19
C PRO E 190 -12.96 32.22 15.27
N LEU E 191 -13.39 32.30 14.01
CA LEU E 191 -13.10 31.28 12.99
C LEU E 191 -12.17 31.88 11.93
N ASP E 192 -10.90 31.49 11.96
CA ASP E 192 -9.93 32.05 11.04
C ASP E 192 -9.68 31.14 9.84
N HIS E 193 -8.83 31.67 8.95
CA HIS E 193 -8.57 31.11 7.63
C HIS E 193 -8.03 29.69 7.77
N GLY E 194 -8.75 28.71 7.23
CA GLY E 194 -8.27 27.34 7.31
C GLY E 194 -8.66 26.59 8.57
N THR E 195 -9.50 27.17 9.42
CA THR E 195 -9.86 26.53 10.68
C THR E 195 -11.02 25.54 10.50
N LEU E 196 -10.85 24.36 11.09
CA LEU E 196 -11.90 23.35 11.15
C LEU E 196 -12.54 23.35 12.54
N LEU E 197 -13.86 23.37 12.56
CA LEU E 197 -14.67 23.30 13.77
C LEU E 197 -15.55 22.07 13.64
N ILE E 198 -15.64 21.26 14.68
CA ILE E 198 -16.60 20.18 14.68
C ILE E 198 -17.60 20.44 15.80
N MET E 199 -18.87 20.30 15.51
CA MET E 199 -19.90 20.32 16.52
C MET E 199 -20.50 18.93 16.51
N GLU E 200 -20.64 18.32 17.69
CA GLU E 200 -21.29 17.04 17.80
C GLU E 200 -22.02 16.96 19.14
N GLY E 201 -22.69 15.82 19.35
CA GLY E 201 -23.38 15.62 20.60
C GLY E 201 -24.59 16.52 20.64
N ALA E 202 -24.88 17.06 21.83
CA ALA E 202 -26.10 17.82 22.07
C ALA E 202 -26.01 19.27 21.59
N THR E 203 -24.98 19.64 20.84
CA THR E 203 -24.75 21.05 20.52
C THR E 203 -25.96 21.69 19.83
N GLN E 204 -26.56 21.00 18.87
CA GLN E 204 -27.72 21.57 18.17
C GLN E 204 -28.98 21.48 19.03
N ALA E 205 -29.05 20.51 19.94
CA ALA E 205 -30.23 20.42 20.79
C ALA E 205 -30.20 21.51 21.86
N ASP E 206 -29.01 21.84 22.36
CA ASP E 206 -28.89 22.69 23.55
C ASP E 206 -28.38 24.09 23.25
N TRP E 207 -27.87 24.34 22.04
CA TRP E 207 -27.31 25.65 21.69
C TRP E 207 -27.88 26.14 20.37
N GLN E 208 -27.84 27.47 20.21
CA GLN E 208 -28.00 28.12 18.93
C GLN E 208 -26.70 28.85 18.60
N HIS E 209 -26.55 29.17 17.32
CA HIS E 209 -25.37 29.88 16.86
C HIS E 209 -25.73 30.85 15.75
N ARG E 210 -24.80 31.76 15.49
CA ARG E 210 -24.95 32.77 14.46
C ARG E 210 -23.56 33.26 14.08
N VAL E 211 -23.52 34.03 13.00
CA VAL E 211 -22.31 34.76 12.64
C VAL E 211 -22.81 36.20 12.55
N PRO E 212 -22.46 37.06 13.49
CA PRO E 212 -23.05 38.40 13.50
C PRO E 212 -22.44 39.32 12.46
N LYS E 213 -23.20 40.35 12.13
CA LYS E 213 -22.64 41.48 11.40
C LYS E 213 -21.53 42.09 12.24
N GLU E 214 -20.57 42.72 11.56
CA GLU E 214 -19.48 43.43 12.20
C GLU E 214 -19.57 44.89 11.82
N TYR E 215 -18.85 45.76 12.56
CA TYR E 215 -19.00 47.20 12.35
C TYR E 215 -17.77 47.79 11.70
N HIS E 216 -16.64 47.07 11.74
CA HIS E 216 -15.46 47.39 10.98
C HIS E 216 -15.45 46.57 9.69
N SER E 217 -14.68 47.04 8.71
CA SER E 217 -14.59 46.39 7.41
C SER E 217 -14.20 44.92 7.51
N ARG E 218 -14.85 44.09 6.70
CA ARG E 218 -14.41 42.71 6.51
C ARG E 218 -14.29 42.34 5.03
N GLU E 219 -13.20 41.65 4.68
CA GLU E 219 -13.05 40.99 3.39
C GLU E 219 -13.96 39.75 3.35
N PRO E 220 -14.12 39.12 2.18
CA PRO E 220 -15.02 37.96 2.12
C PRO E 220 -14.57 36.76 2.93
N ARG E 221 -15.55 35.99 3.40
CA ARG E 221 -15.31 34.73 4.11
C ARG E 221 -16.14 33.63 3.45
N VAL E 222 -15.55 32.47 3.21
CA VAL E 222 -16.28 31.30 2.77
C VAL E 222 -16.30 30.29 3.92
N ASN E 223 -17.48 29.79 4.26
CA ASN E 223 -17.58 28.72 5.24
C ASN E 223 -18.24 27.51 4.59
N LEU E 224 -17.68 26.34 4.87
CA LEU E 224 -18.18 25.05 4.42
C LEU E 224 -18.65 24.25 5.61
N THR E 225 -19.93 23.90 5.64
CA THR E 225 -20.48 23.10 6.74
C THR E 225 -20.96 21.78 6.13
N PHE E 226 -20.32 20.70 6.54
CA PHE E 226 -20.60 19.38 6.02
C PHE E 226 -21.54 18.76 7.03
N ARG E 227 -22.56 18.09 6.50
CA ARG E 227 -23.65 17.50 7.26
C ARG E 227 -24.01 16.14 6.71
N THR E 228 -24.84 15.42 7.47
CA THR E 228 -25.51 14.23 6.98
C THR E 228 -27.01 14.52 6.98
N VAL E 229 -27.59 14.47 5.78
CA VAL E 229 -29.02 14.65 5.54
C VAL E 229 -29.71 13.30 5.33
N TYR E 230 -30.85 13.08 6.04
CA TYR E 230 -31.53 11.81 5.87
C TYR E 230 -32.84 12.02 5.10
N PRO E 231 -33.21 11.06 4.23
CA PRO E 231 -34.57 10.99 3.65
C PRO E 231 -35.76 11.42 4.48
N VAL G 23 -53.92 -21.20 0.58
CA VAL G 23 -52.69 -21.58 1.29
C VAL G 23 -51.44 -21.26 0.51
N ILE G 24 -50.50 -20.55 1.13
CA ILE G 24 -49.28 -20.14 0.46
C ILE G 24 -48.15 -20.70 1.32
N ASP G 25 -47.32 -21.60 0.76
CA ASP G 25 -46.19 -22.02 1.56
C ASP G 25 -44.81 -22.13 0.88
N ARG G 26 -44.63 -21.64 -0.34
CA ARG G 26 -43.38 -21.72 -1.10
C ARG G 26 -42.77 -20.34 -1.26
N GLU G 27 -41.44 -20.26 -1.30
CA GLU G 27 -40.77 -18.99 -1.59
C GLU G 27 -41.32 -18.36 -2.86
N GLY G 28 -41.56 -17.06 -2.78
CA GLY G 28 -42.11 -16.31 -3.91
C GLY G 28 -42.71 -15.02 -3.45
N VAL G 29 -43.08 -14.20 -4.44
CA VAL G 29 -43.79 -12.94 -4.23
C VAL G 29 -45.22 -13.14 -4.71
N TYR G 30 -46.19 -12.88 -3.83
CA TYR G 30 -47.63 -13.13 -4.07
C TYR G 30 -48.47 -11.88 -3.93
N GLU G 31 -49.19 -11.51 -4.99
CA GLU G 31 -50.15 -10.41 -4.96
C GLU G 31 -51.55 -10.92 -4.62
N ILE G 32 -51.93 -10.76 -3.37
CA ILE G 32 -53.19 -11.31 -2.86
C ILE G 32 -54.45 -10.43 -3.06
N SER G 33 -54.31 -9.14 -3.33
CA SER G 33 -55.46 -8.31 -3.67
C SER G 33 -54.97 -7.03 -4.32
N LEU G 34 -55.86 -6.34 -5.04
CA LEU G 34 -55.45 -5.12 -5.68
C LEU G 34 -56.26 -3.87 -5.33
N SER G 35 -57.34 -4.00 -4.55
CA SER G 35 -58.21 -2.87 -4.20
C SER G 35 -58.99 -3.25 -2.94
N PRO G 36 -59.62 -2.28 -2.24
CA PRO G 36 -59.72 -0.85 -2.58
C PRO G 36 -58.55 0.10 -2.38
N THR G 37 -57.55 -0.19 -1.55
CA THR G 37 -56.55 0.84 -1.32
C THR G 37 -55.48 0.73 -2.39
N GLY G 38 -55.24 -0.50 -2.84
CA GLY G 38 -54.21 -0.79 -3.82
C GLY G 38 -53.75 -2.23 -3.69
N VAL G 39 -52.60 -2.52 -4.31
CA VAL G 39 -52.09 -3.88 -4.29
C VAL G 39 -51.62 -4.24 -2.89
N SER G 40 -52.07 -5.41 -2.39
CA SER G 40 -51.55 -6.01 -1.17
C SER G 40 -50.59 -7.13 -1.55
N ARG G 41 -49.34 -7.02 -1.13
CA ARG G 41 -48.32 -7.98 -1.53
C ARG G 41 -47.64 -8.56 -0.29
N VAL G 42 -47.47 -9.89 -0.25
CA VAL G 42 -46.69 -10.57 0.77
C VAL G 42 -45.62 -11.42 0.12
N CYS G 43 -44.45 -11.48 0.76
CA CYS G 43 -43.28 -12.19 0.25
C CYS G 43 -42.79 -13.20 1.28
N LEU G 44 -42.55 -14.43 0.84
CA LEU G 44 -42.18 -15.50 1.76
C LEU G 44 -40.80 -16.00 1.39
N TYR G 45 -39.92 -16.12 2.39
CA TYR G 45 -38.56 -16.60 2.23
C TYR G 45 -38.28 -17.62 3.33
N PRO G 46 -38.69 -18.88 3.13
CA PRO G 46 -38.32 -19.93 4.09
C PRO G 46 -36.82 -20.11 4.13
N GLY G 47 -36.30 -20.42 5.32
CA GLY G 47 -34.89 -20.73 5.47
C GLY G 47 -33.98 -19.55 5.32
N PHE G 48 -34.52 -18.34 5.44
CA PHE G 48 -33.77 -17.10 5.41
C PHE G 48 -32.65 -17.09 6.45
N VAL G 49 -32.93 -17.64 7.63
CA VAL G 49 -31.97 -17.94 8.69
C VAL G 49 -31.72 -19.44 8.69
N ASP G 50 -30.44 -19.82 8.72
CA ASP G 50 -30.10 -21.23 8.66
C ASP G 50 -30.58 -21.95 9.92
N VAL G 51 -30.71 -23.28 9.81
CA VAL G 51 -31.42 -24.06 10.82
C VAL G 51 -30.76 -23.98 12.18
N LYS G 52 -29.43 -24.15 12.23
CA LYS G 52 -28.75 -24.18 13.53
C LYS G 52 -28.73 -22.80 14.16
N GLU G 53 -28.54 -21.77 13.34
CA GLU G 53 -28.60 -20.42 13.85
C GLU G 53 -30.00 -20.10 14.33
N ALA G 54 -31.03 -20.58 13.63
CA ALA G 54 -32.38 -20.31 14.09
C ALA G 54 -32.62 -20.99 15.44
N ASP G 55 -32.08 -22.20 15.62
CA ASP G 55 -32.17 -22.89 16.92
C ASP G 55 -31.55 -22.05 18.02
N TRP G 56 -30.37 -21.51 17.74
CA TRP G 56 -29.63 -20.76 18.73
C TRP G 56 -30.31 -19.44 19.01
N ILE G 57 -30.86 -18.81 17.98
CA ILE G 57 -31.56 -17.56 18.17
C ILE G 57 -32.78 -17.80 19.04
N LEU G 58 -33.53 -18.87 18.77
CA LEU G 58 -34.71 -19.16 19.59
C LEU G 58 -34.34 -19.27 21.05
N GLU G 59 -33.30 -20.05 21.37
CA GLU G 59 -32.95 -20.17 22.80
C GLU G 59 -32.48 -18.84 23.39
N GLN G 60 -31.60 -18.13 22.68
CA GLN G 60 -31.08 -16.90 23.28
C GLN G 60 -32.19 -15.86 23.43
N LEU G 61 -33.12 -15.74 22.47
CA LEU G 61 -34.13 -14.71 22.61
C LEU G 61 -35.14 -15.12 23.69
N SER G 62 -35.37 -16.43 23.86
CA SER G 62 -36.25 -16.89 24.93
C SER G 62 -35.68 -16.53 26.29
N GLN G 63 -34.37 -16.62 26.45
CA GLN G 63 -33.83 -16.32 27.76
C GLN G 63 -33.53 -14.83 27.98
N ASP G 64 -33.19 -14.07 26.92
CA ASP G 64 -32.62 -12.73 27.05
C ASP G 64 -33.64 -11.63 26.82
N VAL G 65 -34.68 -11.89 26.04
CA VAL G 65 -35.69 -10.84 25.79
C VAL G 65 -36.45 -10.57 27.08
N PRO G 66 -36.72 -9.31 27.44
CA PRO G 66 -37.45 -9.09 28.70
C PRO G 66 -38.94 -9.30 28.51
N TRP G 67 -39.31 -10.58 28.35
CA TRP G 67 -40.70 -10.95 28.08
C TRP G 67 -41.62 -10.60 29.24
N LYS G 68 -42.78 -10.03 28.90
CA LYS G 68 -43.81 -9.81 29.89
C LYS G 68 -45.16 -10.14 29.25
N GLN G 69 -46.08 -10.62 30.07
CA GLN G 69 -47.48 -10.81 29.69
C GLN G 69 -48.29 -9.57 30.00
N ARG G 70 -48.74 -8.82 29.00
CA ARG G 70 -49.31 -7.54 29.36
C ARG G 70 -50.84 -7.58 29.26
N THR G 71 -51.49 -6.56 29.79
CA THR G 71 -52.96 -6.57 29.84
C THR G 71 -53.58 -5.70 28.74
N GLY G 72 -54.64 -6.15 28.12
CA GLY G 72 -55.34 -5.24 27.20
C GLY G 72 -56.63 -4.76 27.83
N ILE G 73 -57.35 -3.87 27.19
CA ILE G 73 -58.71 -3.49 27.67
C ILE G 73 -59.63 -3.50 26.47
N ARG G 74 -60.77 -4.19 26.52
CA ARG G 74 -61.59 -4.19 25.30
C ARG G 74 -62.90 -3.49 25.59
N GLU G 75 -63.57 -3.85 26.67
CA GLU G 75 -64.79 -3.08 26.99
C GLU G 75 -64.39 -2.17 28.14
N ASP G 76 -64.86 -2.48 29.33
CA ASP G 76 -64.40 -1.72 30.52
C ASP G 76 -63.52 -2.67 31.35
N ILE G 77 -63.16 -3.83 30.79
CA ILE G 77 -62.40 -4.81 31.60
C ILE G 77 -61.02 -5.01 31.01
N THR G 78 -60.12 -5.37 31.90
CA THR G 78 -58.69 -5.59 31.65
C THR G 78 -58.42 -7.08 31.78
N TYR G 79 -57.75 -7.59 30.78
CA TYR G 79 -57.38 -8.98 30.61
C TYR G 79 -55.91 -9.15 30.27
N GLN G 80 -55.44 -10.35 30.57
CA GLN G 80 -54.09 -10.76 30.24
C GLN G 80 -53.98 -11.33 28.82
N GLN G 81 -53.06 -10.78 28.04
CA GLN G 81 -52.89 -11.26 26.66
C GLN G 81 -52.38 -12.70 26.66
N PRO G 82 -52.90 -13.55 25.80
CA PRO G 82 -52.42 -14.93 25.72
C PRO G 82 -51.14 -15.04 24.91
N ARG G 83 -50.14 -14.26 25.29
CA ARG G 83 -48.81 -14.27 24.70
C ARG G 83 -47.90 -13.38 25.52
N LEU G 84 -46.61 -13.64 25.44
CA LEU G 84 -45.62 -12.77 26.07
C LEU G 84 -45.13 -11.79 25.02
N THR G 85 -44.75 -10.60 25.45
CA THR G 85 -44.37 -9.57 24.49
C THR G 85 -43.20 -8.74 25.00
N ALA G 86 -42.55 -8.08 24.05
CA ALA G 86 -41.52 -7.11 24.35
C ALA G 86 -41.40 -6.15 23.15
N TRP G 87 -40.92 -4.95 23.41
CA TRP G 87 -40.83 -3.93 22.37
C TRP G 87 -39.43 -3.34 22.36
N TYR G 88 -38.97 -2.99 21.15
CA TYR G 88 -37.71 -2.29 20.97
C TYR G 88 -37.92 -1.12 20.02
N GLY G 89 -37.15 -0.05 20.24
CA GLY G 89 -37.24 1.15 19.44
C GLY G 89 -37.43 2.40 20.28
N GLU G 90 -37.08 3.56 19.71
CA GLU G 90 -37.06 4.86 20.43
C GLU G 90 -38.47 5.37 20.71
N LEU G 91 -39.40 5.01 19.84
CA LEU G 91 -40.79 5.47 20.01
C LEU G 91 -41.62 4.29 20.46
N PRO G 92 -42.78 4.55 21.11
CA PRO G 92 -43.60 3.49 21.66
C PRO G 92 -44.68 2.82 20.79
N TYR G 93 -45.22 1.70 21.30
CA TYR G 93 -46.31 0.96 20.61
C TYR G 93 -47.49 0.89 21.57
N THR G 94 -48.58 1.59 21.26
CA THR G 94 -49.78 1.58 22.13
C THR G 94 -50.87 0.80 21.41
N TYR G 95 -51.28 -0.34 21.96
CA TYR G 95 -52.38 -1.14 21.37
C TYR G 95 -53.19 -1.77 22.51
N SER G 96 -54.49 -1.90 22.33
CA SER G 96 -55.38 -2.40 23.42
C SER G 96 -55.16 -1.59 24.68
N ARG G 97 -54.97 -0.27 24.52
CA ARG G 97 -54.66 0.61 25.66
C ARG G 97 -53.40 0.10 26.36
N ILE G 98 -52.63 -0.74 25.68
CA ILE G 98 -51.32 -1.16 26.23
C ILE G 98 -50.32 -0.21 25.59
N THR G 99 -49.48 0.44 26.38
CA THR G 99 -48.40 1.26 25.81
C THR G 99 -47.12 0.54 26.19
N MET G 100 -46.36 0.10 25.20
CA MET G 100 -45.08 -0.60 25.47
C MET G 100 -43.98 0.45 25.50
N GLU G 101 -43.46 0.71 26.68
CA GLU G 101 -42.41 1.73 26.84
C GLU G 101 -41.28 1.37 25.88
N PRO G 102 -40.71 2.36 25.21
CA PRO G 102 -39.69 2.08 24.19
C PRO G 102 -38.35 1.68 24.79
N ASN G 103 -37.74 0.63 24.24
CA ASN G 103 -36.44 0.22 24.73
C ASN G 103 -35.43 0.76 23.74
N PRO G 104 -34.49 1.62 24.12
CA PRO G 104 -33.50 2.07 23.13
C PRO G 104 -32.46 1.00 22.86
N HIS G 105 -32.13 0.26 23.91
CA HIS G 105 -31.05 -0.72 23.92
C HIS G 105 -31.52 -1.99 23.23
N TRP G 106 -31.30 -2.08 21.93
CA TRP G 106 -31.59 -3.32 21.22
C TRP G 106 -30.63 -4.45 21.58
N HIS G 107 -31.19 -5.63 21.79
CA HIS G 107 -30.34 -6.81 21.95
C HIS G 107 -29.46 -6.92 20.71
N PRO G 108 -28.17 -7.21 20.86
CA PRO G 108 -27.28 -7.25 19.67
C PRO G 108 -27.73 -8.22 18.59
N VAL G 109 -28.26 -9.38 18.96
CA VAL G 109 -28.75 -10.34 17.97
C VAL G 109 -29.91 -9.75 17.18
N LEU G 110 -30.79 -9.01 17.87
CA LEU G 110 -31.93 -8.42 17.18
C LEU G 110 -31.46 -7.32 16.23
N ARG G 111 -30.44 -6.57 16.63
CA ARG G 111 -29.89 -5.54 15.76
C ARG G 111 -29.29 -6.18 14.51
N THR G 112 -28.55 -7.28 14.68
CA THR G 112 -27.99 -7.99 13.54
C THR G 112 -29.08 -8.49 12.60
N LEU G 113 -30.15 -9.08 13.15
CA LEU G 113 -31.21 -9.60 12.28
C LEU G 113 -31.94 -8.45 11.57
N LYS G 114 -32.15 -7.34 12.27
CA LYS G 114 -32.71 -6.15 11.64
C LYS G 114 -31.85 -5.72 10.47
N ASN G 115 -30.53 -5.66 10.69
CA ASN G 115 -29.63 -5.20 9.65
C ASN G 115 -29.62 -6.16 8.47
N ARG G 116 -29.67 -7.48 8.71
CA ARG G 116 -29.69 -8.41 7.59
C ARG G 116 -30.95 -8.25 6.75
N ILE G 117 -32.09 -8.08 7.43
CA ILE G 117 -33.33 -7.93 6.69
C ILE G 117 -33.23 -6.67 5.83
N GLU G 118 -32.65 -5.61 6.41
CA GLU G 118 -32.52 -4.37 5.67
C GLU G 118 -31.58 -4.53 4.48
N GLU G 119 -30.42 -5.19 4.70
CA GLU G 119 -29.44 -5.27 3.61
C GLU G 119 -29.93 -6.11 2.43
N ASN G 120 -30.71 -7.17 2.67
CA ASN G 120 -31.15 -8.00 1.55
C ASN G 120 -32.46 -7.52 0.92
N THR G 121 -33.40 -6.97 1.72
CA THR G 121 -34.68 -6.50 1.20
C THR G 121 -34.69 -5.06 0.71
N GLY G 122 -33.80 -4.19 1.19
CA GLY G 122 -33.90 -2.82 0.75
C GLY G 122 -34.83 -1.93 1.54
N HIS G 123 -35.43 -2.44 2.61
CA HIS G 123 -36.37 -1.70 3.44
C HIS G 123 -35.74 -1.42 4.79
N THR G 124 -36.08 -0.28 5.38
CA THR G 124 -35.49 0.09 6.65
C THR G 124 -36.53 -0.04 7.77
N PHE G 125 -36.03 -0.19 9.00
CA PHE G 125 -36.89 -0.38 10.15
C PHE G 125 -36.30 0.36 11.34
N ASN G 126 -37.17 0.77 12.27
CA ASN G 126 -36.72 1.41 13.49
C ASN G 126 -37.43 0.86 14.71
N SER G 127 -38.26 -0.17 14.54
CA SER G 127 -39.09 -0.69 15.62
C SER G 127 -39.21 -2.20 15.54
N LEU G 128 -39.15 -2.89 16.68
CA LEU G 128 -39.29 -4.34 16.65
C LEU G 128 -40.24 -4.78 17.76
N LEU G 129 -41.30 -5.50 17.40
CA LEU G 129 -42.17 -6.14 18.38
C LEU G 129 -41.82 -7.62 18.46
N CYS G 130 -41.71 -8.14 19.68
CA CYS G 130 -41.38 -9.54 19.90
C CYS G 130 -42.53 -10.22 20.62
N ASN G 131 -42.98 -11.33 20.04
CA ASN G 131 -44.06 -12.18 20.56
C ASN G 131 -43.53 -13.57 20.89
N LEU G 132 -43.91 -14.08 22.05
CA LEU G 132 -43.60 -15.44 22.44
C LEU G 132 -44.93 -16.12 22.67
N TYR G 133 -45.19 -17.13 21.84
CA TYR G 133 -46.35 -18.00 21.96
C TYR G 133 -45.84 -19.24 22.70
N ARG G 134 -46.17 -19.31 23.98
CA ARG G 134 -45.58 -20.31 24.86
C ARG G 134 -45.96 -21.72 24.46
N ASN G 135 -47.20 -21.90 24.02
CA ASN G 135 -47.70 -23.19 23.57
C ASN G 135 -48.95 -22.97 22.74
N GLU G 136 -49.65 -24.07 22.45
CA GLU G 136 -50.83 -24.06 21.60
C GLU G 136 -51.95 -23.19 22.15
N LYS G 137 -51.92 -22.82 23.43
CA LYS G 137 -52.99 -22.00 24.00
C LYS G 137 -52.75 -20.52 23.82
N ASP G 138 -51.57 -20.12 23.36
CA ASP G 138 -51.27 -18.72 23.13
C ASP G 138 -51.67 -18.33 21.70
N SER G 139 -51.92 -17.04 21.49
CA SER G 139 -52.51 -16.59 20.24
C SER G 139 -52.46 -15.07 20.17
N VAL G 140 -52.83 -14.56 18.99
CA VAL G 140 -53.18 -13.15 18.81
C VAL G 140 -54.45 -13.10 17.94
N ASP G 141 -55.40 -12.28 18.36
CA ASP G 141 -56.70 -12.23 17.69
C ASP G 141 -56.63 -11.39 16.42
N TRP G 142 -57.72 -11.45 15.65
CA TRP G 142 -57.82 -10.76 14.37
C TRP G 142 -57.55 -9.27 14.50
N HIS G 143 -56.64 -8.76 13.66
CA HIS G 143 -56.39 -7.33 13.63
C HIS G 143 -55.66 -7.02 12.33
N SER G 144 -55.55 -5.72 12.02
CA SER G 144 -54.67 -5.25 10.98
C SER G 144 -53.64 -4.34 11.62
N ASP G 145 -52.46 -4.24 11.01
CA ASP G 145 -51.44 -3.33 11.53
C ASP G 145 -51.56 -1.98 10.84
N ASP G 146 -52.63 -1.27 11.23
CA ASP G 146 -53.07 -0.01 10.63
C ASP G 146 -53.02 1.16 11.61
N CYS G 147 -51.97 1.27 12.42
CA CYS G 147 -51.85 2.40 13.33
C CYS G 147 -51.66 3.71 12.57
N PRO G 148 -51.86 4.85 13.23
CA PRO G 148 -51.42 6.08 12.57
C PRO G 148 -49.92 6.22 12.73
N SER G 149 -49.33 5.64 13.78
CA SER G 149 -47.89 5.81 13.90
C SER G 149 -47.09 4.89 12.96
N LEU G 150 -47.75 4.04 12.20
CA LEU G 150 -47.03 3.08 11.33
C LEU G 150 -47.22 3.45 9.86
N GLY G 151 -47.87 4.57 9.59
CA GLY G 151 -47.98 5.04 8.19
C GLY G 151 -49.19 4.45 7.48
N ARG G 152 -49.31 4.70 6.17
CA ARG G 152 -50.53 4.26 5.45
C ARG G 152 -50.31 2.92 4.76
N SER G 153 -49.31 2.83 3.89
CA SER G 153 -49.02 1.51 3.30
C SER G 153 -47.76 1.00 3.99
N PRO G 154 -47.89 0.42 5.19
CA PRO G 154 -46.72 0.01 5.97
C PRO G 154 -46.04 -1.29 5.53
N ILE G 155 -44.71 -1.30 5.54
CA ILE G 155 -43.96 -2.56 5.23
C ILE G 155 -43.53 -3.17 6.56
N ILE G 156 -43.93 -4.41 6.81
CA ILE G 156 -43.71 -5.08 8.07
C ILE G 156 -42.97 -6.39 7.78
N ALA G 157 -41.92 -6.67 8.54
CA ALA G 157 -41.17 -7.91 8.32
C ALA G 157 -41.34 -8.83 9.51
N SER G 158 -41.50 -10.12 9.22
CA SER G 158 -41.80 -11.13 10.23
C SER G 158 -40.78 -12.24 10.10
N LEU G 159 -40.09 -12.53 11.19
CA LEU G 159 -39.09 -13.57 11.22
C LEU G 159 -39.55 -14.52 12.31
N SER G 160 -39.58 -15.80 12.00
CA SER G 160 -40.16 -16.76 12.93
C SER G 160 -39.13 -17.77 13.40
N PHE G 161 -39.31 -18.22 14.65
CA PHE G 161 -38.42 -19.19 15.25
C PHE G 161 -39.25 -20.15 16.08
N GLY G 162 -38.82 -21.40 16.14
CA GLY G 162 -39.50 -22.36 16.97
C GLY G 162 -40.52 -23.17 16.23
N ALA G 163 -41.58 -23.57 16.93
CA ALA G 163 -42.60 -24.42 16.34
C ALA G 163 -43.30 -23.68 15.21
N THR G 164 -43.72 -24.42 14.19
CA THR G 164 -44.51 -23.82 13.14
C THR G 164 -45.86 -23.42 13.70
N ARG G 165 -46.29 -22.21 13.36
CA ARG G 165 -47.64 -21.79 13.67
C ARG G 165 -48.24 -21.17 12.41
N THR G 166 -49.56 -21.05 12.38
CA THR G 166 -50.21 -20.57 11.17
C THR G 166 -50.53 -19.09 11.31
N PHE G 167 -50.14 -18.33 10.31
CA PHE G 167 -50.49 -16.92 10.18
C PHE G 167 -51.72 -16.88 9.28
N GLU G 168 -52.89 -16.61 9.86
CA GLU G 168 -54.11 -16.60 9.08
C GLU G 168 -54.46 -15.16 8.70
N MET G 169 -55.00 -14.98 7.49
CA MET G 169 -55.43 -13.69 6.99
C MET G 169 -56.84 -13.76 6.42
N ARG G 170 -57.63 -12.71 6.64
CA ARG G 170 -58.96 -12.59 6.06
C ARG G 170 -59.13 -11.18 5.50
N LYS G 171 -59.71 -11.08 4.30
CA LYS G 171 -59.90 -9.77 3.66
C LYS G 171 -61.16 -9.08 4.18
N LYS G 172 -61.08 -7.78 4.46
CA LYS G 172 -62.30 -7.10 4.90
C LYS G 172 -63.31 -6.92 3.75
N PRO G 173 -64.60 -7.03 4.04
CA PRO G 173 -65.68 -6.68 3.08
C PRO G 173 -65.88 -5.17 2.98
N PRO G 174 -66.43 -4.67 1.87
CA PRO G 174 -66.72 -3.23 1.78
C PRO G 174 -68.09 -2.97 2.40
N PRO G 175 -68.41 -1.72 2.78
CA PRO G 175 -69.63 -1.55 3.59
C PRO G 175 -70.93 -1.66 2.80
N VAL G 184 -65.92 -14.91 1.93
CA VAL G 184 -64.99 -14.05 2.65
C VAL G 184 -63.59 -14.55 2.32
N GLU G 185 -62.78 -13.74 1.60
CA GLU G 185 -61.48 -14.21 1.13
C GLU G 185 -60.58 -14.53 2.34
N ARG G 186 -59.92 -15.69 2.29
CA ARG G 186 -58.96 -16.15 3.30
C ARG G 186 -57.67 -16.73 2.73
N VAL G 187 -56.56 -16.44 3.40
CA VAL G 187 -55.20 -16.89 3.05
C VAL G 187 -54.55 -17.46 4.31
N LYS G 188 -53.91 -18.63 4.17
CA LYS G 188 -53.19 -19.23 5.29
C LYS G 188 -51.71 -19.32 4.97
N ILE G 189 -50.87 -18.91 5.91
CA ILE G 189 -49.43 -18.97 5.66
C ILE G 189 -48.78 -19.69 6.84
N PRO G 190 -48.39 -20.95 6.71
CA PRO G 190 -47.62 -21.60 7.78
C PRO G 190 -46.26 -20.94 7.89
N LEU G 191 -45.89 -20.61 9.13
CA LEU G 191 -44.63 -19.94 9.46
C LEU G 191 -43.73 -20.88 10.27
N ASP G 192 -42.68 -21.40 9.59
CA ASP G 192 -41.75 -22.35 10.16
C ASP G 192 -40.47 -21.65 10.62
N HIS G 193 -39.60 -22.46 11.21
CA HIS G 193 -38.40 -22.04 11.90
C HIS G 193 -37.48 -21.27 10.94
N GLY G 194 -37.21 -20.00 11.23
CA GLY G 194 -36.31 -19.26 10.36
C GLY G 194 -36.91 -18.60 9.13
N THR G 195 -38.23 -18.60 8.97
CA THR G 195 -38.86 -18.04 7.78
C THR G 195 -39.08 -16.52 7.87
N LEU G 196 -38.72 -15.82 6.79
CA LEU G 196 -38.99 -14.39 6.69
C LEU G 196 -40.23 -14.15 5.83
N LEU G 197 -41.13 -13.33 6.35
CA LEU G 197 -42.35 -12.91 5.68
C LEU G 197 -42.32 -11.39 5.59
N ILE G 198 -42.63 -10.84 4.43
CA ILE G 198 -42.79 -9.40 4.32
C ILE G 198 -44.23 -9.13 3.94
N MET G 199 -44.85 -8.16 4.61
CA MET G 199 -46.15 -7.67 4.19
C MET G 199 -45.92 -6.23 3.76
N GLU G 200 -46.46 -5.90 2.58
CA GLU G 200 -46.38 -4.54 2.11
C GLU G 200 -47.64 -4.18 1.27
N GLY G 201 -47.65 -2.92 0.81
CA GLY G 201 -48.72 -2.45 -0.01
C GLY G 201 -49.95 -2.28 0.87
N ALA G 202 -51.09 -2.57 0.28
CA ALA G 202 -52.36 -2.30 0.92
C ALA G 202 -52.74 -3.36 1.95
N THR G 203 -51.82 -4.26 2.32
CA THR G 203 -52.16 -5.42 3.16
C THR G 203 -52.82 -5.01 4.47
N GLN G 204 -52.30 -3.98 5.14
CA GLN G 204 -52.92 -3.59 6.41
C GLN G 204 -54.23 -2.85 6.20
N ALA G 205 -54.39 -2.16 5.08
CA ALA G 205 -55.65 -1.48 4.83
C ALA G 205 -56.75 -2.46 4.44
N ASP G 206 -56.39 -3.52 3.71
CA ASP G 206 -57.35 -4.38 3.05
C ASP G 206 -57.48 -5.76 3.68
N TRP G 207 -56.57 -6.15 4.57
CA TRP G 207 -56.59 -7.47 5.19
C TRP G 207 -56.45 -7.34 6.70
N GLN G 208 -56.92 -8.37 7.40
CA GLN G 208 -56.60 -8.59 8.80
C GLN G 208 -55.85 -9.91 8.91
N HIS G 209 -55.15 -10.08 10.03
CA HIS G 209 -54.41 -11.30 10.28
C HIS G 209 -54.48 -11.66 11.76
N ARG G 210 -54.13 -12.90 12.04
CA ARG G 210 -54.11 -13.44 13.39
C ARG G 210 -53.20 -14.65 13.39
N VAL G 211 -52.91 -15.15 14.58
CA VAL G 211 -52.25 -16.44 14.77
C VAL G 211 -53.18 -17.22 15.68
N PRO G 212 -53.89 -18.25 15.20
CA PRO G 212 -54.89 -18.91 16.04
C PRO G 212 -54.30 -19.86 17.06
N LYS G 213 -55.11 -20.10 18.09
CA LYS G 213 -54.88 -21.17 19.03
C LYS G 213 -54.88 -22.49 18.30
N GLU G 214 -54.16 -23.50 18.81
CA GLU G 214 -54.18 -24.83 18.20
C GLU G 214 -54.70 -25.88 19.17
N TYR G 215 -55.09 -27.05 18.64
CA TYR G 215 -55.73 -28.08 19.44
C TYR G 215 -54.83 -29.29 19.56
N HIS G 216 -53.61 -29.17 19.17
CA HIS G 216 -52.67 -30.22 19.46
C HIS G 216 -51.46 -29.52 20.08
N SER G 217 -50.64 -30.26 20.80
CA SER G 217 -49.49 -29.63 21.46
C SER G 217 -48.64 -28.83 20.48
N ARG G 218 -48.19 -27.64 20.92
CA ARG G 218 -47.19 -26.84 20.23
C ARG G 218 -46.10 -26.43 21.21
N GLU G 219 -44.84 -26.53 20.76
CA GLU G 219 -43.69 -25.96 21.45
C GLU G 219 -43.70 -24.44 21.30
N PRO G 220 -42.84 -23.72 22.03
CA PRO G 220 -42.85 -22.25 21.92
C PRO G 220 -42.46 -21.76 20.54
N ARG G 221 -43.01 -20.61 20.18
CA ARG G 221 -42.67 -19.91 18.95
C ARG G 221 -42.33 -18.47 19.30
N VAL G 222 -41.24 -17.96 18.74
CA VAL G 222 -40.89 -16.54 18.86
C VAL G 222 -41.10 -15.90 17.49
N ASN G 223 -41.82 -14.79 17.46
CA ASN G 223 -41.96 -14.04 16.23
C ASN G 223 -41.41 -12.64 16.44
N LEU G 224 -40.65 -12.18 15.44
CA LEU G 224 -40.08 -10.85 15.39
C LEU G 224 -40.74 -10.08 14.27
N THR G 225 -41.42 -8.99 14.59
CA THR G 225 -42.06 -8.17 13.58
C THR G 225 -41.40 -6.80 13.60
N PHE G 226 -40.74 -6.44 12.52
CA PHE G 226 -39.99 -5.20 12.41
C PHE G 226 -40.89 -4.22 11.66
N ARG G 227 -40.93 -2.99 12.16
CA ARG G 227 -41.80 -1.93 11.69
C ARG G 227 -41.08 -0.60 11.65
N THR G 228 -41.72 0.39 11.03
CA THR G 228 -41.31 1.79 11.13
C THR G 228 -42.38 2.57 11.88
N VAL G 229 -42.00 3.12 13.03
CA VAL G 229 -42.82 3.99 13.89
C VAL G 229 -42.49 5.47 13.69
N TYR G 230 -43.55 6.31 13.50
CA TYR G 230 -43.36 7.75 13.33
C TYR G 230 -43.85 8.51 14.56
N PRO G 231 -43.15 9.62 14.91
CA PRO G 231 -43.65 10.61 15.88
C PRO G 231 -45.14 10.91 15.95
N GLU I 1 14.62 29.60 30.05
CA GLU I 1 13.50 28.67 29.97
C GLU I 1 13.28 28.20 28.53
N VAL I 2 13.50 26.91 28.32
CA VAL I 2 13.59 26.31 27.00
C VAL I 2 12.44 25.33 26.82
N GLN I 3 11.22 25.83 27.01
CA GLN I 3 10.05 25.04 27.36
C GLN I 3 9.50 24.31 26.13
N LEU I 4 8.29 23.75 26.27
CA LEU I 4 7.67 22.79 25.35
C LEU I 4 6.28 22.43 25.86
N VAL I 5 5.21 22.82 25.17
CA VAL I 5 3.86 22.73 25.74
C VAL I 5 2.95 21.91 24.83
N GLU I 6 2.22 20.96 25.43
CA GLU I 6 1.26 20.15 24.68
C GLU I 6 -0.15 20.71 24.78
N SER I 7 -0.87 20.63 23.66
CA SER I 7 -2.27 21.01 23.56
C SER I 7 -3.01 19.94 22.76
N GLY I 8 -4.33 19.98 22.83
CA GLY I 8 -5.17 19.11 22.03
C GLY I 8 -5.63 17.84 22.70
N GLY I 9 -5.27 17.62 23.97
CA GLY I 9 -5.63 16.39 24.65
C GLY I 9 -7.09 16.32 25.03
N GLY I 10 -7.44 15.42 25.94
CA GLY I 10 -8.81 15.30 26.38
C GLY I 10 -9.46 13.98 26.04
N LEU I 11 -10.79 13.98 25.89
CA LEU I 11 -11.60 12.78 25.80
C LEU I 11 -12.17 12.62 24.39
N VAL I 12 -12.23 11.37 23.92
CA VAL I 12 -12.92 11.08 22.65
C VAL I 12 -13.43 9.64 22.67
N GLN I 13 -14.60 9.46 22.07
CA GLN I 13 -15.14 8.13 21.75
C GLN I 13 -14.11 7.29 21.02
N PRO I 14 -14.21 5.97 21.14
CA PRO I 14 -13.42 5.08 20.28
C PRO I 14 -13.80 5.27 18.82
N GLY I 15 -12.81 5.18 17.94
CA GLY I 15 -12.99 5.46 16.53
C GLY I 15 -12.84 6.92 16.16
N GLY I 16 -12.92 7.83 17.14
CA GLY I 16 -12.70 9.24 16.90
C GLY I 16 -11.23 9.58 16.77
N SER I 17 -10.96 10.87 16.77
CA SER I 17 -9.63 11.39 16.47
C SER I 17 -9.34 12.64 17.28
N LEU I 18 -8.05 12.87 17.52
CA LEU I 18 -7.55 14.09 18.13
C LEU I 18 -6.38 14.60 17.31
N ARG I 19 -5.97 15.83 17.58
CA ARG I 19 -4.73 16.38 17.02
C ARG I 19 -3.96 17.02 18.17
N LEU I 20 -2.98 16.30 18.69
CA LEU I 20 -2.08 16.90 19.66
C LEU I 20 -1.14 17.87 18.98
N SER I 21 -0.89 18.99 19.63
CA SER I 21 0.13 19.93 19.20
C SER I 21 1.14 20.09 20.32
N CYS I 22 2.37 20.42 19.92
CA CYS I 22 3.45 20.70 20.86
C CYS I 22 4.12 21.98 20.39
N ALA I 23 3.86 23.06 21.12
CA ALA I 23 4.46 24.36 20.83
C ALA I 23 5.85 24.41 21.44
N ALA I 24 6.84 24.67 20.59
CA ALA I 24 8.22 24.85 21.01
C ALA I 24 8.47 26.31 21.33
N SER I 25 8.85 26.59 22.57
CA SER I 25 9.21 27.96 22.99
C SER I 25 10.69 27.99 23.37
N GLY I 26 11.23 29.14 23.73
CA GLY I 26 12.67 29.18 24.04
C GLY I 26 13.53 28.80 22.85
N PHE I 27 13.83 27.52 22.67
CA PHE I 27 14.71 27.03 21.58
C PHE I 27 13.97 26.89 20.25
N ASN I 28 14.68 26.37 19.23
CA ASN I 28 14.12 26.16 17.87
C ASN I 28 14.05 24.66 17.50
N PHE I 29 13.00 24.27 16.77
CA PHE I 29 12.70 22.91 16.26
C PHE I 29 13.25 22.77 14.84
N SER I 30 14.37 23.42 14.57
CA SER I 30 14.96 23.53 13.22
C SER I 30 15.58 22.23 12.75
N TYR I 31 16.64 21.77 13.40
CA TYR I 31 17.34 20.59 12.87
C TYR I 31 17.48 19.61 14.02
N SER I 32 16.34 19.14 14.51
CA SER I 32 16.33 18.23 15.67
C SER I 32 15.36 17.08 15.43
N SER I 33 15.18 16.26 16.44
CA SER I 33 14.21 15.15 16.33
C SER I 33 13.08 15.45 17.29
N ILE I 34 11.86 15.26 16.83
CA ILE I 34 10.70 15.41 17.69
C ILE I 34 10.08 14.06 17.90
N HIS I 35 9.86 13.69 19.17
CA HIS I 35 9.28 12.41 19.52
C HIS I 35 7.97 12.62 20.29
N TRP I 36 7.03 11.72 20.05
CA TRP I 36 5.85 11.56 20.88
C TRP I 36 5.97 10.23 21.60
N VAL I 37 5.87 10.29 22.93
CA VAL I 37 5.99 9.13 23.81
C VAL I 37 4.79 9.13 24.75
N ARG I 38 4.14 8.00 24.92
CA ARG I 38 2.96 7.95 25.78
C ARG I 38 3.20 7.03 26.97
N GLN I 39 2.39 7.23 28.00
CA GLN I 39 2.49 6.47 29.25
C GLN I 39 1.09 6.21 29.77
N ALA I 40 0.65 4.95 29.73
CA ALA I 40 -0.63 4.58 30.32
C ALA I 40 -0.52 4.61 31.85
N PRO I 41 -1.64 4.84 32.55
CA PRO I 41 -1.59 4.91 34.02
C PRO I 41 -0.94 3.70 34.68
N GLY I 42 0.18 3.93 35.36
CA GLY I 42 0.88 2.88 36.07
C GLY I 42 1.86 2.07 35.24
N LYS I 43 2.01 2.41 33.97
CA LYS I 43 2.82 1.63 33.05
C LYS I 43 4.06 2.42 32.64
N GLY I 44 4.91 1.78 31.83
CA GLY I 44 6.15 2.39 31.39
C GLY I 44 5.99 3.22 30.13
N LEU I 45 7.10 3.83 29.72
CA LEU I 45 7.10 4.66 28.53
C LEU I 45 6.91 3.81 27.28
N GLU I 46 6.08 4.30 26.36
CA GLU I 46 5.92 3.69 25.05
C GLU I 46 6.17 4.77 24.00
N TRP I 47 7.30 4.67 23.31
CA TRP I 47 7.57 5.59 22.21
C TRP I 47 6.53 5.40 21.12
N VAL I 48 5.94 6.51 20.68
CA VAL I 48 4.89 6.48 19.67
C VAL I 48 5.43 6.82 18.30
N ALA I 49 6.09 7.97 18.17
CA ALA I 49 6.53 8.38 16.84
C ALA I 49 7.66 9.38 16.95
N TYR I 50 8.40 9.55 15.86
CA TYR I 50 9.33 10.66 15.76
C TYR I 50 9.38 11.19 14.34
N ILE I 51 9.87 12.41 14.23
CA ILE I 51 10.14 13.08 12.96
C ILE I 51 11.51 13.74 13.04
N TYR I 52 12.31 13.55 12.01
CA TYR I 52 13.51 14.37 11.79
C TYR I 52 13.07 15.65 11.10
N SER I 53 13.15 16.77 11.82
CA SER I 53 12.49 17.99 11.35
C SER I 53 13.13 18.55 10.08
N SER I 54 14.41 18.25 9.83
CA SER I 54 15.06 18.78 8.64
C SER I 54 14.52 18.14 7.38
N SER I 55 14.51 16.81 7.32
CA SER I 55 14.04 16.10 6.14
C SER I 55 12.55 15.77 6.20
N GLY I 56 11.95 15.78 7.37
CA GLY I 56 10.58 15.33 7.51
C GLY I 56 10.41 13.83 7.52
N TYR I 57 11.50 13.07 7.66
CA TYR I 57 11.40 11.62 7.80
C TYR I 57 10.70 11.27 9.11
N THR I 58 9.82 10.28 9.05
CA THR I 58 9.03 9.92 10.22
C THR I 58 9.12 8.42 10.49
N SER I 59 9.02 8.07 11.77
CA SER I 59 8.97 6.68 12.20
C SER I 59 7.86 6.52 13.23
N TYR I 60 7.22 5.35 13.21
CA TYR I 60 6.05 5.08 14.03
C TYR I 60 6.17 3.72 14.69
N ALA I 61 5.64 3.62 15.90
CA ALA I 61 5.54 2.32 16.56
C ALA I 61 4.45 1.48 15.89
N ASP I 62 4.69 0.17 15.85
CA ASP I 62 3.75 -0.75 15.19
C ASP I 62 2.34 -0.60 15.75
N SER I 63 2.21 -0.39 17.06
CA SER I 63 0.93 -0.19 17.71
C SER I 63 0.15 0.99 17.15
N VAL I 64 0.77 1.79 16.29
CA VAL I 64 0.26 3.11 15.94
C VAL I 64 0.31 3.38 14.44
N LYS I 65 1.13 2.66 13.69
CA LYS I 65 1.24 2.84 12.25
C LYS I 65 -0.12 2.72 11.57
N GLY I 66 -0.35 3.59 10.58
CA GLY I 66 -1.58 3.62 9.84
C GLY I 66 -2.68 4.46 10.46
N ARG I 67 -2.54 4.83 11.73
CA ARG I 67 -3.55 5.62 12.42
C ARG I 67 -3.05 6.98 12.90
N PHE I 68 -1.76 7.14 13.13
CA PHE I 68 -1.19 8.40 13.59
C PHE I 68 -0.28 8.99 12.51
N THR I 69 -0.14 10.30 12.56
CA THR I 69 0.77 11.02 11.67
C THR I 69 1.46 12.12 12.48
N ILE I 70 2.78 12.11 12.50
CA ILE I 70 3.56 13.17 13.13
C ILE I 70 4.02 14.13 12.05
N SER I 71 4.05 15.42 12.37
CA SER I 71 4.47 16.43 11.40
C SER I 71 5.01 17.63 12.14
N ALA I 72 5.73 18.49 11.41
CA ALA I 72 6.32 19.68 11.99
C ALA I 72 6.02 20.88 11.12
N ASP I 73 5.88 22.03 11.78
CA ASP I 73 5.71 23.34 11.17
C ASP I 73 6.86 24.16 11.71
N THR I 74 7.94 24.22 10.94
CA THR I 74 9.09 25.07 11.29
C THR I 74 8.66 26.52 11.43
N SER I 75 7.71 26.96 10.60
CA SER I 75 7.28 28.35 10.62
C SER I 75 6.78 28.76 11.99
N LYS I 76 6.01 27.90 12.65
CA LYS I 76 5.40 28.23 13.94
C LYS I 76 6.09 27.54 15.10
N ASN I 77 7.20 26.84 14.85
CA ASN I 77 7.87 26.01 15.84
C ASN I 77 6.85 25.12 16.55
N THR I 78 6.12 24.34 15.74
CA THR I 78 5.02 23.55 16.29
C THR I 78 5.05 22.15 15.71
N ALA I 79 4.99 21.14 16.56
CA ALA I 79 4.86 19.77 16.11
C ALA I 79 3.44 19.28 16.33
N TYR I 80 3.03 18.29 15.54
CA TYR I 80 1.67 17.78 15.60
C TYR I 80 1.69 16.26 15.56
N LEU I 81 0.82 15.66 16.37
CA LEU I 81 0.50 14.24 16.30
C LEU I 81 -1.00 14.11 16.01
N GLN I 82 -1.33 13.79 14.77
CA GLN I 82 -2.70 13.50 14.36
C GLN I 82 -3.01 12.05 14.71
N MET I 83 -4.02 11.83 15.56
CA MET I 83 -4.36 10.49 16.04
C MET I 83 -5.76 10.14 15.57
N ASN I 84 -5.88 9.15 14.68
CA ASN I 84 -7.15 8.74 14.11
C ASN I 84 -7.54 7.34 14.57
N SER I 85 -8.83 7.04 14.47
CA SER I 85 -9.42 5.77 14.92
C SER I 85 -8.83 5.32 16.26
N LEU I 86 -8.97 6.16 17.28
CA LEU I 86 -8.39 5.85 18.58
C LEU I 86 -9.09 4.67 19.23
N ARG I 87 -8.30 3.73 19.74
CA ARG I 87 -8.82 2.61 20.54
C ARG I 87 -8.70 2.94 22.02
N ALA I 88 -9.39 2.13 22.84
CA ALA I 88 -9.36 2.35 24.29
C ALA I 88 -7.94 2.31 24.83
N GLU I 89 -7.09 1.45 24.27
CA GLU I 89 -5.74 1.27 24.78
C GLU I 89 -4.77 2.35 24.33
N ASP I 90 -5.22 3.33 23.55
CA ASP I 90 -4.40 4.52 23.33
C ASP I 90 -4.48 5.50 24.50
N THR I 91 -5.34 5.23 25.47
CA THR I 91 -5.49 6.09 26.64
C THR I 91 -4.16 6.18 27.40
N ALA I 92 -3.65 7.40 27.56
CA ALA I 92 -2.35 7.58 28.21
C ALA I 92 -2.07 9.08 28.34
N VAL I 93 -1.05 9.39 29.11
CA VAL I 93 -0.44 10.73 29.07
C VAL I 93 0.50 10.76 27.88
N TYR I 94 0.26 11.70 26.97
CA TYR I 94 1.11 11.86 25.80
C TYR I 94 2.09 13.00 26.04
N TYR I 95 3.37 12.69 25.88
CA TYR I 95 4.49 13.61 26.02
C TYR I 95 5.07 13.94 24.65
N CYS I 96 5.55 15.16 24.54
CA CYS I 96 6.26 15.63 23.35
C CYS I 96 7.70 15.81 23.80
N ALA I 97 8.63 15.42 22.97
CA ALA I 97 10.05 15.48 23.38
C ALA I 97 10.94 15.87 22.20
N ARG I 98 12.03 16.55 22.50
CA ARG I 98 12.92 17.05 21.42
C ARG I 98 14.35 16.63 21.70
N GLY I 99 15.15 16.49 20.65
CA GLY I 99 16.56 16.21 20.83
C GLY I 99 17.40 16.79 19.73
N ASP I 100 18.66 17.07 20.05
CA ASP I 100 19.60 17.53 19.03
C ASP I 100 20.17 16.25 18.44
N SER I 101 19.99 15.16 19.16
CA SER I 101 20.40 13.86 18.62
C SER I 101 19.20 13.28 17.90
N TRP I 102 19.41 12.15 17.27
CA TRP I 102 18.28 11.46 16.66
C TRP I 102 17.49 10.62 17.65
N TYR I 103 17.84 10.65 18.93
CA TYR I 103 17.24 9.72 19.89
C TYR I 103 17.25 10.22 21.33
N ALA I 104 18.29 10.96 21.72
CA ALA I 104 18.45 11.40 23.10
C ALA I 104 17.53 12.60 23.34
N MET I 105 16.49 12.41 24.15
CA MET I 105 15.45 13.41 24.34
C MET I 105 15.79 14.22 25.60
N ASP I 106 16.33 15.42 25.40
CA ASP I 106 16.75 16.25 26.51
C ASP I 106 15.66 17.17 27.04
N TYR I 107 14.63 17.48 26.24
CA TYR I 107 13.56 18.36 26.64
C TYR I 107 12.23 17.64 26.54
N TRP I 108 11.42 17.74 27.59
CA TRP I 108 10.12 17.10 27.66
C TRP I 108 9.07 18.11 28.07
N GLY I 109 7.93 18.08 27.39
CA GLY I 109 6.75 18.71 27.91
C GLY I 109 6.21 17.92 29.08
N GLN I 110 5.25 18.51 29.79
CA GLN I 110 4.66 17.84 30.94
C GLN I 110 3.53 16.90 30.55
N GLY I 111 3.16 16.85 29.27
CA GLY I 111 2.25 15.85 28.76
C GLY I 111 0.79 16.10 29.08
N THR I 112 -0.10 15.79 28.12
CA THR I 112 -1.54 15.94 28.34
C THR I 112 -2.20 14.57 28.35
N LEU I 113 -3.25 14.45 29.16
CA LEU I 113 -3.98 13.19 29.27
C LEU I 113 -4.91 13.02 28.07
N VAL I 114 -4.85 11.85 27.45
CA VAL I 114 -5.74 11.46 26.37
C VAL I 114 -6.53 10.25 26.84
N THR I 115 -7.86 10.41 26.90
CA THR I 115 -8.77 9.37 27.35
C THR I 115 -9.64 8.96 26.16
N VAL I 116 -9.57 7.67 25.80
CA VAL I 116 -10.39 7.12 24.72
C VAL I 116 -11.40 6.19 25.37
N SER I 117 -12.66 6.61 25.37
CA SER I 117 -13.68 5.90 26.12
C SER I 117 -15.06 6.19 25.55
N SER I 118 -15.98 5.25 25.75
CA SER I 118 -17.37 5.46 25.39
C SER I 118 -18.14 6.20 26.47
N ALA I 119 -17.61 6.25 27.69
CA ALA I 119 -18.25 6.99 28.76
C ALA I 119 -18.29 8.48 28.44
N SER I 120 -19.21 9.18 29.10
CA SER I 120 -19.33 10.62 28.96
C SER I 120 -18.95 11.30 30.26
N THR I 121 -18.44 12.53 30.14
CA THR I 121 -17.98 13.30 31.29
C THR I 121 -19.07 13.37 32.36
N LYS I 122 -18.66 13.24 33.61
CA LYS I 122 -19.60 13.05 34.71
C LYS I 122 -18.90 13.38 36.02
N GLY I 123 -19.52 14.23 36.83
CA GLY I 123 -18.97 14.61 38.11
C GLY I 123 -19.14 13.52 39.15
N PRO I 124 -18.30 13.52 40.17
CA PRO I 124 -18.31 12.43 41.14
C PRO I 124 -19.45 12.53 42.14
N SER I 125 -19.85 11.36 42.64
CA SER I 125 -20.58 11.26 43.89
C SER I 125 -19.56 11.12 45.02
N VAL I 126 -19.76 11.84 46.11
CA VAL I 126 -18.83 11.82 47.22
C VAL I 126 -19.53 11.26 48.43
N PHE I 127 -19.09 10.07 48.88
CA PHE I 127 -19.65 9.43 50.05
C PHE I 127 -18.63 9.43 51.19
N PRO I 128 -19.08 9.41 52.45
CA PRO I 128 -18.12 9.47 53.55
C PRO I 128 -17.68 8.08 53.95
N LEU I 129 -16.41 7.98 54.34
CA LEU I 129 -15.87 6.80 55.01
C LEU I 129 -15.80 7.19 56.48
N ALA I 130 -16.90 6.94 57.18
CA ALA I 130 -17.07 7.46 58.53
C ALA I 130 -16.16 6.73 59.51
N PRO I 131 -15.51 7.45 60.43
CA PRO I 131 -14.67 6.77 61.42
C PRO I 131 -15.52 5.96 62.39
N SER I 132 -14.98 4.83 62.80
CA SER I 132 -15.75 3.91 63.67
C SER I 132 -14.85 3.53 64.83
N SER I 133 -14.15 2.41 64.70
CA SER I 133 -13.26 1.95 65.80
C SER I 133 -11.85 1.54 65.30
N GLY I 134 -10.79 2.05 65.94
CA GLY I 134 -9.39 1.76 65.61
C GLY I 134 -8.67 3.06 65.93
N THR I 135 -7.37 3.22 65.65
CA THR I 135 -6.79 4.59 65.79
C THR I 135 -7.72 5.31 64.84
N ALA I 136 -7.99 6.59 65.02
CA ALA I 136 -9.08 7.09 64.15
C ALA I 136 -8.73 7.09 62.67
N ALA I 137 -9.54 6.42 61.85
CA ALA I 137 -9.36 6.49 60.39
C ALA I 137 -10.66 7.01 59.78
N LEU I 138 -10.56 7.87 58.79
CA LEU I 138 -11.76 8.36 58.13
C LEU I 138 -11.37 8.77 56.72
N GLY I 139 -12.37 9.05 55.89
CA GLY I 139 -12.05 9.47 54.53
C GLY I 139 -13.28 9.78 53.71
N CYS I 140 -13.06 9.82 52.40
CA CYS I 140 -14.08 10.07 51.39
C CYS I 140 -13.90 9.11 50.23
N LEU I 141 -15.01 8.60 49.73
CA LEU I 141 -15.07 7.75 48.54
C LEU I 141 -15.62 8.61 47.40
N VAL I 142 -14.76 8.95 46.45
CA VAL I 142 -15.09 9.78 45.30
C VAL I 142 -15.39 8.81 44.16
N LYS I 143 -16.66 8.49 43.96
CA LYS I 143 -17.09 7.38 43.12
C LYS I 143 -17.77 7.88 41.86
N ASP I 144 -17.57 7.13 40.76
CA ASP I 144 -18.38 7.26 39.55
C ASP I 144 -18.25 8.65 38.92
N TYR I 145 -17.01 9.10 38.77
CA TYR I 145 -16.70 10.29 37.99
C TYR I 145 -16.00 9.88 36.69
N PHE I 146 -15.96 10.83 35.76
CA PHE I 146 -15.31 10.59 34.48
C PHE I 146 -15.10 11.91 33.74
N PRO I 147 -13.93 12.13 33.12
CA PRO I 147 -12.77 11.22 33.19
C PRO I 147 -11.81 11.64 34.31
N GLU I 148 -10.59 11.12 34.27
CA GLU I 148 -9.53 11.65 35.12
C GLU I 148 -9.20 13.06 34.67
N PRO I 149 -8.59 13.89 35.55
CA PRO I 149 -8.20 13.63 36.94
C PRO I 149 -9.20 14.20 37.93
N VAL I 150 -8.88 14.07 39.22
CA VAL I 150 -9.70 14.64 40.29
C VAL I 150 -8.76 15.04 41.42
N THR I 151 -9.06 16.17 42.06
CA THR I 151 -8.25 16.68 43.15
C THR I 151 -9.04 16.59 44.45
N VAL I 152 -8.37 16.17 45.52
CA VAL I 152 -8.96 16.04 46.84
C VAL I 152 -8.06 16.75 47.84
N SER I 153 -8.64 17.70 48.57
CA SER I 153 -7.97 18.33 49.70
C SER I 153 -8.80 18.08 50.96
N TRP I 154 -8.17 18.25 52.12
CA TRP I 154 -8.84 18.04 53.39
C TRP I 154 -8.85 19.33 54.18
N ASN I 155 -10.04 19.79 54.54
CA ASN I 155 -10.24 21.04 55.29
C ASN I 155 -9.61 22.22 54.55
N SER I 156 -10.02 22.37 53.29
CA SER I 156 -9.61 23.47 52.42
C SER I 156 -8.09 23.58 52.29
N GLY I 157 -7.35 22.58 52.75
CA GLY I 157 -5.91 22.55 52.61
C GLY I 157 -5.13 22.54 53.91
N ALA I 158 -5.77 22.67 55.06
CA ALA I 158 -5.03 22.73 56.32
C ALA I 158 -4.51 21.35 56.71
N LEU I 159 -5.39 20.35 56.72
CA LEU I 159 -5.01 18.99 57.13
C LEU I 159 -4.32 18.30 55.97
N THR I 160 -3.03 18.00 56.13
CA THR I 160 -2.27 17.25 55.13
C THR I 160 -1.45 16.11 55.71
N SER I 161 -1.10 16.14 56.99
CA SER I 161 -0.34 15.06 57.60
C SER I 161 -1.28 13.90 57.91
N GLY I 162 -0.87 12.70 57.50
CA GLY I 162 -1.69 11.52 57.63
C GLY I 162 -2.67 11.30 56.50
N VAL I 163 -2.55 12.04 55.41
CA VAL I 163 -3.49 11.97 54.30
C VAL I 163 -2.91 11.07 53.22
N HIS I 164 -3.72 10.13 52.73
CA HIS I 164 -3.40 9.26 51.61
C HIS I 164 -4.52 9.37 50.60
N THR I 165 -4.27 10.02 49.48
CA THR I 165 -5.21 10.01 48.35
C THR I 165 -4.74 8.96 47.37
N PHE I 166 -5.56 7.96 47.16
CA PHE I 166 -5.18 6.77 46.41
C PHE I 166 -5.34 6.97 44.91
N PRO I 167 -4.55 6.24 44.11
CA PRO I 167 -4.76 6.28 42.66
C PRO I 167 -6.17 5.81 42.32
N ALA I 168 -6.79 6.49 41.37
CA ALA I 168 -8.12 6.11 40.95
C ALA I 168 -8.11 4.73 40.31
N VAL I 169 -9.31 4.18 40.12
CA VAL I 169 -9.48 2.87 39.53
C VAL I 169 -10.58 2.95 38.48
N LEU I 170 -10.38 2.25 37.36
CA LEU I 170 -11.34 2.24 36.27
C LEU I 170 -12.27 1.06 36.48
N GLN I 171 -13.53 1.36 36.81
CA GLN I 171 -14.50 0.32 37.10
C GLN I 171 -14.99 -0.32 35.79
N SER I 172 -15.64 -1.47 35.94
CA SER I 172 -16.19 -2.18 34.78
C SER I 172 -17.25 -1.35 34.06
N SER I 173 -17.85 -0.38 34.73
CA SER I 173 -18.85 0.49 34.14
C SER I 173 -18.25 1.55 33.22
N GLY I 174 -16.93 1.71 33.23
CA GLY I 174 -16.28 2.78 32.50
C GLY I 174 -15.98 4.01 33.32
N LEU I 175 -16.55 4.12 34.52
CA LEU I 175 -16.35 5.28 35.37
C LEU I 175 -15.20 5.04 36.34
N TYR I 176 -14.57 6.14 36.76
CA TYR I 176 -13.46 6.09 37.70
C TYR I 176 -13.96 6.24 39.14
N SER I 177 -13.20 5.68 40.07
CA SER I 177 -13.53 5.77 41.48
C SER I 177 -12.25 5.76 42.29
N LEU I 178 -12.15 6.66 43.27
CA LEU I 178 -10.98 6.71 44.13
C LEU I 178 -11.41 6.94 45.58
N SER I 179 -10.42 6.83 46.46
CA SER I 179 -10.63 7.04 47.89
C SER I 179 -9.51 7.92 48.42
N SER I 180 -9.86 8.80 49.35
CA SER I 180 -8.89 9.57 50.11
C SER I 180 -9.15 9.30 51.58
N VAL I 181 -8.09 9.06 52.35
CA VAL I 181 -8.23 8.77 53.77
C VAL I 181 -7.26 9.61 54.57
N VAL I 182 -7.58 9.82 55.84
CA VAL I 182 -6.68 10.44 56.80
C VAL I 182 -6.88 9.74 58.14
N THR I 183 -5.77 9.52 58.83
CA THR I 183 -5.78 8.98 60.18
C THR I 183 -5.65 10.11 61.19
N VAL I 184 -6.29 9.94 62.32
CA VAL I 184 -6.58 11.05 63.23
C VAL I 184 -6.54 10.52 64.66
N PRO I 185 -6.02 11.26 65.63
CA PRO I 185 -6.21 10.85 67.03
C PRO I 185 -7.69 10.85 67.37
N SER I 186 -8.16 9.71 67.91
CA SER I 186 -9.59 9.51 68.10
C SER I 186 -10.20 10.52 69.07
N SER I 187 -9.38 11.22 69.86
CA SER I 187 -9.92 12.25 70.73
C SER I 187 -10.43 13.47 69.97
N SER I 188 -9.92 13.74 68.76
CA SER I 188 -10.36 14.92 68.02
C SER I 188 -11.72 14.74 67.37
N LEU I 189 -12.16 13.48 67.23
CA LEU I 189 -13.48 13.21 66.66
C LEU I 189 -14.55 14.09 67.28
N GLY I 190 -14.53 14.23 68.61
CA GLY I 190 -15.49 15.09 69.27
C GLY I 190 -15.34 16.56 68.89
N THR I 191 -14.10 17.03 68.78
CA THR I 191 -13.84 18.47 68.60
C THR I 191 -13.68 18.83 67.13
N GLN I 192 -12.61 18.36 66.50
CA GLN I 192 -12.24 18.82 65.17
C GLN I 192 -13.20 18.29 64.11
N THR I 193 -13.50 19.13 63.12
CA THR I 193 -14.45 18.81 62.05
C THR I 193 -13.71 18.63 60.72
N TYR I 194 -14.11 17.62 59.97
CA TYR I 194 -13.34 17.09 58.85
C TYR I 194 -14.20 17.10 57.60
N ILE I 195 -13.69 17.72 56.53
CA ILE I 195 -14.43 17.86 55.28
C ILE I 195 -13.48 17.59 54.12
N CYS I 196 -13.91 16.74 53.19
CA CYS I 196 -13.16 16.53 51.95
C CYS I 196 -13.67 17.49 50.88
N ASN I 197 -12.72 18.07 50.15
CA ASN I 197 -12.99 19.01 49.07
C ASN I 197 -12.54 18.37 47.77
N VAL I 198 -13.47 18.28 46.82
CA VAL I 198 -13.31 17.50 45.59
C VAL I 198 -13.49 18.44 44.42
N ASN I 199 -12.45 18.58 43.60
CA ASN I 199 -12.52 19.27 42.32
C ASN I 199 -12.47 18.24 41.21
N HIS I 200 -13.49 18.22 40.37
CA HIS I 200 -13.48 17.52 39.09
C HIS I 200 -13.65 18.61 38.04
N LYS I 201 -12.51 19.14 37.59
CA LYS I 201 -12.55 20.21 36.59
C LYS I 201 -13.13 19.80 35.24
N PRO I 202 -12.99 18.56 34.75
CA PRO I 202 -13.66 18.21 33.49
C PRO I 202 -15.17 18.35 33.55
N SER I 203 -15.78 18.08 34.70
CA SER I 203 -17.21 18.29 34.91
C SER I 203 -17.50 19.67 35.50
N ASN I 204 -16.46 20.47 35.73
CA ASN I 204 -16.53 21.67 36.56
C ASN I 204 -17.46 21.44 37.75
N THR I 205 -17.11 20.48 38.59
CA THR I 205 -17.90 20.14 39.77
C THR I 205 -17.01 20.22 40.99
N LYS I 206 -17.46 20.95 42.00
CA LYS I 206 -16.74 21.01 43.26
C LYS I 206 -17.69 20.61 44.37
N VAL I 207 -17.26 19.68 45.21
CA VAL I 207 -18.09 19.13 46.27
C VAL I 207 -17.30 19.09 47.57
N ASP I 208 -17.86 19.66 48.62
CA ASP I 208 -17.34 19.46 49.97
C ASP I 208 -18.31 18.56 50.72
N LYS I 209 -17.77 17.54 51.38
CA LYS I 209 -18.62 16.71 52.23
C LYS I 209 -17.95 16.44 53.56
N LYS I 210 -18.75 16.49 54.61
CA LYS I 210 -18.30 16.37 55.99
C LYS I 210 -18.38 14.93 56.46
N VAL I 211 -17.32 14.46 57.12
CA VAL I 211 -17.18 13.08 57.54
C VAL I 211 -17.25 13.05 59.06
N GLU I 212 -18.33 12.50 59.60
CA GLU I 212 -18.51 12.40 61.04
C GLU I 212 -18.95 10.99 61.42
N PRO I 213 -18.71 10.60 62.68
CA PRO I 213 -19.15 9.28 63.15
C PRO I 213 -20.66 9.21 63.30
N LYS I 214 -21.15 7.99 63.44
CA LYS I 214 -22.58 7.77 63.54
C LYS I 214 -22.94 7.24 64.92
N GLU J 1 18.03 39.10 -13.35
CA GLU J 1 16.95 38.34 -13.96
C GLU J 1 16.54 37.11 -13.13
N VAL J 2 15.23 37.03 -12.89
CA VAL J 2 14.60 35.97 -12.12
C VAL J 2 14.43 34.75 -13.03
N GLN J 3 15.11 33.63 -12.71
CA GLN J 3 15.11 32.51 -13.64
C GLN J 3 15.14 31.18 -12.91
N LEU J 4 14.86 30.12 -13.67
CA LEU J 4 14.93 28.73 -13.21
C LEU J 4 15.96 28.00 -14.05
N VAL J 5 16.85 27.25 -13.40
CA VAL J 5 17.88 26.50 -14.12
C VAL J 5 17.78 25.03 -13.74
N GLU J 6 17.62 24.17 -14.75
CA GLU J 6 17.57 22.73 -14.54
C GLU J 6 18.94 22.10 -14.73
N SER J 7 19.27 21.17 -13.84
CA SER J 7 20.44 20.33 -13.95
C SER J 7 20.02 18.88 -13.76
N GLY J 8 20.97 17.97 -13.97
CA GLY J 8 20.76 16.56 -13.71
C GLY J 8 20.39 15.72 -14.91
N GLY J 9 20.03 16.34 -16.03
CA GLY J 9 19.61 15.60 -17.20
C GLY J 9 20.77 14.90 -17.88
N GLY J 10 20.46 14.26 -19.01
CA GLY J 10 21.45 13.51 -19.74
C GLY J 10 20.98 12.14 -20.16
N LEU J 11 21.90 11.20 -20.30
CA LEU J 11 21.64 9.88 -20.87
C LEU J 11 21.71 8.82 -19.79
N VAL J 12 20.79 7.86 -19.85
CA VAL J 12 20.72 6.81 -18.84
C VAL J 12 20.05 5.58 -19.44
N GLN J 13 20.49 4.40 -19.01
CA GLN J 13 19.91 3.15 -19.47
C GLN J 13 18.49 2.99 -18.93
N PRO J 14 17.65 2.21 -19.63
CA PRO J 14 16.34 1.86 -19.06
C PRO J 14 16.51 1.08 -17.77
N GLY J 15 15.67 1.39 -16.79
CA GLY J 15 15.83 0.90 -15.45
C GLY J 15 16.72 1.77 -14.57
N GLY J 16 17.55 2.61 -15.17
CA GLY J 16 18.37 3.54 -14.43
C GLY J 16 17.53 4.67 -13.85
N SER J 17 18.23 5.68 -13.34
CA SER J 17 17.59 6.78 -12.65
C SER J 17 18.32 8.07 -12.93
N LEU J 18 17.61 9.19 -12.72
CA LEU J 18 18.22 10.52 -12.73
C LEU J 18 17.61 11.32 -11.60
N ARG J 19 18.29 12.40 -11.22
CA ARG J 19 17.74 13.37 -10.28
C ARG J 19 17.86 14.75 -10.92
N LEU J 20 16.77 15.22 -11.50
CA LEU J 20 16.73 16.58 -12.02
C LEU J 20 16.65 17.56 -10.86
N SER J 21 17.38 18.65 -10.97
CA SER J 21 17.32 19.74 -10.02
C SER J 21 16.89 21.00 -10.75
N CYS J 22 16.25 21.90 -10.00
CA CYS J 22 15.78 23.17 -10.53
C CYS J 22 16.11 24.22 -9.49
N ALA J 23 17.15 25.00 -9.77
CA ALA J 23 17.53 26.11 -8.90
C ALA J 23 16.76 27.36 -9.30
N ALA J 24 16.07 27.95 -8.32
CA ALA J 24 15.41 29.24 -8.50
C ALA J 24 16.42 30.33 -8.16
N SER J 25 16.84 31.08 -9.18
CA SER J 25 17.87 32.10 -9.03
C SER J 25 17.23 33.47 -9.18
N GLY J 26 17.37 34.30 -8.13
CA GLY J 26 16.82 35.64 -8.11
C GLY J 26 15.50 35.78 -7.37
N PHE J 27 14.99 34.66 -6.87
CA PHE J 27 13.71 34.63 -6.13
C PHE J 27 13.60 33.31 -5.39
N ASN J 28 12.65 33.23 -4.50
CA ASN J 28 12.42 32.04 -3.66
C ASN J 28 11.23 31.25 -4.21
N PHE J 29 11.07 30.01 -3.77
CA PHE J 29 9.95 29.14 -4.19
C PHE J 29 9.10 28.96 -2.95
N SER J 30 9.07 29.96 -2.09
CA SER J 30 8.48 29.79 -0.75
C SER J 30 7.03 29.34 -0.72
N TYR J 31 6.12 30.08 -1.28
CA TYR J 31 4.69 29.72 -1.13
C TYR J 31 4.16 29.60 -2.55
N SER J 32 4.61 28.58 -3.23
CA SER J 32 4.31 28.48 -4.66
C SER J 32 4.06 27.06 -5.11
N SER J 33 3.69 26.93 -6.36
CA SER J 33 3.52 25.61 -6.96
C SER J 33 4.72 25.40 -7.86
N ILE J 34 5.47 24.33 -7.61
CA ILE J 34 6.60 23.97 -8.50
C ILE J 34 6.13 22.77 -9.29
N HIS J 35 6.26 22.84 -10.60
CA HIS J 35 5.76 21.78 -11.49
C HIS J 35 6.87 21.29 -12.40
N TRP J 36 6.78 20.03 -12.78
CA TRP J 36 7.69 19.48 -13.79
C TRP J 36 6.85 19.12 -15.01
N VAL J 37 7.25 19.58 -16.18
CA VAL J 37 6.49 19.35 -17.44
C VAL J 37 7.48 18.89 -18.50
N ARG J 38 7.12 17.85 -19.22
CA ARG J 38 8.02 17.25 -20.21
C ARG J 38 7.45 17.38 -21.62
N GLN J 39 8.31 17.49 -22.60
CA GLN J 39 7.91 17.56 -24.03
C GLN J 39 8.87 16.69 -24.82
N ALA J 40 8.36 15.58 -25.28
CA ALA J 40 9.17 14.70 -26.12
C ALA J 40 9.32 15.29 -27.52
N PRO J 41 10.35 14.86 -28.25
CA PRO J 41 10.60 15.38 -29.55
C PRO J 41 9.41 15.41 -30.54
N GLY J 42 8.95 16.60 -30.89
CA GLY J 42 7.88 16.77 -31.88
C GLY J 42 6.50 16.71 -31.28
N LYS J 43 6.43 16.57 -29.99
CA LYS J 43 5.11 16.34 -29.39
C LYS J 43 4.79 17.45 -28.41
N GLY J 44 3.67 17.30 -27.75
CA GLY J 44 3.18 18.34 -26.88
C GLY J 44 3.64 18.25 -25.47
N LEU J 45 3.07 19.07 -24.64
CA LEU J 45 3.51 19.19 -23.26
C LEU J 45 2.84 18.12 -22.40
N GLU J 46 3.61 17.47 -21.54
CA GLU J 46 3.04 16.48 -20.59
C GLU J 46 3.42 16.88 -19.18
N TRP J 47 2.43 17.20 -18.39
CA TRP J 47 2.68 17.49 -16.98
C TRP J 47 3.04 16.17 -16.31
N VAL J 48 4.03 16.20 -15.42
CA VAL J 48 4.51 14.99 -14.75
C VAL J 48 4.20 15.10 -13.26
N ALA J 49 4.46 16.25 -12.70
CA ALA J 49 4.30 16.35 -11.25
C ALA J 49 4.26 17.77 -10.72
N TYR J 50 3.79 17.92 -9.49
CA TYR J 50 3.76 19.22 -8.81
C TYR J 50 3.92 19.06 -7.30
N ILE J 51 4.53 20.06 -6.71
CA ILE J 51 4.66 20.13 -5.25
C ILE J 51 4.07 21.48 -4.83
N TYR J 52 3.28 21.49 -3.75
CA TYR J 52 2.83 22.75 -3.15
C TYR J 52 3.88 23.00 -2.09
N SER J 53 4.69 24.05 -2.23
CA SER J 53 5.87 24.32 -1.37
C SER J 53 5.54 24.51 0.11
N SER J 54 4.38 25.05 0.44
CA SER J 54 4.12 25.32 1.87
C SER J 54 3.80 24.02 2.57
N SER J 55 3.02 23.18 1.94
CA SER J 55 2.54 21.94 2.55
C SER J 55 3.38 20.73 2.18
N GLY J 56 4.02 20.75 1.02
CA GLY J 56 4.73 19.56 0.56
C GLY J 56 3.81 18.64 -0.19
N TYR J 57 2.60 19.11 -0.51
CA TYR J 57 1.61 18.31 -1.26
C TYR J 57 2.10 18.06 -2.67
N THR J 58 1.92 16.83 -3.11
CA THR J 58 2.47 16.41 -4.38
C THR J 58 1.38 15.72 -5.20
N SER J 59 1.41 15.94 -6.50
CA SER J 59 0.51 15.22 -7.39
C SER J 59 1.42 14.69 -8.48
N TYR J 60 1.07 13.55 -9.00
CA TYR J 60 1.87 12.96 -10.06
C TYR J 60 0.97 12.46 -11.17
N ALA J 61 1.52 12.41 -12.35
CA ALA J 61 0.79 11.84 -13.47
C ALA J 61 0.89 10.33 -13.41
N ASP J 62 -0.15 9.65 -13.81
CA ASP J 62 -0.22 8.19 -13.69
C ASP J 62 0.91 7.56 -14.49
N SER J 63 1.52 8.33 -15.38
CA SER J 63 2.58 7.82 -16.27
C SER J 63 3.90 7.79 -15.54
N VAL J 64 3.92 8.25 -14.31
CA VAL J 64 5.21 8.41 -13.61
C VAL J 64 5.00 8.04 -12.15
N LYS J 65 3.78 7.64 -11.81
CA LYS J 65 3.43 7.37 -10.41
C LYS J 65 4.15 6.12 -9.92
N GLY J 66 4.76 6.25 -8.76
CA GLY J 66 5.53 5.15 -8.21
C GLY J 66 6.98 5.26 -8.58
N ARG J 67 7.30 5.91 -9.68
CA ARG J 67 8.68 5.90 -10.19
C ARG J 67 9.32 7.27 -9.97
N PHE J 68 8.52 8.30 -9.80
CA PHE J 68 9.05 9.67 -9.71
C PHE J 68 8.62 10.31 -8.41
N THR J 69 9.51 11.09 -7.82
CA THR J 69 9.26 11.80 -6.56
C THR J 69 9.69 13.26 -6.70
N ILE J 70 8.81 14.19 -6.36
CA ILE J 70 9.09 15.64 -6.43
C ILE J 70 9.33 16.09 -5.01
N SER J 71 10.29 16.96 -4.84
CA SER J 71 10.69 17.47 -3.53
C SER J 71 11.14 18.90 -3.72
N ALA J 72 11.25 19.63 -2.64
CA ALA J 72 11.76 21.00 -2.69
C ALA J 72 12.59 21.26 -1.45
N ASP J 73 13.71 21.97 -1.59
CA ASP J 73 14.51 22.37 -0.41
C ASP J 73 14.43 23.89 -0.35
N THR J 74 13.54 24.40 0.49
CA THR J 74 13.40 25.86 0.65
C THR J 74 14.75 26.45 1.03
N SER J 75 15.48 25.78 1.91
CA SER J 75 16.79 26.24 2.36
C SER J 75 17.73 26.48 1.19
N LYS J 76 17.64 25.68 0.16
CA LYS J 76 18.62 25.78 -0.95
C LYS J 76 17.94 26.43 -2.15
N ASN J 77 16.68 26.82 -2.03
CA ASN J 77 15.91 27.41 -3.15
C ASN J 77 16.09 26.52 -4.36
N THR J 78 15.85 25.23 -4.16
CA THR J 78 16.07 24.26 -5.24
C THR J 78 15.01 23.16 -5.12
N ALA J 79 14.48 22.75 -6.25
CA ALA J 79 13.50 21.66 -6.28
C ALA J 79 14.04 20.51 -7.11
N TYR J 80 13.48 19.33 -6.92
CA TYR J 80 14.05 18.14 -7.57
C TYR J 80 13.02 17.16 -8.06
N LEU J 81 13.39 16.38 -9.07
CA LEU J 81 12.53 15.28 -9.55
C LEU J 81 13.41 14.05 -9.59
N GLN J 82 13.18 13.13 -8.68
CA GLN J 82 13.89 11.84 -8.73
C GLN J 82 13.14 10.98 -9.72
N MET J 83 13.87 10.38 -10.63
CA MET J 83 13.20 9.62 -11.68
C MET J 83 13.83 8.24 -11.68
N ASN J 84 13.08 7.28 -11.21
CA ASN J 84 13.59 5.90 -11.08
C ASN J 84 12.85 5.02 -12.08
N SER J 85 13.38 3.84 -12.38
CA SER J 85 12.78 2.88 -13.35
C SER J 85 12.48 3.58 -14.67
N LEU J 86 13.46 4.28 -15.19
CA LEU J 86 13.20 5.08 -16.41
C LEU J 86 12.99 4.18 -17.61
N ARG J 87 12.05 4.58 -18.45
CA ARG J 87 11.73 3.81 -19.66
C ARG J 87 11.98 4.76 -20.84
N ALA J 88 12.09 4.20 -22.03
CA ALA J 88 12.41 5.01 -23.22
C ALA J 88 11.34 6.06 -23.47
N GLU J 89 10.13 5.78 -23.03
CA GLU J 89 9.02 6.71 -23.28
C GLU J 89 9.20 7.90 -22.36
N ASP J 90 10.21 7.85 -21.51
CA ASP J 90 10.40 8.93 -20.54
C ASP J 90 11.37 9.90 -21.18
N THR J 91 11.76 9.61 -22.41
CA THR J 91 12.72 10.45 -23.15
C THR J 91 12.00 11.74 -23.55
N ALA J 92 12.56 12.86 -23.18
CA ALA J 92 11.93 14.15 -23.43
C ALA J 92 12.78 15.30 -22.90
N VAL J 93 12.35 16.52 -23.18
CA VAL J 93 12.98 17.71 -22.57
C VAL J 93 12.13 18.00 -21.35
N TYR J 94 12.77 18.08 -20.20
CA TYR J 94 12.04 18.25 -18.92
C TYR J 94 12.20 19.69 -18.44
N TYR J 95 11.07 20.31 -18.19
CA TYR J 95 11.05 21.71 -17.76
C TYR J 95 10.58 21.86 -16.33
N CYS J 96 11.23 22.75 -15.61
CA CYS J 96 10.80 23.11 -14.26
C CYS J 96 9.99 24.38 -14.43
N ALA J 97 8.94 24.48 -13.67
CA ALA J 97 8.09 25.66 -13.76
C ALA J 97 7.55 25.98 -12.38
N ARG J 98 7.12 27.23 -12.24
CA ARG J 98 6.60 27.67 -10.93
C ARG J 98 5.47 28.66 -11.13
N GLY J 99 4.62 28.78 -10.13
CA GLY J 99 3.55 29.77 -10.14
C GLY J 99 3.27 30.23 -8.73
N ASP J 100 2.59 31.35 -8.62
CA ASP J 100 2.16 31.85 -7.30
C ASP J 100 0.81 31.21 -7.14
N SER J 101 0.39 30.56 -8.20
CA SER J 101 -0.93 29.89 -8.19
C SER J 101 -0.69 28.41 -8.09
N TRP J 102 -1.75 27.65 -8.13
CA TRP J 102 -1.65 26.20 -8.04
C TRP J 102 -1.50 25.63 -9.43
N TYR J 103 -1.60 26.47 -10.44
CA TYR J 103 -1.62 25.91 -11.78
C TYR J 103 -0.96 26.81 -12.83
N ALA J 104 -1.09 28.12 -12.69
CA ALA J 104 -0.59 29.05 -13.68
C ALA J 104 0.93 29.17 -13.55
N MET J 105 1.65 28.60 -14.52
CA MET J 105 3.11 28.57 -14.48
C MET J 105 3.65 29.76 -15.27
N ASP J 106 4.04 30.83 -14.58
CA ASP J 106 4.53 32.01 -15.26
C ASP J 106 6.02 31.97 -15.54
N TYR J 107 6.82 31.34 -14.68
CA TYR J 107 8.25 31.22 -14.88
C TYR J 107 8.60 29.78 -15.26
N TRP J 108 9.36 29.62 -16.33
CA TRP J 108 9.80 28.32 -16.81
C TRP J 108 11.31 28.31 -16.94
N GLY J 109 11.90 27.13 -16.74
CA GLY J 109 13.29 26.94 -17.06
C GLY J 109 13.49 26.73 -18.55
N GLN J 110 14.76 26.73 -18.96
CA GLN J 110 15.06 26.44 -20.36
C GLN J 110 14.83 24.98 -20.71
N GLY J 111 14.87 24.09 -19.74
CA GLY J 111 14.67 22.67 -19.95
C GLY J 111 16.00 21.93 -20.08
N THR J 112 15.95 20.62 -19.82
CA THR J 112 17.11 19.77 -20.04
C THR J 112 16.67 18.48 -20.73
N LEU J 113 17.54 17.95 -21.57
CA LEU J 113 17.22 16.77 -22.36
C LEU J 113 17.51 15.50 -21.55
N VAL J 114 16.52 14.63 -21.45
CA VAL J 114 16.64 13.34 -20.79
C VAL J 114 16.45 12.27 -21.86
N THR J 115 17.50 11.46 -22.05
CA THR J 115 17.52 10.39 -23.05
C THR J 115 17.68 9.06 -22.33
N VAL J 116 16.63 8.25 -22.36
CA VAL J 116 16.64 6.91 -21.77
C VAL J 116 16.79 5.92 -22.91
N SER J 117 17.93 5.24 -22.97
CA SER J 117 18.14 4.29 -24.06
C SER J 117 19.33 3.40 -23.74
N SER J 118 19.28 2.16 -24.27
CA SER J 118 20.40 1.25 -24.15
C SER J 118 21.58 1.66 -25.02
N ALA J 119 21.35 2.51 -26.03
CA ALA J 119 22.43 2.97 -26.88
C ALA J 119 23.47 3.74 -26.06
N SER J 120 24.70 3.73 -26.56
CA SER J 120 25.81 4.37 -25.88
C SER J 120 26.37 5.49 -26.73
N THR J 121 26.92 6.51 -26.06
CA THR J 121 27.39 7.72 -26.72
C THR J 121 28.36 7.38 -27.85
N LYS J 122 28.07 7.92 -29.03
CA LYS J 122 28.84 7.62 -30.23
C LYS J 122 28.84 8.84 -31.13
N GLY J 123 30.00 9.15 -31.69
CA GLY J 123 30.14 10.25 -32.60
C GLY J 123 29.58 9.92 -33.97
N PRO J 124 29.20 10.95 -34.72
CA PRO J 124 28.61 10.71 -36.04
C PRO J 124 29.66 10.26 -37.05
N SER J 125 29.15 9.62 -38.10
CA SER J 125 29.89 9.50 -39.35
C SER J 125 29.21 10.40 -40.38
N VAL J 126 30.01 11.17 -41.09
CA VAL J 126 29.49 12.21 -41.96
C VAL J 126 29.83 11.85 -43.40
N PHE J 127 28.81 11.73 -44.24
CA PHE J 127 28.99 11.38 -45.63
C PHE J 127 28.54 12.54 -46.52
N PRO J 128 29.13 12.65 -47.71
CA PRO J 128 28.75 13.71 -48.57
C PRO J 128 27.48 13.45 -49.38
N LEU J 129 26.53 14.38 -49.33
CA LEU J 129 25.35 14.31 -50.21
C LEU J 129 25.79 15.20 -51.39
N ALA J 130 26.42 14.62 -52.40
CA ALA J 130 27.09 15.38 -53.49
C ALA J 130 26.18 15.93 -54.59
N PRO J 131 26.56 17.08 -55.15
CA PRO J 131 25.79 17.69 -56.18
C PRO J 131 26.12 17.07 -57.52
N SER J 132 25.20 17.19 -58.48
CA SER J 132 25.47 16.68 -59.85
C SER J 132 25.16 17.76 -60.87
N SER J 133 24.97 17.32 -62.12
CA SER J 133 24.69 18.28 -63.23
C SER J 133 25.84 19.27 -63.32
N ALA J 136 21.33 24.40 -57.95
CA ALA J 136 21.67 23.04 -57.57
C ALA J 136 21.89 22.92 -56.06
N ALA J 137 21.78 21.70 -55.53
CA ALA J 137 21.77 21.45 -54.10
C ALA J 137 22.76 20.35 -53.73
N LEU J 138 23.37 20.48 -52.54
CA LEU J 138 24.31 19.50 -52.02
C LEU J 138 24.11 19.41 -50.51
N GLY J 139 24.87 18.55 -49.84
CA GLY J 139 24.77 18.52 -48.40
C GLY J 139 25.67 17.50 -47.72
N CYS J 140 25.33 17.23 -46.46
CA CYS J 140 26.03 16.31 -45.58
C CYS J 140 25.01 15.43 -44.87
N LEU J 141 25.23 14.13 -44.89
CA LEU J 141 24.42 13.17 -44.15
C LEU J 141 25.17 12.79 -42.88
N VAL J 142 24.63 13.20 -41.73
CA VAL J 142 25.25 12.96 -40.43
C VAL J 142 24.52 11.77 -39.82
N LYS J 143 25.17 10.60 -39.82
CA LYS J 143 24.51 9.34 -39.55
C LYS J 143 25.14 8.65 -38.34
N ASP J 144 24.30 7.92 -37.59
CA ASP J 144 24.75 6.99 -36.56
C ASP J 144 25.51 7.71 -35.46
N TYR J 145 24.82 8.65 -34.82
CA TYR J 145 25.35 9.36 -33.66
C TYR J 145 24.36 9.26 -32.52
N PHE J 146 24.89 9.39 -31.29
CA PHE J 146 24.07 9.26 -30.10
C PHE J 146 24.81 9.88 -28.93
N PRO J 147 24.13 10.65 -28.07
CA PRO J 147 22.73 11.03 -28.25
C PRO J 147 22.60 12.37 -28.95
N GLU J 148 21.39 12.91 -29.00
CA GLU J 148 21.21 14.30 -29.38
C GLU J 148 21.89 15.18 -28.34
N PRO J 149 22.33 16.39 -28.72
CA PRO J 149 22.18 17.00 -30.03
C PRO J 149 23.45 17.05 -30.86
N VAL J 150 23.30 17.58 -32.07
CA VAL J 150 24.41 17.80 -32.99
C VAL J 150 24.23 19.16 -33.63
N THR J 151 25.33 19.79 -34.00
CA THR J 151 25.30 21.07 -34.71
C THR J 151 25.97 20.91 -36.06
N VAL J 152 25.50 21.68 -37.03
CA VAL J 152 26.11 21.74 -38.36
C VAL J 152 26.17 23.20 -38.79
N SER J 153 27.33 23.63 -39.26
CA SER J 153 27.48 24.90 -39.95
C SER J 153 28.18 24.65 -41.28
N TRP J 154 28.16 25.64 -42.16
CA TRP J 154 28.79 25.52 -43.47
C TRP J 154 29.87 26.57 -43.63
N ASN J 155 31.03 26.13 -44.13
CA ASN J 155 32.20 26.99 -44.27
C ASN J 155 32.46 27.78 -42.99
N SER J 156 32.34 27.07 -41.86
CA SER J 156 32.63 27.61 -40.53
C SER J 156 31.86 28.89 -40.24
N GLY J 157 30.67 29.03 -40.83
CA GLY J 157 29.76 30.11 -40.52
C GLY J 157 29.52 31.09 -41.64
N ALA J 158 30.41 31.15 -42.63
CA ALA J 158 30.25 32.14 -43.70
C ALA J 158 29.08 31.84 -44.62
N LEU J 159 28.70 30.57 -44.72
CA LEU J 159 27.56 30.15 -45.55
C LEU J 159 26.40 29.81 -44.63
N THR J 160 25.36 30.66 -44.63
CA THR J 160 24.15 30.38 -43.87
C THR J 160 22.84 30.50 -44.64
N SER J 161 22.83 31.13 -45.82
CA SER J 161 21.58 31.34 -46.57
C SER J 161 21.41 30.26 -47.64
N GLY J 162 20.20 29.76 -47.78
CA GLY J 162 19.96 28.58 -48.59
C GLY J 162 20.20 27.26 -47.87
N VAL J 163 20.38 27.30 -46.55
CA VAL J 163 20.79 26.15 -45.75
C VAL J 163 19.60 25.63 -44.95
N HIS J 164 19.44 24.31 -44.95
CA HIS J 164 18.45 23.62 -44.11
C HIS J 164 19.14 22.48 -43.38
N THR J 165 19.05 22.46 -42.06
CA THR J 165 19.51 21.31 -41.29
C THR J 165 18.30 20.69 -40.60
N PHE J 166 17.95 19.48 -40.99
CA PHE J 166 16.70 18.87 -40.62
C PHE J 166 16.73 18.34 -39.19
N PRO J 167 15.56 18.19 -38.57
CA PRO J 167 15.50 17.48 -37.29
C PRO J 167 16.00 16.05 -37.46
N ALA J 168 16.59 15.52 -36.40
CA ALA J 168 17.11 14.17 -36.43
C ALA J 168 15.97 13.17 -36.31
N VAL J 169 16.20 11.98 -36.88
CA VAL J 169 15.33 10.84 -36.67
C VAL J 169 16.06 9.84 -35.81
N LEU J 170 15.30 9.12 -34.99
CA LEU J 170 15.85 7.99 -34.23
C LEU J 170 15.65 6.74 -35.06
N GLN J 171 16.75 6.22 -35.62
CA GLN J 171 16.65 5.00 -36.39
C GLN J 171 16.28 3.83 -35.49
N SER J 172 15.72 2.78 -36.10
CA SER J 172 15.33 1.60 -35.33
C SER J 172 16.51 0.97 -34.60
N SER J 173 17.74 1.33 -34.98
CA SER J 173 18.94 0.88 -34.30
C SER J 173 19.20 1.63 -33.00
N GLY J 174 18.43 2.67 -32.71
CA GLY J 174 18.67 3.48 -31.53
C GLY J 174 19.65 4.61 -31.69
N LEU J 175 20.15 4.82 -32.91
CA LEU J 175 21.08 5.91 -33.21
C LEU J 175 20.36 6.99 -34.00
N TYR J 176 20.87 8.22 -33.90
CA TYR J 176 20.26 9.36 -34.57
C TYR J 176 20.90 9.61 -35.92
N SER J 177 20.15 10.29 -36.78
CA SER J 177 20.60 10.52 -38.16
C SER J 177 19.86 11.74 -38.69
N LEU J 178 20.62 12.77 -39.09
CA LEU J 178 20.03 13.93 -39.75
C LEU J 178 20.76 14.22 -41.04
N SER J 179 20.24 15.20 -41.77
CA SER J 179 20.85 15.68 -43.00
C SER J 179 20.85 17.19 -43.01
N SER J 180 21.95 17.77 -43.49
CA SER J 180 22.08 19.19 -43.71
C SER J 180 22.26 19.40 -45.20
N VAL J 181 21.48 20.31 -45.78
CA VAL J 181 21.53 20.57 -47.22
C VAL J 181 21.68 22.06 -47.43
N VAL J 182 22.16 22.41 -48.62
CA VAL J 182 22.28 23.80 -49.03
C VAL J 182 22.11 23.87 -50.55
N THR J 183 21.26 24.80 -50.99
CA THR J 183 21.08 25.11 -52.40
C THR J 183 21.96 26.30 -52.74
N VAL J 184 22.77 26.18 -53.78
CA VAL J 184 23.70 27.23 -54.16
C VAL J 184 23.74 27.35 -55.68
N PRO J 185 24.16 28.52 -56.19
CA PRO J 185 24.42 28.66 -57.62
C PRO J 185 25.20 27.49 -58.20
N SER J 186 24.63 26.83 -59.21
CA SER J 186 25.37 25.79 -59.91
C SER J 186 26.58 26.36 -60.65
N SER J 187 26.60 27.68 -60.89
CA SER J 187 27.81 28.33 -61.34
C SER J 187 28.97 28.06 -60.38
N SER J 188 28.68 28.02 -59.08
CA SER J 188 29.73 28.04 -58.07
C SER J 188 30.36 26.68 -57.81
N LEU J 189 29.76 25.60 -58.29
CA LEU J 189 30.26 24.25 -58.03
C LEU J 189 31.77 24.15 -58.27
N GLY J 190 32.20 24.41 -59.50
CA GLY J 190 33.61 24.34 -59.81
C GLY J 190 34.43 25.39 -59.09
N THR J 191 33.83 26.54 -58.79
CA THR J 191 34.60 27.67 -58.24
C THR J 191 34.69 27.59 -56.71
N GLN J 192 33.59 27.88 -56.04
CA GLN J 192 33.55 27.92 -54.57
C GLN J 192 33.69 26.51 -53.99
N THR J 193 34.21 26.44 -52.76
CA THR J 193 34.39 25.18 -52.05
C THR J 193 33.43 25.11 -50.85
N TYR J 194 32.87 23.93 -50.63
CA TYR J 194 31.79 23.75 -49.64
C TYR J 194 32.20 22.70 -48.63
N ILE J 195 32.25 23.09 -47.35
CA ILE J 195 32.62 22.19 -46.26
C ILE J 195 31.57 22.33 -45.16
N CYS J 196 31.10 21.19 -44.65
CA CYS J 196 30.18 21.17 -43.52
C CYS J 196 30.95 20.79 -42.26
N ASN J 197 30.70 21.54 -41.19
CA ASN J 197 31.34 21.33 -39.89
C ASN J 197 30.26 20.85 -38.93
N VAL J 198 30.38 19.59 -38.51
CA VAL J 198 29.44 18.95 -37.61
C VAL J 198 30.12 18.79 -36.26
N ASN J 199 29.35 19.08 -35.21
CA ASN J 199 29.84 19.18 -33.85
C ASN J 199 28.94 18.34 -32.96
N HIS J 200 29.51 17.33 -32.32
CA HIS J 200 28.78 16.44 -31.43
C HIS J 200 29.47 16.48 -30.08
N LYS J 201 28.96 17.32 -29.18
CA LYS J 201 29.61 17.54 -27.90
C LYS J 201 29.48 16.36 -26.94
N PRO J 202 28.36 15.64 -26.90
CA PRO J 202 28.33 14.41 -26.09
C PRO J 202 29.46 13.45 -26.40
N SER J 203 29.94 13.39 -27.64
CA SER J 203 31.04 12.52 -28.03
C SER J 203 32.33 13.29 -28.29
N ASN J 204 32.36 14.60 -28.02
CA ASN J 204 33.54 15.44 -28.22
C ASN J 204 34.06 15.36 -29.65
N THR J 205 33.17 15.22 -30.62
CA THR J 205 33.54 14.95 -32.00
C THR J 205 33.34 16.19 -32.85
N LYS J 206 34.32 16.46 -33.71
CA LYS J 206 34.22 17.52 -34.70
C LYS J 206 34.63 16.92 -36.04
N VAL J 207 33.79 17.10 -37.07
CA VAL J 207 34.08 16.56 -38.39
C VAL J 207 33.80 17.63 -39.44
N ASP J 208 34.77 17.87 -40.32
CA ASP J 208 34.59 18.73 -41.48
C ASP J 208 34.61 17.88 -42.73
N LYS J 209 33.56 18.01 -43.54
CA LYS J 209 33.40 17.21 -44.75
C LYS J 209 33.34 18.12 -45.97
N LYS J 210 34.25 17.90 -46.90
CA LYS J 210 34.23 18.56 -48.20
C LYS J 210 33.26 17.84 -49.12
N VAL J 211 32.36 18.58 -49.75
CA VAL J 211 31.35 18.01 -50.62
C VAL J 211 31.62 18.50 -52.04
N GLU J 212 31.87 17.57 -52.95
CA GLU J 212 32.26 17.83 -54.32
C GLU J 212 31.59 16.82 -55.22
N PRO J 213 31.45 17.10 -56.50
CA PRO J 213 30.88 16.12 -57.42
C PRO J 213 31.95 15.17 -57.96
N LYS J 214 31.51 14.25 -58.80
CA LYS J 214 32.35 13.45 -59.69
C LYS J 214 31.44 12.57 -60.54
N VAL K 2 -14.11 -39.62 21.38
CA VAL K 2 -14.43 -38.28 20.94
C VAL K 2 -13.27 -37.32 21.27
N GLN K 3 -12.68 -36.72 20.24
CA GLN K 3 -11.45 -35.95 20.42
C GLN K 3 -11.30 -34.93 19.30
N LEU K 4 -10.50 -33.90 19.60
CA LEU K 4 -10.05 -32.91 18.64
C LEU K 4 -8.53 -32.90 18.64
N VAL K 5 -7.93 -32.95 17.45
CA VAL K 5 -6.48 -32.95 17.32
C VAL K 5 -6.06 -31.71 16.54
N GLU K 6 -5.25 -30.87 17.17
CA GLU K 6 -4.65 -29.74 16.48
C GLU K 6 -3.31 -30.15 15.90
N SER K 7 -3.01 -29.62 14.72
CA SER K 7 -1.75 -29.90 14.04
C SER K 7 -1.41 -28.71 13.17
N GLY K 8 -0.20 -28.74 12.60
CA GLY K 8 0.24 -27.66 11.74
C GLY K 8 0.88 -26.49 12.46
N GLY K 9 1.09 -26.58 13.76
CA GLY K 9 1.77 -25.52 14.47
C GLY K 9 3.27 -25.58 14.25
N GLY K 10 3.98 -24.86 15.10
CA GLY K 10 5.43 -24.85 15.01
C GLY K 10 6.03 -23.47 14.95
N LEU K 11 7.07 -23.31 14.13
CA LEU K 11 7.96 -22.16 14.17
C LEU K 11 7.88 -21.39 12.86
N VAL K 12 7.66 -20.06 12.95
CA VAL K 12 7.81 -19.19 11.79
C VAL K 12 8.35 -17.84 12.23
N GLN K 13 8.86 -17.08 11.26
CA GLN K 13 9.44 -15.76 11.46
C GLN K 13 8.37 -14.69 11.45
N PRO K 14 8.64 -13.52 12.04
CA PRO K 14 7.71 -12.40 11.95
C PRO K 14 7.37 -12.08 10.50
N GLY K 15 6.06 -11.92 10.23
CA GLY K 15 5.56 -11.72 8.89
C GLY K 15 5.18 -12.99 8.17
N GLY K 16 5.63 -14.15 8.64
CA GLY K 16 5.40 -15.41 7.97
C GLY K 16 3.97 -15.92 8.10
N SER K 17 3.73 -17.07 7.47
CA SER K 17 2.41 -17.68 7.42
C SER K 17 2.44 -19.05 8.09
N LEU K 18 1.28 -19.44 8.61
CA LEU K 18 1.13 -20.74 9.26
C LEU K 18 -0.34 -21.14 9.22
N ARG K 19 -0.64 -22.38 8.82
CA ARG K 19 -2.02 -22.83 8.71
C ARG K 19 -2.26 -24.00 9.65
N LEU K 20 -2.93 -23.73 10.76
CA LEU K 20 -3.30 -24.75 11.72
C LEU K 20 -4.50 -25.55 11.23
N SER K 21 -4.53 -26.83 11.60
CA SER K 21 -5.61 -27.74 11.28
C SER K 21 -6.13 -28.35 12.57
N CYS K 22 -7.43 -28.64 12.61
CA CYS K 22 -8.05 -29.26 13.77
C CYS K 22 -9.02 -30.33 13.27
N ALA K 23 -8.69 -31.59 13.52
CA ALA K 23 -9.48 -32.72 13.06
C ALA K 23 -10.36 -33.24 14.19
N ALA K 24 -11.58 -33.60 13.83
CA ALA K 24 -12.56 -34.19 14.77
C ALA K 24 -12.56 -35.70 14.57
N SER K 25 -12.40 -36.45 15.64
CA SER K 25 -12.45 -37.93 15.56
C SER K 25 -13.22 -38.39 16.78
N GLY K 26 -14.11 -39.35 16.60
CA GLY K 26 -14.99 -39.88 17.65
C GLY K 26 -16.37 -39.29 17.51
N PHE K 27 -16.44 -38.13 16.84
CA PHE K 27 -17.71 -37.45 16.52
C PHE K 27 -17.51 -36.68 15.23
N ASN K 28 -18.55 -35.97 14.79
CA ASN K 28 -18.46 -35.18 13.55
C ASN K 28 -18.87 -33.73 13.81
N PHE K 29 -18.09 -32.78 13.30
CA PHE K 29 -18.46 -31.35 13.41
C PHE K 29 -19.62 -31.15 12.44
N SER K 30 -20.82 -31.00 12.97
CA SER K 30 -21.95 -30.92 12.03
C SER K 30 -22.54 -29.52 12.09
N TYR K 31 -23.36 -29.27 13.10
CA TYR K 31 -24.01 -27.96 13.27
C TYR K 31 -23.27 -27.29 14.41
N SER K 32 -22.07 -27.75 14.68
CA SER K 32 -21.29 -27.24 15.83
C SER K 32 -20.66 -25.87 15.55
N SER K 33 -20.43 -25.08 16.59
CA SER K 33 -19.64 -23.86 16.40
C SER K 33 -18.21 -24.29 16.73
N ILE K 34 -17.25 -23.91 15.93
CA ILE K 34 -15.86 -24.28 16.16
C ILE K 34 -15.07 -23.01 16.46
N HIS K 35 -14.29 -23.05 17.53
CA HIS K 35 -13.54 -21.90 18.00
C HIS K 35 -12.05 -22.19 18.05
N TRP K 36 -11.27 -21.16 17.80
CA TRP K 36 -9.84 -21.14 18.10
C TRP K 36 -9.63 -20.14 19.23
N VAL K 37 -9.18 -20.66 20.37
CA VAL K 37 -8.75 -19.88 21.52
C VAL K 37 -7.23 -20.05 21.60
N ARG K 38 -6.54 -19.08 22.20
CA ARG K 38 -5.11 -19.21 22.37
C ARG K 38 -4.70 -18.79 23.77
N GLN K 39 -3.50 -19.21 24.16
CA GLN K 39 -3.00 -18.97 25.51
C GLN K 39 -1.49 -18.82 25.43
N ALA K 40 -0.99 -17.62 25.71
CA ALA K 40 0.44 -17.39 25.80
C ALA K 40 0.97 -17.93 27.12
N PRO K 41 2.27 -18.25 27.18
CA PRO K 41 2.82 -18.87 28.40
C PRO K 41 2.57 -18.01 29.64
N GLY K 42 2.02 -18.64 30.68
CA GLY K 42 1.74 -17.95 31.92
C GLY K 42 0.61 -16.96 31.86
N LYS K 43 -0.17 -16.95 30.80
CA LYS K 43 -1.21 -15.95 30.57
C LYS K 43 -2.57 -16.63 30.46
N GLY K 44 -3.61 -15.81 30.29
CA GLY K 44 -4.97 -16.32 30.23
C GLY K 44 -5.43 -16.63 28.81
N LEU K 45 -6.62 -17.22 28.73
CA LEU K 45 -7.19 -17.58 27.44
C LEU K 45 -7.55 -16.32 26.65
N GLU K 46 -7.25 -16.35 25.35
CA GLU K 46 -7.68 -15.29 24.43
C GLU K 46 -8.38 -15.95 23.25
N TRP K 47 -9.70 -15.85 23.22
CA TRP K 47 -10.45 -16.27 22.04
C TRP K 47 -9.98 -15.47 20.83
N VAL K 48 -9.73 -16.16 19.72
CA VAL K 48 -9.28 -15.52 18.50
C VAL K 48 -10.29 -15.62 17.38
N ALA K 49 -11.00 -16.74 17.25
CA ALA K 49 -11.93 -16.81 16.12
C ALA K 49 -12.95 -17.92 16.33
N TYR K 50 -14.04 -17.84 15.57
CA TYR K 50 -14.97 -18.95 15.49
C TYR K 50 -15.64 -18.97 14.13
N ILE K 51 -16.16 -20.15 13.77
CA ILE K 51 -17.01 -20.35 12.62
C ILE K 51 -18.25 -21.11 13.07
N TYR K 52 -19.42 -20.68 12.60
CA TYR K 52 -20.64 -21.48 12.70
C TYR K 52 -20.64 -22.44 11.51
N SER K 53 -20.38 -23.72 11.78
CA SER K 53 -20.07 -24.64 10.69
C SER K 53 -21.28 -24.92 9.80
N SER K 54 -22.50 -24.80 10.33
CA SER K 54 -23.67 -25.05 9.52
C SER K 54 -23.85 -23.97 8.45
N SER K 55 -23.59 -22.72 8.78
CA SER K 55 -23.77 -21.61 7.86
C SER K 55 -22.47 -21.04 7.30
N GLY K 56 -21.32 -21.36 7.91
CA GLY K 56 -20.07 -20.78 7.49
C GLY K 56 -19.82 -19.38 8.01
N TYR K 57 -20.70 -18.83 8.84
CA TYR K 57 -20.48 -17.51 9.40
C TYR K 57 -19.28 -17.52 10.33
N THR K 58 -18.50 -16.44 10.29
CA THR K 58 -17.26 -16.36 11.05
C THR K 58 -17.23 -15.10 11.91
N SER K 59 -16.46 -15.17 12.98
CA SER K 59 -16.14 -14.00 13.79
C SER K 59 -14.68 -14.07 14.21
N TYR K 60 -14.07 -12.91 14.40
CA TYR K 60 -12.65 -12.80 14.70
C TYR K 60 -12.42 -11.80 15.81
N ALA K 61 -11.34 -12.01 16.57
CA ALA K 61 -10.93 -11.07 17.58
C ALA K 61 -10.27 -9.85 16.93
N ASP K 62 -10.37 -8.70 17.61
CA ASP K 62 -9.79 -7.47 17.08
C ASP K 62 -8.29 -7.62 16.83
N SER K 63 -7.58 -8.26 17.75
CA SER K 63 -6.13 -8.38 17.68
C SER K 63 -5.66 -9.16 16.47
N VAL K 64 -6.59 -9.59 15.63
CA VAL K 64 -6.29 -10.69 14.72
C VAL K 64 -7.03 -10.56 13.39
N LYS K 65 -7.97 -9.63 13.33
CA LYS K 65 -8.82 -9.48 12.16
C LYS K 65 -8.03 -8.94 10.97
N GLY K 66 -8.36 -9.42 9.78
CA GLY K 66 -7.62 -9.08 8.59
C GLY K 66 -6.38 -9.89 8.35
N ARG K 67 -5.91 -10.64 9.36
CA ARG K 67 -4.74 -11.49 9.22
C ARG K 67 -5.08 -12.98 9.32
N PHE K 68 -6.08 -13.36 10.11
CA PHE K 68 -6.44 -14.75 10.30
C PHE K 68 -7.74 -15.06 9.56
N THR K 69 -7.85 -16.31 9.11
CA THR K 69 -9.06 -16.77 8.44
C THR K 69 -9.39 -18.16 8.94
N ILE K 70 -10.59 -18.32 9.48
CA ILE K 70 -11.05 -19.63 9.96
C ILE K 70 -11.95 -20.24 8.90
N SER K 71 -11.83 -21.53 8.74
CA SER K 71 -12.59 -22.23 7.69
C SER K 71 -12.88 -23.65 8.13
N ALA K 72 -13.72 -24.34 7.40
CA ALA K 72 -13.95 -25.72 7.82
C ALA K 72 -14.23 -26.57 6.59
N ASP K 73 -13.97 -27.86 6.69
CA ASP K 73 -14.35 -28.74 5.57
C ASP K 73 -15.21 -29.86 6.15
N THR K 74 -16.50 -29.87 5.85
CA THR K 74 -17.48 -30.92 6.25
C THR K 74 -17.12 -32.21 5.55
N SER K 75 -16.61 -32.04 4.34
CA SER K 75 -16.05 -33.04 3.43
C SER K 75 -14.90 -33.75 4.13
N LYS K 76 -14.07 -33.06 4.89
CA LYS K 76 -12.93 -33.74 5.55
C LYS K 76 -13.05 -33.73 7.07
N ASN K 77 -14.14 -33.19 7.60
CA ASN K 77 -14.42 -33.13 9.05
C ASN K 77 -13.27 -32.38 9.72
N THR K 78 -12.82 -31.30 9.12
CA THR K 78 -11.66 -30.59 9.70
C THR K 78 -11.86 -29.09 9.64
N ALA K 79 -11.45 -28.39 10.67
CA ALA K 79 -11.40 -26.93 10.65
C ALA K 79 -9.96 -26.45 10.46
N TYR K 80 -9.82 -25.18 10.09
CA TYR K 80 -8.52 -24.59 9.80
C TYR K 80 -8.46 -23.15 10.25
N LEU K 81 -7.25 -22.74 10.64
CA LEU K 81 -6.93 -21.35 10.95
C LEU K 81 -5.71 -20.95 10.11
N GLN K 82 -5.93 -20.09 9.13
CA GLN K 82 -4.85 -19.53 8.32
C GLN K 82 -4.38 -18.24 8.96
N MET K 83 -3.11 -18.21 9.38
CA MET K 83 -2.53 -17.09 10.10
C MET K 83 -1.46 -16.46 9.22
N ASN K 84 -1.74 -15.25 8.74
CA ASN K 84 -0.80 -14.48 7.93
C ASN K 84 -0.28 -13.30 8.73
N SER K 85 0.85 -12.75 8.28
CA SER K 85 1.47 -11.58 8.89
C SER K 85 1.63 -11.77 10.40
N LEU K 86 2.03 -12.98 10.80
CA LEU K 86 2.20 -13.29 12.21
C LEU K 86 3.25 -12.38 12.83
N ARG K 87 3.00 -11.96 14.07
CA ARG K 87 3.96 -11.18 14.83
C ARG K 87 4.30 -11.91 16.13
N ALA K 88 5.29 -11.37 16.84
CA ALA K 88 5.83 -12.07 18.00
C ALA K 88 4.77 -12.35 19.05
N GLU K 89 3.84 -11.42 19.24
CA GLU K 89 2.82 -11.58 20.28
C GLU K 89 1.72 -12.56 19.89
N ASP K 90 1.75 -13.11 18.68
CA ASP K 90 0.87 -14.21 18.33
C ASP K 90 1.36 -15.55 18.86
N THR K 91 2.54 -15.57 19.49
CA THR K 91 3.11 -16.80 20.01
C THR K 91 2.28 -17.31 21.18
N ALA K 92 1.81 -18.55 21.07
CA ALA K 92 0.94 -19.11 22.11
C ALA K 92 0.65 -20.57 21.78
N VAL K 93 0.05 -21.26 22.76
CA VAL K 93 -0.61 -22.53 22.51
C VAL K 93 -1.99 -22.22 21.94
N TYR K 94 -2.27 -22.75 20.76
CA TYR K 94 -3.54 -22.57 20.08
C TYR K 94 -4.41 -23.80 20.31
N TYR K 95 -5.57 -23.58 20.92
CA TYR K 95 -6.57 -24.59 21.19
C TYR K 95 -7.71 -24.50 20.18
N CYS K 96 -8.17 -25.66 19.76
CA CYS K 96 -9.39 -25.82 18.98
C CYS K 96 -10.49 -26.36 19.90
N ALA K 97 -11.71 -25.87 19.73
CA ALA K 97 -12.78 -26.21 20.64
C ALA K 97 -14.13 -26.14 19.94
N ARG K 98 -15.01 -26.97 20.41
CA ARG K 98 -16.22 -27.10 19.62
C ARG K 98 -17.41 -26.92 20.50
N GLY K 99 -18.46 -26.61 19.81
CA GLY K 99 -19.60 -26.08 20.50
C GLY K 99 -20.89 -26.58 19.94
N ASP K 100 -21.47 -27.31 20.81
CA ASP K 100 -22.91 -27.52 20.80
C ASP K 100 -23.65 -26.19 20.70
N SER K 101 -23.45 -25.33 21.71
CA SER K 101 -23.93 -23.96 21.68
C SER K 101 -23.22 -23.17 20.58
N TRP K 102 -23.43 -21.86 20.57
CA TRP K 102 -22.63 -20.95 19.78
C TRP K 102 -21.45 -20.38 20.58
N TYR K 103 -21.31 -20.79 21.84
CA TYR K 103 -20.35 -20.15 22.73
C TYR K 103 -19.76 -21.12 23.76
N ALA K 104 -20.59 -22.03 24.27
CA ALA K 104 -20.14 -22.95 25.30
C ALA K 104 -19.29 -24.04 24.65
N MET K 105 -17.99 -24.01 24.92
CA MET K 105 -17.03 -24.94 24.33
C MET K 105 -16.92 -26.15 25.24
N ASP K 106 -17.56 -27.26 24.86
CA ASP K 106 -17.58 -28.43 25.72
C ASP K 106 -16.44 -29.42 25.43
N TYR K 107 -15.90 -29.43 24.21
CA TYR K 107 -14.75 -30.25 23.88
C TYR K 107 -13.62 -29.37 23.35
N TRP K 108 -12.40 -29.69 23.80
CA TRP K 108 -11.19 -28.97 23.46
C TRP K 108 -10.10 -29.95 23.05
N GLY K 109 -9.30 -29.57 22.07
CA GLY K 109 -8.08 -30.29 21.78
C GLY K 109 -7.02 -30.00 22.84
N GLN K 110 -5.86 -30.64 22.67
CA GLN K 110 -4.78 -30.41 23.62
C GLN K 110 -3.97 -29.16 23.29
N GLY K 111 -4.00 -28.70 22.05
CA GLY K 111 -3.33 -27.48 21.68
C GLY K 111 -2.03 -27.68 20.93
N THR K 112 -1.79 -26.87 19.90
CA THR K 112 -0.49 -26.83 19.25
C THR K 112 0.26 -25.60 19.69
N LEU K 113 1.57 -25.72 19.86
CA LEU K 113 2.38 -24.54 20.15
C LEU K 113 2.75 -23.84 18.85
N VAL K 114 2.65 -22.52 18.85
CA VAL K 114 3.05 -21.70 17.72
C VAL K 114 4.00 -20.62 18.23
N THR K 115 5.22 -20.61 17.70
CA THR K 115 6.25 -19.66 18.08
C THR K 115 6.60 -18.79 16.89
N VAL K 116 6.62 -17.48 17.12
CA VAL K 116 6.89 -16.48 16.11
C VAL K 116 8.15 -15.72 16.55
N SER K 117 9.26 -15.95 15.87
CA SER K 117 10.52 -15.35 16.27
C SER K 117 11.48 -15.38 15.08
N SER K 118 12.52 -14.54 15.18
CA SER K 118 13.60 -14.58 14.21
C SER K 118 14.57 -15.72 14.48
N ALA K 119 14.58 -16.25 15.70
CA ALA K 119 15.53 -17.28 16.09
C ALA K 119 15.31 -18.55 15.29
N SER K 120 16.40 -19.30 15.09
CA SER K 120 16.39 -20.54 14.34
C SER K 120 16.58 -21.72 15.28
N THR K 121 15.91 -22.83 14.96
CA THR K 121 15.93 -24.05 15.75
C THR K 121 17.33 -24.39 16.25
N LYS K 122 17.45 -24.63 17.55
CA LYS K 122 18.76 -24.82 18.17
C LYS K 122 18.60 -25.66 19.42
N GLY K 123 19.44 -26.70 19.54
CA GLY K 123 19.46 -27.54 20.72
C GLY K 123 20.14 -26.84 21.88
N PRO K 124 19.90 -27.32 23.09
CA PRO K 124 20.44 -26.65 24.27
C PRO K 124 21.86 -27.10 24.59
N SER K 125 22.54 -26.26 25.36
CA SER K 125 23.76 -26.65 26.05
C SER K 125 23.41 -26.85 27.52
N VAL K 126 23.74 -28.02 28.05
CA VAL K 126 23.43 -28.37 29.43
C VAL K 126 24.68 -28.15 30.27
N PHE K 127 24.53 -27.40 31.36
CA PHE K 127 25.66 -27.17 32.25
C PHE K 127 25.34 -27.65 33.65
N PRO K 128 26.28 -28.29 34.33
CA PRO K 128 25.99 -28.77 35.68
C PRO K 128 25.78 -27.62 36.66
N LEU K 129 24.89 -27.86 37.62
CA LEU K 129 24.73 -27.02 38.80
C LEU K 129 25.22 -27.90 39.94
N ALA K 130 26.43 -27.64 40.41
CA ALA K 130 27.18 -28.57 41.24
C ALA K 130 26.93 -28.32 42.72
N PRO K 131 26.69 -29.40 43.47
CA PRO K 131 26.47 -29.26 44.92
C PRO K 131 27.76 -28.91 45.64
N SER K 132 27.63 -28.14 46.70
CA SER K 132 28.76 -27.49 47.35
C SER K 132 29.05 -28.11 48.71
N SER K 133 29.70 -27.35 49.58
CA SER K 133 29.94 -27.73 50.96
C SER K 133 28.62 -27.86 51.70
N ALA K 136 21.19 -31.27 50.66
CA ALA K 136 21.92 -30.53 49.63
C ALA K 136 21.22 -30.63 48.28
N ALA K 137 21.58 -29.73 47.36
CA ALA K 137 20.87 -29.58 46.09
C ALA K 137 21.85 -29.53 44.93
N LEU K 138 21.37 -29.96 43.76
CA LEU K 138 22.15 -29.95 42.53
C LEU K 138 21.19 -29.83 41.36
N GLY K 139 21.73 -29.74 40.15
CA GLY K 139 20.87 -29.66 38.99
C GLY K 139 21.58 -29.50 37.66
N CYS K 140 20.80 -29.06 36.68
CA CYS K 140 21.24 -28.89 35.30
C CYS K 140 20.63 -27.61 34.74
N LEU K 141 21.47 -26.77 34.15
CA LEU K 141 21.03 -25.55 33.48
C LEU K 141 20.90 -25.87 31.99
N VAL K 142 19.65 -25.93 31.51
CA VAL K 142 19.34 -26.20 30.12
C VAL K 142 19.28 -24.84 29.43
N LYS K 143 20.36 -24.48 28.72
CA LYS K 143 20.59 -23.11 28.31
C LYS K 143 20.61 -22.97 26.80
N ASP K 144 19.99 -21.90 26.29
CA ASP K 144 20.12 -21.47 24.89
C ASP K 144 19.57 -22.53 23.93
N TYR K 145 18.25 -22.71 23.98
CA TYR K 145 17.55 -23.57 23.04
C TYR K 145 16.36 -22.81 22.44
N PHE K 146 15.79 -23.39 21.39
CA PHE K 146 14.69 -22.79 20.64
C PHE K 146 14.19 -23.79 19.59
N PRO K 147 12.86 -23.94 19.44
CA PRO K 147 11.82 -23.32 20.27
C PRO K 147 11.52 -24.17 21.50
N GLU K 148 10.42 -23.88 22.18
CA GLU K 148 9.91 -24.78 23.20
C GLU K 148 9.31 -26.01 22.51
N PRO K 149 9.17 -27.13 23.24
CA PRO K 149 9.53 -27.37 24.64
C PRO K 149 10.80 -28.18 24.80
N VAL K 150 11.12 -28.50 26.06
CA VAL K 150 12.26 -29.33 26.40
C VAL K 150 11.85 -30.22 27.58
N THR K 151 12.35 -31.45 27.60
CA THR K 151 12.03 -32.41 28.64
C THR K 151 13.29 -32.71 29.44
N VAL K 152 13.18 -32.70 30.76
CA VAL K 152 14.30 -33.03 31.64
C VAL K 152 13.84 -34.08 32.63
N SER K 153 14.44 -35.25 32.58
CA SER K 153 14.29 -36.27 33.59
C SER K 153 15.62 -36.46 34.31
N TRP K 154 15.61 -37.25 35.38
CA TRP K 154 16.81 -37.49 36.16
C TRP K 154 17.03 -38.98 36.35
N ASN K 155 18.25 -39.42 36.09
CA ASN K 155 18.61 -40.84 36.15
C ASN K 155 17.66 -41.70 35.33
N SER K 156 17.28 -41.17 34.17
CA SER K 156 16.40 -41.80 33.18
C SER K 156 14.98 -42.01 33.69
N GLY K 157 14.68 -41.65 34.93
CA GLY K 157 13.35 -41.84 35.49
C GLY K 157 13.40 -42.29 36.94
N ALA K 158 14.50 -42.96 37.32
CA ALA K 158 14.64 -43.47 38.68
C ALA K 158 14.45 -42.37 39.72
N LEU K 159 14.92 -41.16 39.41
CA LEU K 159 14.86 -40.04 40.34
C LEU K 159 13.70 -39.13 39.96
N THR K 160 12.72 -39.01 40.87
CA THR K 160 11.61 -38.10 40.67
C THR K 160 11.33 -37.30 41.94
N SER K 161 11.32 -37.99 43.08
CA SER K 161 11.03 -37.34 44.34
C SER K 161 12.07 -36.26 44.64
N GLY K 162 11.61 -35.03 44.82
CA GLY K 162 12.45 -33.90 45.13
C GLY K 162 12.84 -33.05 43.95
N VAL K 163 12.42 -33.40 42.74
CA VAL K 163 12.83 -32.70 41.54
C VAL K 163 11.91 -31.52 41.28
N HIS K 164 12.51 -30.37 40.94
CA HIS K 164 11.79 -29.20 40.47
C HIS K 164 12.36 -28.81 39.11
N THR K 165 11.59 -29.04 38.06
CA THR K 165 11.93 -28.57 36.72
C THR K 165 11.16 -27.28 36.47
N PHE K 166 11.86 -26.23 36.17
CA PHE K 166 11.25 -24.91 36.16
C PHE K 166 10.71 -24.57 34.77
N PRO K 167 9.72 -23.68 34.72
CA PRO K 167 9.33 -23.11 33.43
C PRO K 167 10.51 -22.39 32.79
N ALA K 168 10.59 -22.47 31.47
CA ALA K 168 11.65 -21.78 30.76
C ALA K 168 11.48 -20.28 30.86
N VAL K 169 12.59 -19.57 30.65
CA VAL K 169 12.58 -18.12 30.54
C VAL K 169 13.05 -17.77 29.13
N LEU K 170 12.42 -16.76 28.53
CA LEU K 170 12.82 -16.29 27.21
C LEU K 170 13.85 -15.18 27.39
N GLN K 171 15.09 -15.48 27.02
CA GLN K 171 16.16 -14.51 27.16
C GLN K 171 16.10 -13.47 26.05
N SER K 172 16.80 -12.36 26.27
CA SER K 172 16.80 -11.25 25.31
C SER K 172 17.37 -11.65 23.95
N SER K 173 18.04 -12.80 23.86
CA SER K 173 18.53 -13.31 22.59
C SER K 173 17.45 -14.01 21.77
N GLY K 174 16.24 -14.12 22.31
CA GLY K 174 15.23 -14.94 21.66
C GLY K 174 15.39 -16.42 21.87
N LEU K 175 16.29 -16.83 22.76
CA LEU K 175 16.51 -18.23 23.09
C LEU K 175 16.06 -18.50 24.50
N TYR K 176 15.65 -19.75 24.76
CA TYR K 176 15.07 -20.13 26.04
C TYR K 176 16.13 -20.74 26.96
N SER K 177 15.89 -20.60 28.25
CA SER K 177 16.76 -21.18 29.26
C SER K 177 15.92 -21.59 30.45
N LEU K 178 16.08 -22.83 30.90
CA LEU K 178 15.46 -23.29 32.14
C LEU K 178 16.51 -23.97 33.00
N SER K 179 16.10 -24.36 34.20
CA SER K 179 16.96 -25.15 35.07
C SER K 179 16.12 -26.25 35.72
N SER K 180 16.78 -27.36 35.99
CA SER K 180 16.15 -28.54 36.57
C SER K 180 16.97 -28.96 37.78
N VAL K 181 16.40 -28.85 38.98
CA VAL K 181 17.14 -29.07 40.20
C VAL K 181 16.51 -30.22 40.98
N VAL K 182 17.31 -30.77 41.90
CA VAL K 182 16.93 -31.86 42.80
C VAL K 182 17.58 -31.62 44.15
N THR K 183 16.84 -31.90 45.20
CA THR K 183 17.46 -31.84 46.54
C THR K 183 17.66 -33.29 46.93
N VAL K 184 18.83 -33.59 47.48
CA VAL K 184 19.17 -34.97 47.90
C VAL K 184 19.94 -34.90 49.22
N PRO K 185 20.18 -36.04 49.88
CA PRO K 185 20.90 -36.04 51.13
C PRO K 185 22.37 -35.81 50.79
N SER K 186 23.05 -34.98 51.58
CA SER K 186 24.48 -34.70 51.28
C SER K 186 25.29 -35.99 51.29
N SER K 187 25.04 -36.88 52.25
CA SER K 187 25.72 -38.20 52.38
C SER K 187 25.84 -38.91 51.03
N SER K 188 24.77 -38.99 50.26
CA SER K 188 24.74 -39.67 48.93
C SER K 188 25.59 -38.97 47.86
N LEU K 189 26.15 -37.79 48.11
CA LEU K 189 26.83 -37.11 47.01
C LEU K 189 28.00 -37.94 46.46
N GLY K 190 28.91 -38.35 47.34
CA GLY K 190 30.03 -39.16 46.88
C GLY K 190 29.61 -40.49 46.29
N THR K 191 28.49 -41.06 46.77
CA THR K 191 28.10 -42.42 46.42
C THR K 191 27.37 -42.50 45.08
N GLN K 192 26.15 -41.99 45.03
CA GLN K 192 25.26 -42.24 43.91
C GLN K 192 25.43 -41.18 42.82
N THR K 193 25.33 -41.62 41.58
CA THR K 193 25.53 -40.76 40.43
C THR K 193 24.22 -40.10 40.02
N TYR K 194 24.29 -38.83 39.62
CA TYR K 194 23.12 -38.07 39.18
C TYR K 194 23.35 -37.59 37.76
N ILE K 195 22.68 -38.22 36.81
CA ILE K 195 22.68 -37.77 35.42
C ILE K 195 21.35 -37.09 35.14
N CYS K 196 21.38 -35.99 34.40
CA CYS K 196 20.17 -35.35 33.91
C CYS K 196 20.03 -35.59 32.41
N ASN K 197 18.79 -35.89 32.00
CA ASN K 197 18.44 -36.32 30.65
C ASN K 197 17.59 -35.23 30.02
N VAL K 198 18.11 -34.62 28.95
CA VAL K 198 17.54 -33.43 28.34
C VAL K 198 17.19 -33.78 26.90
N ASN K 199 15.91 -33.77 26.58
CA ASN K 199 15.40 -33.98 25.22
C ASN K 199 14.88 -32.66 24.68
N HIS K 200 15.35 -32.29 23.49
CA HIS K 200 14.83 -31.15 22.72
C HIS K 200 14.46 -31.75 21.37
N LYS K 201 13.21 -32.21 21.28
CA LYS K 201 12.73 -32.84 20.05
C LYS K 201 12.75 -31.92 18.83
N PRO K 202 12.47 -30.61 18.92
CA PRO K 202 12.48 -29.78 17.70
C PRO K 202 13.82 -29.74 16.97
N SER K 203 14.93 -30.01 17.66
CA SER K 203 16.22 -30.17 17.01
C SER K 203 16.72 -31.61 17.08
N ASN K 204 15.93 -32.51 17.64
CA ASN K 204 16.33 -33.88 17.95
C ASN K 204 17.71 -33.89 18.62
N THR K 205 17.79 -33.18 19.74
CA THR K 205 18.99 -33.16 20.57
C THR K 205 18.67 -33.88 21.88
N LYS K 206 19.44 -34.93 22.17
CA LYS K 206 19.35 -35.63 23.44
C LYS K 206 20.71 -35.53 24.12
N VAL K 207 20.71 -35.11 25.39
CA VAL K 207 21.95 -34.87 26.11
C VAL K 207 21.77 -35.37 27.53
N ASP K 208 22.64 -36.28 27.95
CA ASP K 208 22.71 -36.69 29.35
C ASP K 208 24.01 -36.16 29.93
N LYS K 209 23.92 -35.43 31.03
CA LYS K 209 25.09 -34.86 31.68
C LYS K 209 25.14 -35.33 33.13
N LYS K 210 26.30 -35.84 33.53
CA LYS K 210 26.50 -36.25 34.91
C LYS K 210 26.90 -35.04 35.75
N VAL K 211 26.37 -34.97 36.96
CA VAL K 211 26.51 -33.81 37.84
C VAL K 211 27.22 -34.28 39.11
N GLU K 212 28.37 -33.70 39.39
CA GLU K 212 29.20 -34.11 40.52
C GLU K 212 29.77 -32.87 41.18
N PRO K 213 30.07 -32.94 42.50
CA PRO K 213 30.44 -31.77 43.32
C PRO K 213 31.55 -30.89 42.72
N VAL L 2 -14.64 -25.13 -36.53
CA VAL L 2 -13.29 -25.02 -36.00
C VAL L 2 -12.89 -23.54 -36.02
N GLN L 3 -13.24 -22.81 -34.96
CA GLN L 3 -13.06 -21.37 -34.94
C GLN L 3 -13.07 -20.90 -33.49
N LEU L 4 -13.11 -19.60 -33.27
CA LEU L 4 -13.11 -19.07 -31.91
C LEU L 4 -14.18 -18.00 -31.76
N VAL L 5 -14.80 -17.94 -30.58
CA VAL L 5 -15.87 -16.99 -30.33
C VAL L 5 -15.67 -16.33 -28.97
N GLU L 6 -15.70 -15.01 -28.95
CA GLU L 6 -15.54 -14.22 -27.73
C GLU L 6 -16.90 -13.85 -27.15
N SER L 7 -16.91 -13.62 -25.84
CA SER L 7 -18.09 -13.08 -25.16
C SER L 7 -17.65 -12.50 -23.82
N GLY L 8 -18.59 -11.84 -23.16
CA GLY L 8 -18.30 -11.12 -21.95
C GLY L 8 -17.90 -9.67 -22.15
N GLY L 9 -17.83 -9.20 -23.39
CA GLY L 9 -17.50 -7.82 -23.64
C GLY L 9 -18.68 -6.89 -23.43
N GLY L 10 -18.36 -5.61 -23.20
CA GLY L 10 -19.39 -4.62 -22.98
C GLY L 10 -18.86 -3.30 -22.46
N LEU L 11 -19.52 -2.75 -21.45
CA LEU L 11 -19.17 -1.45 -20.87
C LEU L 11 -18.90 -1.62 -19.38
N VAL L 12 -17.94 -0.86 -18.88
CA VAL L 12 -17.63 -0.85 -17.45
C VAL L 12 -16.94 0.47 -17.12
N GLN L 13 -17.24 1.00 -15.93
CA GLN L 13 -16.71 2.28 -15.52
C GLN L 13 -15.22 2.18 -15.21
N PRO L 14 -14.51 3.31 -15.27
CA PRO L 14 -13.07 3.30 -14.92
C PRO L 14 -12.84 2.71 -13.54
N GLY L 15 -11.71 2.00 -13.40
CA GLY L 15 -11.42 1.27 -12.19
C GLY L 15 -12.20 -0.01 -12.01
N GLY L 16 -13.19 -0.27 -12.86
CA GLY L 16 -14.03 -1.45 -12.76
C GLY L 16 -13.33 -2.73 -13.15
N SER L 17 -14.10 -3.70 -13.66
CA SER L 17 -13.55 -5.02 -13.92
C SER L 17 -14.46 -5.79 -14.85
N LEU L 18 -13.84 -6.59 -15.72
CA LEU L 18 -14.56 -7.43 -16.67
C LEU L 18 -13.85 -8.77 -16.78
N ARG L 19 -14.54 -9.76 -17.33
CA ARG L 19 -13.95 -11.05 -17.67
C ARG L 19 -14.38 -11.43 -19.08
N LEU L 20 -13.43 -11.39 -20.01
CA LEU L 20 -13.67 -11.87 -21.36
C LEU L 20 -13.44 -13.37 -21.44
N SER L 21 -14.24 -14.04 -22.27
CA SER L 21 -14.21 -15.49 -22.41
C SER L 21 -14.10 -15.84 -23.88
N CYS L 22 -13.32 -16.88 -24.18
CA CYS L 22 -13.08 -17.33 -25.55
C CYS L 22 -13.31 -18.83 -25.63
N ALA L 23 -14.26 -19.23 -26.48
CA ALA L 23 -14.65 -20.62 -26.64
C ALA L 23 -14.20 -21.11 -28.00
N ALA L 24 -13.64 -22.33 -28.02
CA ALA L 24 -13.11 -22.92 -29.25
C ALA L 24 -14.10 -23.91 -29.83
N SER L 25 -14.10 -23.93 -31.14
CA SER L 25 -14.96 -24.89 -31.86
C SER L 25 -14.07 -25.75 -32.74
N GLY L 26 -14.35 -27.04 -32.82
CA GLY L 26 -13.63 -27.91 -33.76
C GLY L 26 -12.23 -28.27 -33.32
N PHE L 27 -11.72 -27.62 -32.28
CA PHE L 27 -10.39 -28.00 -31.78
C PHE L 27 -10.31 -27.81 -30.27
N ASN L 28 -9.12 -28.03 -29.71
CA ASN L 28 -8.94 -27.95 -28.25
C ASN L 28 -7.99 -26.80 -27.92
N PHE L 29 -8.04 -26.33 -26.69
CA PHE L 29 -7.09 -25.30 -26.23
C PHE L 29 -6.02 -26.05 -25.47
N SER L 30 -5.37 -27.01 -26.12
CA SER L 30 -4.39 -27.85 -25.39
C SER L 30 -3.11 -27.92 -26.21
N TYR L 31 -1.97 -28.01 -25.54
CA TYR L 31 -0.68 -27.99 -26.29
C TYR L 31 -0.79 -26.85 -27.30
N SER L 32 -0.94 -25.63 -26.80
CA SER L 32 -1.22 -24.47 -27.66
C SER L 32 -0.76 -23.20 -26.99
N SER L 33 -0.76 -22.15 -27.77
CA SER L 33 -0.53 -20.81 -27.23
C SER L 33 -1.78 -19.98 -27.49
N ILE L 34 -2.33 -19.39 -26.44
CA ILE L 34 -3.56 -18.62 -26.53
C ILE L 34 -3.25 -17.16 -26.24
N HIS L 35 -3.63 -16.29 -27.16
CA HIS L 35 -3.32 -14.88 -27.10
C HIS L 35 -4.59 -14.04 -27.06
N TRP L 36 -4.51 -12.92 -26.36
CA TRP L 36 -5.46 -11.83 -26.49
C TRP L 36 -4.75 -10.66 -27.14
N VAL L 37 -5.41 -10.07 -28.14
CA VAL L 37 -4.89 -8.94 -28.92
C VAL L 37 -6.02 -7.93 -29.06
N ARG L 38 -5.76 -6.67 -28.72
CA ARG L 38 -6.80 -5.66 -28.80
C ARG L 38 -6.47 -4.62 -29.86
N GLN L 39 -7.51 -3.89 -30.26
CA GLN L 39 -7.43 -2.92 -31.35
C GLN L 39 -8.38 -1.78 -31.02
N ALA L 40 -7.82 -0.62 -30.70
CA ALA L 40 -8.64 0.56 -30.50
C ALA L 40 -9.16 1.06 -31.84
N PRO L 41 -10.27 1.80 -31.85
CA PRO L 41 -10.90 2.16 -33.13
C PRO L 41 -9.95 2.97 -34.02
N GLY L 42 -9.80 2.51 -35.26
CA GLY L 42 -8.96 3.18 -36.23
C GLY L 42 -7.48 3.09 -35.97
N LYS L 43 -7.05 2.27 -35.01
CA LYS L 43 -5.66 2.14 -34.63
C LYS L 43 -5.17 0.73 -34.94
N GLY L 44 -3.88 0.50 -34.66
CA GLY L 44 -3.25 -0.76 -34.97
C GLY L 44 -3.49 -1.83 -33.91
N LEU L 45 -2.98 -3.01 -34.21
CA LEU L 45 -3.10 -4.15 -33.30
C LEU L 45 -2.14 -4.01 -32.14
N GLU L 46 -2.64 -4.26 -30.93
CA GLU L 46 -1.81 -4.30 -29.73
C GLU L 46 -2.00 -5.65 -29.06
N TRP L 47 -0.98 -6.51 -29.17
CA TRP L 47 -0.95 -7.73 -28.38
C TRP L 47 -0.96 -7.39 -26.90
N VAL L 48 -1.79 -8.10 -26.13
CA VAL L 48 -1.89 -7.84 -24.69
C VAL L 48 -1.48 -9.04 -23.86
N ALA L 49 -1.81 -10.26 -24.27
CA ALA L 49 -1.43 -11.36 -23.37
C ALA L 49 -1.35 -12.69 -24.10
N TYR L 50 -0.64 -13.63 -23.47
CA TYR L 50 -0.75 -15.03 -23.87
C TYR L 50 -0.52 -15.96 -22.68
N ILE L 51 -1.07 -17.16 -22.83
CA ILE L 51 -0.85 -18.32 -21.98
C ILE L 51 -0.33 -19.45 -22.85
N TYR L 52 0.56 -20.27 -22.28
CA TYR L 52 0.92 -21.56 -22.87
C TYR L 52 0.05 -22.62 -22.18
N SER L 53 -0.93 -23.15 -22.93
CA SER L 53 -1.93 -24.03 -22.34
C SER L 53 -1.29 -25.22 -21.65
N SER L 54 -0.40 -25.92 -22.35
CA SER L 54 0.33 -27.06 -21.81
C SER L 54 0.86 -26.81 -20.40
N SER L 55 1.44 -25.64 -20.18
CA SER L 55 2.21 -25.38 -18.96
C SER L 55 1.57 -24.37 -18.02
N GLY L 56 0.79 -23.42 -18.53
CA GLY L 56 0.30 -22.36 -17.66
C GLY L 56 1.18 -21.14 -17.56
N TYR L 57 2.28 -21.11 -18.30
CA TYR L 57 3.15 -19.94 -18.30
C TYR L 57 2.48 -18.79 -19.04
N THR L 58 2.62 -17.58 -18.48
CA THR L 58 1.91 -16.40 -18.97
C THR L 58 2.87 -15.28 -19.31
N SER L 59 2.47 -14.47 -20.30
CA SER L 59 3.16 -13.22 -20.57
C SER L 59 2.12 -12.14 -20.85
N TYR L 60 2.41 -10.92 -20.39
CA TYR L 60 1.53 -9.77 -20.55
C TYR L 60 2.32 -8.58 -21.06
N ALA L 61 1.64 -7.74 -21.85
CA ALA L 61 2.23 -6.49 -22.27
C ALA L 61 2.37 -5.54 -21.07
N ASP L 62 3.42 -4.72 -21.10
CA ASP L 62 3.65 -3.77 -20.02
C ASP L 62 2.43 -2.88 -19.79
N SER L 63 1.73 -2.51 -20.87
CA SER L 63 0.54 -1.67 -20.80
C SER L 63 -0.55 -2.24 -19.91
N VAL L 64 -0.38 -3.47 -19.42
CA VAL L 64 -1.51 -4.29 -19.00
C VAL L 64 -1.08 -5.18 -17.84
N LYS L 65 0.23 -5.42 -17.75
CA LYS L 65 0.80 -6.23 -16.67
C LYS L 65 0.29 -5.77 -15.31
N GLY L 66 0.05 -6.74 -14.43
CA GLY L 66 -0.41 -6.46 -13.09
C GLY L 66 -1.88 -6.12 -12.96
N ARG L 67 -2.62 -6.06 -14.07
CA ARG L 67 -4.04 -5.76 -14.02
C ARG L 67 -4.87 -6.81 -14.73
N PHE L 68 -4.29 -7.47 -15.74
CA PHE L 68 -4.97 -8.52 -16.48
C PHE L 68 -4.37 -9.87 -16.08
N THR L 69 -5.21 -10.90 -16.13
CA THR L 69 -4.77 -12.27 -15.95
C THR L 69 -5.38 -13.14 -17.04
N ILE L 70 -4.54 -13.86 -17.77
CA ILE L 70 -5.02 -14.82 -18.76
C ILE L 70 -4.96 -16.20 -18.13
N SER L 71 -5.99 -17.00 -18.40
CA SER L 71 -6.04 -18.36 -17.86
C SER L 71 -6.84 -19.23 -18.81
N ALA L 72 -6.86 -20.53 -18.53
CA ALA L 72 -7.54 -21.44 -19.43
C ALA L 72 -8.12 -22.60 -18.65
N ASP L 73 -8.99 -23.35 -19.32
CA ASP L 73 -9.40 -24.65 -18.82
C ASP L 73 -9.92 -25.48 -19.98
N THR L 74 -9.14 -26.51 -20.33
CA THR L 74 -9.57 -27.57 -21.22
C THR L 74 -10.75 -28.36 -20.68
N SER L 75 -10.98 -28.35 -19.36
CA SER L 75 -12.16 -29.02 -18.84
C SER L 75 -13.46 -28.39 -19.35
N LYS L 76 -13.36 -27.22 -19.99
CA LYS L 76 -14.50 -26.56 -20.64
C LYS L 76 -14.10 -25.98 -21.99
N ASN L 77 -12.90 -26.31 -22.47
CA ASN L 77 -12.43 -25.88 -23.80
C ASN L 77 -12.49 -24.37 -23.95
N THR L 78 -12.03 -23.65 -22.92
CA THR L 78 -12.30 -22.22 -22.88
C THR L 78 -11.16 -21.47 -22.21
N ALA L 79 -10.79 -20.32 -22.78
CA ALA L 79 -9.78 -19.44 -22.21
C ALA L 79 -10.43 -18.15 -21.73
N TYR L 80 -9.72 -17.43 -20.86
CA TYR L 80 -10.26 -16.25 -20.22
C TYR L 80 -9.21 -15.16 -20.08
N LEU L 81 -9.68 -13.92 -20.16
CA LEU L 81 -8.91 -12.72 -19.84
C LEU L 81 -9.66 -11.93 -18.78
N GLN L 82 -9.16 -11.92 -17.55
CA GLN L 82 -9.75 -11.17 -16.45
C GLN L 82 -9.06 -9.81 -16.38
N MET L 83 -9.81 -8.76 -16.67
CA MET L 83 -9.30 -7.40 -16.67
C MET L 83 -9.79 -6.68 -15.42
N ASN L 84 -8.86 -6.20 -14.60
CA ASN L 84 -9.16 -5.41 -13.42
C ASN L 84 -8.59 -4.00 -13.58
N SER L 85 -9.12 -3.08 -12.78
CA SER L 85 -8.63 -1.69 -12.72
C SER L 85 -8.55 -1.08 -14.11
N LEU L 86 -9.65 -1.17 -14.84
CA LEU L 86 -9.65 -0.79 -16.26
C LEU L 86 -9.56 0.72 -16.43
N ARG L 87 -9.02 1.14 -17.58
CA ARG L 87 -8.82 2.54 -17.90
C ARG L 87 -9.40 2.84 -19.27
N ALA L 88 -9.53 4.14 -19.56
CA ALA L 88 -10.12 4.57 -20.82
C ALA L 88 -9.30 4.08 -22.02
N GLU L 89 -7.98 4.00 -21.87
CA GLU L 89 -7.16 3.52 -22.97
C GLU L 89 -7.24 2.02 -23.16
N ASP L 90 -7.87 1.29 -22.23
CA ASP L 90 -8.12 -0.13 -22.41
C ASP L 90 -9.32 -0.40 -23.32
N THR L 91 -9.97 0.65 -23.82
CA THR L 91 -11.15 0.48 -24.67
C THR L 91 -10.74 0.01 -26.05
N ALA L 92 -11.31 -1.11 -26.51
CA ALA L 92 -10.91 -1.65 -27.80
C ALA L 92 -11.78 -2.85 -28.18
N VAL L 93 -11.67 -3.25 -29.44
CA VAL L 93 -12.07 -4.58 -29.85
C VAL L 93 -11.02 -5.56 -29.31
N TYR L 94 -11.49 -6.62 -28.66
CA TYR L 94 -10.62 -7.63 -28.07
C TYR L 94 -10.80 -8.91 -28.85
N TYR L 95 -9.78 -9.27 -29.64
CA TYR L 95 -9.72 -10.53 -30.37
C TYR L 95 -9.00 -11.58 -29.53
N CYS L 96 -9.45 -12.83 -29.58
CA CYS L 96 -8.78 -13.96 -28.87
C CYS L 96 -8.10 -14.80 -29.95
N ALA L 97 -6.83 -15.17 -29.79
CA ALA L 97 -6.20 -15.92 -30.90
C ALA L 97 -5.53 -17.23 -30.46
N ARG L 98 -5.46 -18.15 -31.40
CA ARG L 98 -4.95 -19.49 -31.09
C ARG L 98 -3.67 -19.74 -31.83
N GLY L 99 -2.78 -20.35 -31.10
CA GLY L 99 -1.48 -20.65 -31.67
C GLY L 99 -1.13 -22.09 -31.60
N ASP L 100 -0.98 -22.61 -32.77
CA ASP L 100 -0.26 -23.88 -32.99
C ASP L 100 1.20 -23.74 -32.57
N SER L 101 1.78 -22.62 -32.96
CA SER L 101 3.15 -22.28 -32.56
C SER L 101 3.11 -21.42 -31.32
N TRP L 102 4.23 -20.85 -30.96
CA TRP L 102 4.22 -19.98 -29.80
C TRP L 102 3.91 -18.53 -30.16
N TYR L 103 3.73 -18.22 -31.45
CA TYR L 103 3.63 -16.84 -31.87
C TYR L 103 2.72 -16.63 -33.08
N ALA L 104 2.77 -17.54 -34.06
CA ALA L 104 1.96 -17.37 -35.26
C ALA L 104 0.50 -17.67 -34.94
N MET L 105 -0.34 -16.65 -35.06
CA MET L 105 -1.76 -16.77 -34.73
C MET L 105 -2.52 -17.09 -36.01
N ASP L 106 -2.92 -18.35 -36.18
CA ASP L 106 -3.66 -18.76 -37.36
C ASP L 106 -5.17 -18.70 -37.17
N TYR L 107 -5.65 -18.70 -35.93
CA TYR L 107 -7.07 -18.60 -35.62
C TYR L 107 -7.29 -17.36 -34.76
N TRP L 108 -8.12 -16.45 -35.26
CA TRP L 108 -8.60 -15.31 -34.50
C TRP L 108 -10.10 -15.44 -34.34
N GLY L 109 -10.62 -15.05 -33.18
CA GLY L 109 -12.05 -14.87 -33.05
C GLY L 109 -12.46 -13.71 -33.92
N GLN L 110 -13.64 -13.11 -33.70
CA GLN L 110 -13.95 -11.90 -34.43
C GLN L 110 -14.04 -10.67 -33.54
N GLY L 111 -13.72 -10.81 -32.25
CA GLY L 111 -13.54 -9.68 -31.38
C GLY L 111 -14.79 -9.19 -30.69
N THR L 112 -14.69 -8.95 -29.39
CA THR L 112 -15.78 -8.38 -28.62
C THR L 112 -15.38 -6.97 -28.17
N LEU L 113 -16.34 -6.04 -28.19
CA LEU L 113 -16.02 -4.64 -27.94
C LEU L 113 -16.10 -4.33 -26.45
N VAL L 114 -15.06 -3.68 -25.93
CA VAL L 114 -14.98 -3.29 -24.53
C VAL L 114 -14.81 -1.78 -24.47
N THR L 115 -15.64 -1.13 -23.65
CA THR L 115 -15.62 0.32 -23.48
C THR L 115 -15.47 0.64 -22.00
N VAL L 116 -14.42 1.37 -21.66
CA VAL L 116 -14.19 1.85 -20.30
C VAL L 116 -14.46 3.35 -20.29
N SER L 117 -15.52 3.75 -19.60
CA SER L 117 -15.97 5.14 -19.64
C SER L 117 -16.92 5.41 -18.49
N SER L 118 -16.79 6.61 -17.90
CA SER L 118 -17.71 7.00 -16.84
C SER L 118 -19.14 7.10 -17.34
N ALA L 119 -19.31 7.34 -18.64
CA ALA L 119 -20.62 7.49 -19.26
C ALA L 119 -21.50 6.27 -19.02
N SER L 120 -22.81 6.47 -19.07
CA SER L 120 -23.79 5.40 -18.94
C SER L 120 -24.69 5.40 -20.18
N THR L 121 -25.25 4.23 -20.48
CA THR L 121 -25.90 3.99 -21.76
C THR L 121 -27.04 4.98 -22.01
N LYS L 122 -27.03 5.60 -23.19
CA LYS L 122 -28.00 6.62 -23.56
C LYS L 122 -28.21 6.55 -25.06
N GLY L 123 -29.47 6.45 -25.49
CA GLY L 123 -29.79 6.35 -26.89
C GLY L 123 -29.53 7.66 -27.63
N PRO L 124 -29.38 7.59 -28.94
CA PRO L 124 -28.99 8.77 -29.70
C PRO L 124 -30.15 9.69 -30.02
N SER L 125 -29.91 10.99 -29.89
CA SER L 125 -30.78 11.95 -30.57
C SER L 125 -30.40 11.96 -32.05
N VAL L 126 -31.39 12.17 -32.91
CA VAL L 126 -31.14 12.18 -34.35
C VAL L 126 -31.79 13.41 -34.95
N PHE L 127 -31.06 14.08 -35.82
CA PHE L 127 -31.47 15.31 -36.46
C PHE L 127 -31.22 15.20 -37.95
N PRO L 128 -31.88 16.01 -38.77
CA PRO L 128 -31.67 15.90 -40.21
C PRO L 128 -30.67 16.93 -40.75
N LEU L 129 -30.00 16.58 -41.85
CA LEU L 129 -29.20 17.52 -42.63
C LEU L 129 -29.90 17.63 -43.98
N ALA L 130 -30.60 18.75 -44.20
CA ALA L 130 -31.54 18.93 -45.30
C ALA L 130 -30.89 19.65 -46.48
N PRO L 131 -31.35 19.36 -47.70
CA PRO L 131 -30.73 19.96 -48.90
C PRO L 131 -30.99 21.45 -49.06
N SER L 132 -30.62 21.98 -50.24
CA SER L 132 -30.89 23.35 -50.64
C SER L 132 -30.64 23.53 -52.13
N ALA L 136 -27.93 16.98 -55.48
CA ALA L 136 -27.48 17.57 -54.22
C ALA L 136 -27.53 16.53 -53.11
N ALA L 137 -27.16 16.91 -51.89
CA ALA L 137 -26.90 15.95 -50.83
C ALA L 137 -27.77 16.19 -49.60
N LEU L 138 -27.94 15.14 -48.80
CA LEU L 138 -28.71 15.22 -47.56
C LEU L 138 -28.19 14.15 -46.61
N GLY L 139 -28.78 14.07 -45.42
CA GLY L 139 -28.40 13.01 -44.50
C GLY L 139 -29.02 13.18 -43.12
N CYS L 140 -28.42 12.48 -42.16
CA CYS L 140 -28.85 12.40 -40.77
C CYS L 140 -27.65 12.55 -39.86
N LEU L 141 -27.85 13.24 -38.74
CA LEU L 141 -26.85 13.43 -37.70
C LEU L 141 -27.32 12.63 -36.48
N VAL L 142 -26.55 11.59 -36.13
CA VAL L 142 -26.85 10.73 -35.00
C VAL L 142 -25.92 11.14 -33.87
N LYS L 143 -26.43 11.89 -32.91
CA LYS L 143 -25.62 12.56 -31.91
C LYS L 143 -25.91 12.06 -30.50
N ASP L 144 -24.84 12.03 -29.69
CA ASP L 144 -24.91 11.85 -28.24
C ASP L 144 -25.57 10.50 -27.89
N TYR L 145 -24.79 9.45 -28.12
CA TYR L 145 -25.19 8.09 -27.75
C TYR L 145 -24.01 7.37 -27.14
N PHE L 146 -24.29 6.24 -26.51
CA PHE L 146 -23.28 5.47 -25.78
C PHE L 146 -23.82 4.09 -25.45
N PRO L 147 -23.02 3.03 -25.61
CA PRO L 147 -21.69 3.06 -26.21
C PRO L 147 -21.78 2.91 -27.72
N GLU L 148 -20.65 2.61 -28.37
CA GLU L 148 -20.71 2.04 -29.70
C GLU L 148 -21.26 0.62 -29.59
N PRO L 149 -21.81 0.08 -30.69
CA PRO L 149 -22.01 0.65 -32.03
C PRO L 149 -23.41 1.16 -32.29
N VAL L 150 -23.61 1.68 -33.50
CA VAL L 150 -24.92 2.05 -34.01
C VAL L 150 -24.91 1.79 -35.51
N THR L 151 -26.08 1.46 -36.05
CA THR L 151 -26.24 1.24 -37.48
C THR L 151 -27.29 2.20 -38.03
N VAL L 152 -27.11 2.59 -39.29
CA VAL L 152 -28.06 3.46 -39.97
C VAL L 152 -28.40 2.83 -41.31
N SER L 153 -29.69 2.68 -41.58
CA SER L 153 -30.20 2.28 -42.89
C SER L 153 -30.95 3.45 -43.51
N TRP L 154 -31.14 3.39 -44.82
CA TRP L 154 -31.87 4.42 -45.55
C TRP L 154 -33.07 3.78 -46.23
N ASN L 155 -34.26 4.30 -45.93
CA ASN L 155 -35.52 3.73 -46.39
C ASN L 155 -35.58 2.24 -46.05
N SER L 156 -35.11 1.93 -44.84
CA SER L 156 -35.10 0.59 -44.24
C SER L 156 -34.25 -0.41 -45.03
N GLY L 157 -33.47 0.05 -46.00
CA GLY L 157 -32.58 -0.83 -46.73
C GLY L 157 -32.64 -0.64 -48.23
N ALA L 158 -33.72 -0.04 -48.72
CA ALA L 158 -33.90 0.11 -50.17
C ALA L 158 -32.92 1.09 -50.79
N LEU L 159 -32.32 1.99 -49.99
CA LEU L 159 -31.41 3.01 -50.48
C LEU L 159 -30.01 2.72 -49.95
N THR L 160 -29.09 2.34 -50.85
CA THR L 160 -27.70 2.14 -50.47
C THR L 160 -26.72 2.92 -51.35
N SER L 161 -26.96 3.00 -52.65
CA SER L 161 -26.01 3.65 -53.54
C SER L 161 -26.04 5.16 -53.35
N GLY L 162 -24.86 5.74 -53.10
CA GLY L 162 -24.74 7.12 -52.71
C GLY L 162 -24.51 7.34 -51.23
N VAL L 163 -24.68 6.29 -50.42
CA VAL L 163 -24.70 6.42 -48.97
C VAL L 163 -23.30 6.25 -48.41
N HIS L 164 -22.86 7.24 -47.64
CA HIS L 164 -21.66 7.14 -46.81
C HIS L 164 -22.10 7.29 -45.36
N THR L 165 -21.95 6.22 -44.58
CA THR L 165 -22.13 6.29 -43.13
C THR L 165 -20.75 6.43 -42.50
N PHE L 166 -20.53 7.54 -41.81
CA PHE L 166 -19.19 7.85 -41.34
C PHE L 166 -18.88 7.12 -40.04
N PRO L 167 -17.61 6.81 -39.79
CA PRO L 167 -17.22 6.28 -38.49
C PRO L 167 -17.62 7.25 -37.39
N ALA L 168 -18.08 6.71 -36.26
CA ALA L 168 -18.44 7.53 -35.12
C ALA L 168 -17.19 8.18 -34.52
N VAL L 169 -17.38 9.30 -33.83
CA VAL L 169 -16.30 10.01 -33.16
C VAL L 169 -16.75 10.33 -31.72
N LEU L 170 -15.89 10.03 -30.75
CA LEU L 170 -16.19 10.19 -29.33
C LEU L 170 -15.97 11.64 -28.93
N GLN L 171 -17.00 12.27 -28.37
CA GLN L 171 -16.95 13.70 -28.07
C GLN L 171 -16.29 13.95 -26.71
N SER L 172 -16.04 15.23 -26.44
CA SER L 172 -15.58 15.64 -25.11
C SER L 172 -16.52 15.13 -24.03
N SER L 173 -17.82 15.11 -24.33
CA SER L 173 -18.84 14.66 -23.39
C SER L 173 -18.70 13.20 -23.00
N GLY L 174 -17.86 12.43 -23.69
CA GLY L 174 -17.87 11.00 -23.54
C GLY L 174 -18.94 10.30 -24.32
N LEU L 175 -19.59 10.99 -25.25
CA LEU L 175 -20.67 10.46 -26.06
C LEU L 175 -20.25 10.42 -27.52
N TYR L 176 -20.83 9.47 -28.26
CA TYR L 176 -20.46 9.28 -29.66
C TYR L 176 -21.40 10.06 -30.58
N SER L 177 -20.90 10.36 -31.77
CA SER L 177 -21.68 11.07 -32.77
C SER L 177 -21.18 10.67 -34.15
N LEU L 178 -22.11 10.41 -35.06
CA LEU L 178 -21.77 10.18 -36.45
C LEU L 178 -22.77 10.92 -37.34
N SER L 179 -22.48 10.92 -38.63
CA SER L 179 -23.41 11.38 -39.63
C SER L 179 -23.47 10.33 -40.74
N SER L 180 -24.65 10.18 -41.32
CA SER L 180 -24.86 9.35 -42.50
C SER L 180 -25.42 10.25 -43.59
N VAL L 181 -24.78 10.26 -44.76
CA VAL L 181 -25.22 11.15 -45.83
C VAL L 181 -25.42 10.35 -47.11
N VAL L 182 -26.23 10.91 -47.99
CA VAL L 182 -26.45 10.35 -49.31
C VAL L 182 -26.60 11.49 -50.31
N THR L 183 -25.95 11.32 -51.46
CA THR L 183 -26.13 12.22 -52.60
C THR L 183 -27.27 11.68 -53.46
N VAL L 184 -28.14 12.59 -53.90
CA VAL L 184 -29.28 12.24 -54.73
C VAL L 184 -29.31 13.17 -55.92
N PRO L 185 -30.07 12.82 -56.95
CA PRO L 185 -30.35 13.79 -58.00
C PRO L 185 -31.02 15.02 -57.41
N SER L 186 -30.58 16.20 -57.84
CA SER L 186 -31.25 17.42 -57.43
C SER L 186 -32.67 17.48 -57.97
N SER L 187 -32.99 16.62 -58.94
CA SER L 187 -34.36 16.53 -59.43
C SER L 187 -35.29 15.98 -58.35
N SER L 188 -34.89 14.89 -57.71
CA SER L 188 -35.77 13.99 -56.98
C SER L 188 -36.16 14.49 -55.60
N LEU L 189 -35.73 15.68 -55.19
CA LEU L 189 -35.80 16.08 -53.79
C LEU L 189 -37.24 16.08 -53.26
N GLY L 190 -38.06 17.04 -53.69
CA GLY L 190 -39.45 17.02 -53.29
C GLY L 190 -40.22 15.85 -53.85
N THR L 191 -39.72 15.24 -54.92
CA THR L 191 -40.41 14.15 -55.61
C THR L 191 -40.08 12.76 -55.05
N GLN L 192 -39.05 12.63 -54.21
CA GLN L 192 -38.76 11.36 -53.54
C GLN L 192 -38.80 11.55 -52.02
N THR L 193 -38.91 10.44 -51.30
CA THR L 193 -38.94 10.43 -49.84
C THR L 193 -37.71 9.73 -49.29
N TYR L 194 -37.31 10.11 -48.07
CA TYR L 194 -36.01 9.70 -47.54
C TYR L 194 -36.12 9.51 -46.03
N ILE L 195 -35.93 8.27 -45.57
CA ILE L 195 -35.96 7.94 -44.15
C ILE L 195 -34.59 7.41 -43.76
N CYS L 196 -34.05 7.91 -42.65
CA CYS L 196 -32.89 7.28 -42.03
C CYS L 196 -33.33 6.52 -40.78
N ASN L 197 -32.79 5.32 -40.63
CA ASN L 197 -33.26 4.28 -39.70
C ASN L 197 -32.13 3.96 -38.73
N VAL L 198 -31.97 4.82 -37.73
CA VAL L 198 -30.92 4.67 -36.74
C VAL L 198 -31.30 3.56 -35.77
N ASN L 199 -30.32 2.74 -35.38
CA ASN L 199 -30.56 1.50 -34.65
C ASN L 199 -29.46 1.33 -33.61
N HIS L 200 -29.78 1.55 -32.34
CA HIS L 200 -28.80 1.47 -31.25
C HIS L 200 -29.27 0.40 -30.26
N LYS L 201 -28.64 -0.77 -30.33
CA LYS L 201 -29.09 -1.96 -29.61
C LYS L 201 -28.75 -1.99 -28.13
N PRO L 202 -27.59 -1.48 -27.68
CA PRO L 202 -27.40 -1.39 -26.22
C PRO L 202 -28.47 -0.55 -25.56
N SER L 203 -29.01 0.44 -26.27
CA SER L 203 -30.12 1.25 -25.79
C SER L 203 -31.48 0.64 -26.13
N ASN L 204 -31.51 -0.34 -27.02
CA ASN L 204 -32.73 -0.74 -27.73
C ASN L 204 -33.49 0.51 -28.16
N THR L 205 -33.00 1.14 -29.23
CA THR L 205 -33.54 2.40 -29.73
C THR L 205 -33.49 2.36 -31.26
N LYS L 206 -34.63 2.05 -31.88
CA LYS L 206 -34.80 2.31 -33.30
C LYS L 206 -35.49 3.66 -33.44
N VAL L 207 -34.91 4.52 -34.28
CA VAL L 207 -35.42 5.86 -34.52
C VAL L 207 -35.44 6.07 -36.03
N ASP L 208 -36.44 6.78 -36.53
CA ASP L 208 -36.52 7.06 -37.95
C ASP L 208 -36.79 8.54 -38.17
N LYS L 209 -36.07 9.13 -39.12
CA LYS L 209 -36.27 10.53 -39.46
C LYS L 209 -36.51 10.66 -40.95
N LYS L 210 -37.64 11.26 -41.31
CA LYS L 210 -37.89 11.78 -42.64
C LYS L 210 -37.05 13.03 -42.85
N VAL L 211 -36.30 13.08 -43.94
CA VAL L 211 -35.41 14.21 -44.21
C VAL L 211 -36.07 15.11 -45.26
N GLU L 212 -36.25 16.36 -44.89
CA GLU L 212 -37.18 17.30 -45.51
C GLU L 212 -36.54 18.68 -45.60
N PRO L 213 -36.67 19.37 -46.75
CA PRO L 213 -36.24 20.77 -46.81
C PRO L 213 -36.93 21.65 -45.78
N ILE M 3 -5.61 -6.00 26.80
CA ILE M 3 -4.40 -5.73 26.03
C ILE M 3 -3.59 -4.65 26.73
N GLN M 4 -2.28 -4.89 26.86
CA GLN M 4 -1.37 -3.97 27.55
C GLN M 4 -0.15 -3.74 26.69
N MET M 5 0.13 -2.47 26.39
CA MET M 5 1.22 -2.14 25.47
C MET M 5 2.59 -2.28 26.13
N THR M 6 2.71 -1.85 27.38
CA THR M 6 3.94 -2.03 28.14
C THR M 6 3.62 -2.78 29.44
N GLN M 7 4.64 -2.95 30.27
CA GLN M 7 4.49 -3.58 31.57
C GLN M 7 4.56 -2.54 32.67
N SER M 8 4.24 -2.96 33.87
CA SER M 8 4.52 -2.09 35.00
C SER M 8 5.96 -2.29 35.45
N PRO M 9 6.59 -1.25 35.97
CA PRO M 9 8.03 -1.34 36.25
C PRO M 9 8.37 -2.45 37.23
N SER M 10 9.47 -3.15 36.95
CA SER M 10 10.07 -4.01 37.95
C SER M 10 10.51 -3.15 39.14
N SER M 11 10.77 -3.80 40.27
CA SER M 11 11.07 -3.07 41.50
C SER M 11 12.38 -3.56 42.10
N LEU M 12 13.25 -2.62 42.44
CA LEU M 12 14.48 -2.90 43.16
C LEU M 12 14.50 -2.11 44.46
N SER M 13 14.77 -2.80 45.56
CA SER M 13 14.76 -2.20 46.89
C SER M 13 16.20 -1.96 47.35
N ALA M 14 16.49 -0.72 47.72
CA ALA M 14 17.84 -0.33 48.10
C ALA M 14 17.77 0.71 49.21
N SER M 15 18.83 0.76 50.02
CA SER M 15 18.95 1.77 51.06
C SER M 15 19.89 2.88 50.62
N VAL M 16 19.77 4.04 51.28
CA VAL M 16 20.54 5.22 50.91
C VAL M 16 22.03 4.90 50.99
N GLY M 17 22.78 5.31 49.97
CA GLY M 17 24.20 5.04 49.92
C GLY M 17 24.57 3.71 49.32
N ASP M 18 23.60 2.82 49.08
CA ASP M 18 23.90 1.60 48.34
C ASP M 18 24.30 1.95 46.90
N ARG M 19 24.99 1.01 46.26
CA ARG M 19 25.43 1.16 44.89
C ARG M 19 24.56 0.28 44.00
N VAL M 20 24.01 0.86 42.92
CA VAL M 20 23.02 0.17 42.11
C VAL M 20 23.46 0.16 40.66
N THR M 21 23.49 -1.01 40.04
CA THR M 21 23.80 -1.16 38.62
C THR M 21 22.62 -1.81 37.93
N ILE M 22 21.84 -1.02 37.20
CA ILE M 22 20.74 -1.54 36.40
C ILE M 22 21.30 -1.93 35.03
N THR M 23 20.98 -3.14 34.60
CA THR M 23 21.40 -3.65 33.30
C THR M 23 20.24 -3.63 32.33
N CYS M 24 20.53 -3.20 31.11
CA CYS M 24 19.59 -3.17 29.99
C CYS M 24 20.16 -4.08 28.92
N ARG M 25 19.45 -5.17 28.64
CA ARG M 25 19.87 -6.15 27.65
C ARG M 25 19.35 -5.76 26.29
N ALA M 26 20.23 -5.77 25.29
CA ALA M 26 19.88 -5.48 23.91
C ALA M 26 20.71 -6.42 23.05
N SER M 27 20.39 -7.71 23.12
CA SER M 27 21.16 -8.71 22.40
C SER M 27 20.99 -8.54 20.90
N GLN M 28 22.03 -8.93 20.16
CA GLN M 28 22.18 -8.77 18.71
C GLN M 28 22.44 -7.32 18.30
N SER M 29 22.50 -6.39 19.24
CA SER M 29 22.68 -4.98 18.89
C SER M 29 24.11 -4.71 18.45
N VAL M 30 24.24 -3.71 17.58
CA VAL M 30 25.54 -3.35 17.02
C VAL M 30 25.76 -1.85 17.12
N SER M 31 25.28 -1.23 18.22
CA SER M 31 25.35 0.21 18.31
C SER M 31 25.32 0.65 19.77
N SER M 32 26.00 1.77 20.04
CA SER M 32 26.07 2.34 21.38
C SER M 32 25.21 3.60 21.52
N ALA M 33 24.20 3.76 20.66
CA ALA M 33 23.26 4.89 20.78
C ALA M 33 22.15 4.53 21.75
N VAL M 34 22.51 4.55 23.03
CA VAL M 34 21.64 4.10 24.12
C VAL M 34 21.46 5.26 25.09
N ALA M 35 20.25 5.41 25.62
CA ALA M 35 19.99 6.50 26.55
C ALA M 35 19.39 5.96 27.84
N TRP M 36 19.49 6.76 28.90
CA TRP M 36 18.89 6.44 30.19
C TRP M 36 18.10 7.63 30.70
N TYR M 37 16.92 7.35 31.25
CA TYR M 37 16.02 8.38 31.73
C TYR M 37 15.54 8.06 33.13
N GLN M 38 15.23 9.10 33.88
CA GLN M 38 14.68 8.99 35.23
C GLN M 38 13.33 9.68 35.27
N GLN M 39 12.35 9.03 35.92
CA GLN M 39 11.02 9.58 36.08
C GLN M 39 10.58 9.46 37.53
N LYS M 40 9.97 10.54 38.03
CA LYS M 40 9.39 10.64 39.36
C LYS M 40 7.88 10.78 39.25
N PRO M 41 7.12 10.26 40.24
CA PRO M 41 5.65 10.28 40.15
C PRO M 41 5.06 11.62 39.73
N GLY M 42 4.27 11.61 38.66
CA GLY M 42 3.58 12.80 38.20
C GLY M 42 4.40 13.74 37.35
N LYS M 43 5.70 13.50 37.20
CA LYS M 43 6.57 14.36 36.41
C LYS M 43 7.06 13.62 35.17
N ALA M 44 7.47 14.40 34.18
CA ALA M 44 7.97 13.86 32.92
C ALA M 44 9.40 13.35 33.10
N PRO M 45 9.84 12.42 32.24
CA PRO M 45 11.20 11.91 32.35
C PRO M 45 12.24 12.99 32.06
N LYS M 46 13.40 12.85 32.70
CA LYS M 46 14.54 13.70 32.41
C LYS M 46 15.72 12.82 32.03
N LEU M 47 16.50 13.28 31.06
CA LEU M 47 17.58 12.48 30.47
C LEU M 47 18.81 12.52 31.36
N LEU M 48 19.41 11.34 31.57
CA LEU M 48 20.59 11.18 32.41
C LEU M 48 21.84 10.86 31.59
N ILE M 49 21.82 9.74 30.86
CA ILE M 49 22.94 9.32 30.04
C ILE M 49 22.50 9.33 28.59
N TYR M 50 23.31 9.91 27.73
CA TYR M 50 23.21 9.72 26.29
C TYR M 50 24.50 9.06 25.81
N SER M 51 24.43 8.47 24.62
CA SER M 51 25.60 7.87 23.98
C SER M 51 26.22 6.78 24.86
N ALA M 52 25.35 6.04 25.57
CA ALA M 52 25.72 4.90 26.41
C ALA M 52 26.48 5.29 27.66
N SER M 53 27.40 6.27 27.56
CA SER M 53 28.28 6.56 28.67
C SER M 53 28.51 8.05 28.93
N SER M 54 27.86 8.95 28.18
CA SER M 54 28.07 10.38 28.35
C SER M 54 27.04 10.95 29.32
N LEU M 55 27.52 11.55 30.40
CA LEU M 55 26.65 12.12 31.40
C LEU M 55 26.01 13.41 30.88
N TYR M 56 24.68 13.51 31.00
CA TYR M 56 23.98 14.65 30.43
C TYR M 56 24.31 15.93 31.19
N SER M 57 24.20 17.05 30.48
CA SER M 57 24.48 18.38 31.00
C SER M 57 23.76 18.63 32.33
N GLY M 58 24.52 18.70 33.42
CA GLY M 58 23.93 18.99 34.71
C GLY M 58 23.32 17.80 35.42
N VAL M 59 23.80 16.60 35.16
CA VAL M 59 23.37 15.43 35.90
C VAL M 59 24.43 15.16 36.97
N PRO M 60 24.04 14.74 38.18
CA PRO M 60 25.05 14.41 39.20
C PRO M 60 26.07 13.40 38.69
N SER M 61 27.30 13.55 39.17
CA SER M 61 28.40 12.69 38.73
C SER M 61 28.32 11.28 39.30
N ARG M 62 27.46 11.04 40.29
CA ARG M 62 27.32 9.69 40.81
C ARG M 62 26.63 8.77 39.80
N PHE M 63 25.87 9.33 38.86
CA PHE M 63 25.35 8.55 37.75
C PHE M 63 26.46 8.24 36.76
N SER M 64 26.56 6.98 36.39
CA SER M 64 27.52 6.48 35.41
C SER M 64 26.78 5.59 34.44
N GLY M 65 27.34 5.44 33.26
CA GLY M 65 26.78 4.54 32.28
C GLY M 65 27.89 3.93 31.46
N SER M 66 27.76 2.65 31.11
CA SER M 66 28.84 2.02 30.35
C SER M 66 28.27 0.88 29.51
N ARG M 67 29.08 0.42 28.58
CA ARG M 67 28.70 -0.62 27.63
C ARG M 67 29.74 -1.73 27.68
N SER M 68 29.27 -2.96 27.91
CA SER M 68 30.12 -4.13 27.79
C SER M 68 29.43 -5.08 26.82
N GLY M 69 30.02 -5.26 25.64
CA GLY M 69 29.41 -6.09 24.62
C GLY M 69 28.05 -5.54 24.21
N THR M 70 27.03 -6.38 24.30
CA THR M 70 25.66 -5.98 23.98
C THR M 70 24.86 -5.61 25.23
N ASP M 71 25.53 -5.41 26.37
CA ASP M 71 24.85 -5.10 27.62
C ASP M 71 25.17 -3.68 28.03
N PHE M 72 24.15 -2.91 28.40
CA PHE M 72 24.36 -1.52 28.80
C PHE M 72 23.98 -1.37 30.26
N THR M 73 24.72 -0.53 30.99
CA THR M 73 24.53 -0.43 32.42
C THR M 73 24.45 1.02 32.86
N LEU M 74 23.52 1.28 33.79
CA LEU M 74 23.43 2.55 34.50
C LEU M 74 23.75 2.30 35.97
N THR M 75 24.81 2.94 36.45
CA THR M 75 25.32 2.73 37.80
C THR M 75 25.17 4.01 38.60
N ILE M 76 24.53 3.91 39.77
CA ILE M 76 24.56 4.98 40.75
C ILE M 76 25.52 4.54 41.84
N SER M 77 26.58 5.36 42.05
CA SER M 77 27.68 4.96 42.91
C SER M 77 27.23 4.83 44.36
N SER M 78 26.40 5.76 44.83
CA SER M 78 25.79 5.65 46.16
C SER M 78 24.55 6.52 46.18
N LEU M 79 23.39 5.90 46.43
CA LEU M 79 22.12 6.60 46.28
C LEU M 79 21.98 7.72 47.30
N GLN M 80 21.16 8.69 46.94
CA GLN M 80 20.76 9.80 47.81
C GLN M 80 19.24 9.84 47.78
N PRO M 81 18.60 10.57 48.71
CA PRO M 81 17.14 10.43 48.86
C PRO M 81 16.34 10.69 47.59
N GLU M 82 16.79 11.60 46.73
CA GLU M 82 16.06 11.94 45.52
C GLU M 82 16.49 11.09 44.32
N ASP M 83 17.30 10.06 44.54
CA ASP M 83 17.65 9.11 43.50
C ASP M 83 16.68 7.94 43.41
N PHE M 84 15.64 7.93 44.24
CA PHE M 84 14.66 6.86 44.25
C PHE M 84 13.54 7.22 43.27
N ALA M 85 13.51 6.53 42.14
CA ALA M 85 12.63 6.87 41.03
C ALA M 85 12.61 5.68 40.09
N THR M 86 11.92 5.84 38.96
CA THR M 86 11.88 4.82 37.92
C THR M 86 12.92 5.15 36.86
N TYR M 87 13.64 4.14 36.40
CA TYR M 87 14.72 4.32 35.44
C TYR M 87 14.42 3.52 34.18
N TYR M 88 14.38 4.22 33.05
CA TYR M 88 14.06 3.61 31.76
C TYR M 88 15.30 3.62 30.87
N CYS M 89 15.57 2.50 30.23
CA CYS M 89 16.64 2.39 29.25
C CYS M 89 16.06 2.49 27.85
N GLN M 90 16.48 3.51 27.11
CA GLN M 90 16.16 3.61 25.69
C GLN M 90 17.18 2.77 24.93
N GLN M 91 16.68 1.67 24.33
CA GLN M 91 17.48 0.69 23.62
C GLN M 91 18.27 1.34 22.48
N PRO M 92 19.27 0.61 21.93
CA PRO M 92 20.04 1.16 20.80
C PRO M 92 19.18 1.75 19.71
N SER M 93 19.31 3.05 19.49
CA SER M 93 18.51 3.77 18.52
C SER M 93 19.31 3.93 17.24
N TYR M 94 18.86 3.25 16.19
CA TYR M 94 19.47 3.37 14.89
C TYR M 94 18.76 4.46 14.09
N ILE M 95 19.55 5.32 13.45
CA ILE M 95 18.99 6.35 12.58
C ILE M 95 18.09 5.69 11.55
N TYR M 96 16.88 6.24 11.38
CA TYR M 96 15.82 5.83 10.46
C TYR M 96 14.96 4.71 11.03
N TYR M 97 15.26 4.17 12.21
CA TYR M 97 14.53 3.06 12.77
C TYR M 97 13.67 3.47 13.96
N PRO M 98 12.71 2.66 14.37
CA PRO M 98 11.90 3.00 15.54
C PRO M 98 12.74 3.12 16.81
N VAL M 99 12.11 3.73 17.82
CA VAL M 99 12.69 3.85 19.16
C VAL M 99 11.93 2.92 20.09
N THR M 100 12.64 2.36 21.07
CA THR M 100 12.03 1.43 22.01
C THR M 100 12.55 1.71 23.41
N PHE M 101 11.63 1.97 24.34
CA PHE M 101 11.96 2.06 25.76
C PHE M 101 11.81 0.69 26.40
N GLY M 102 12.78 0.30 27.21
CA GLY M 102 12.68 -0.90 27.99
C GLY M 102 11.70 -0.73 29.13
N GLN M 103 11.49 -1.82 29.85
CA GLN M 103 10.65 -1.76 31.05
C GLN M 103 11.32 -0.92 32.11
N GLY M 104 10.53 -0.09 32.81
CA GLY M 104 11.08 0.73 33.87
C GLY M 104 11.55 -0.09 35.05
N THR M 105 12.56 0.43 35.74
CA THR M 105 13.05 -0.16 36.99
C THR M 105 12.84 0.87 38.09
N LYS M 106 12.00 0.51 39.05
CA LYS M 106 11.55 1.40 40.12
C LYS M 106 12.39 1.13 41.35
N VAL M 107 13.25 2.07 41.72
CA VAL M 107 14.12 1.94 42.87
C VAL M 107 13.40 2.54 44.08
N GLU M 108 13.15 1.71 45.08
CA GLU M 108 12.41 2.12 46.27
C GLU M 108 13.25 1.88 47.53
N ILE M 109 12.92 2.65 48.57
CA ILE M 109 13.73 2.69 49.79
C ILE M 109 13.42 1.48 50.66
N LYS M 110 14.46 0.81 51.12
CA LYS M 110 14.26 -0.29 52.06
C LYS M 110 13.93 0.25 53.45
N ARG M 111 13.27 -0.60 54.23
CA ARG M 111 12.72 -0.23 55.52
C ARG M 111 12.58 -1.51 56.33
N THR M 112 12.43 -1.37 57.64
CA THR M 112 12.08 -2.54 58.43
C THR M 112 10.63 -2.90 58.15
N VAL M 113 10.35 -4.20 58.14
CA VAL M 113 9.00 -4.68 57.85
C VAL M 113 8.02 -4.06 58.83
N ALA M 114 6.90 -3.57 58.33
CA ALA M 114 5.87 -2.92 59.13
C ALA M 114 4.52 -3.47 58.70
N ALA M 115 3.86 -4.22 59.58
CA ALA M 115 2.56 -4.79 59.27
C ALA M 115 1.54 -3.69 59.04
N PRO M 116 0.53 -3.93 58.20
CA PRO M 116 -0.43 -2.87 57.87
C PRO M 116 -1.46 -2.63 58.97
N SER M 117 -1.87 -1.37 59.09
CA SER M 117 -3.00 -1.01 59.92
C SER M 117 -4.27 -1.25 59.12
N VAL M 118 -5.19 -2.06 59.64
CA VAL M 118 -6.35 -2.49 58.87
C VAL M 118 -7.61 -1.84 59.43
N PHE M 119 -8.37 -1.20 58.54
CA PHE M 119 -9.63 -0.55 58.89
C PHE M 119 -10.66 -0.91 57.84
N ILE M 120 -11.91 -1.09 58.24
CA ILE M 120 -12.98 -1.43 57.32
C ILE M 120 -14.10 -0.40 57.45
N PHE M 121 -14.62 0.04 56.31
CA PHE M 121 -15.65 1.07 56.22
C PHE M 121 -16.88 0.48 55.55
N PRO M 122 -17.98 0.32 56.28
CA PRO M 122 -19.24 -0.08 55.67
C PRO M 122 -19.77 1.03 54.77
N PRO M 123 -20.63 0.70 53.81
CA PRO M 123 -21.10 1.73 52.87
C PRO M 123 -21.94 2.79 53.55
N SER M 124 -21.82 4.02 53.04
CA SER M 124 -22.65 5.14 53.46
C SER M 124 -24.13 4.80 53.32
N ASP M 125 -24.99 5.46 54.09
CA ASP M 125 -26.41 5.35 53.83
C ASP M 125 -26.79 6.14 52.59
N SER M 126 -26.09 7.26 52.35
CA SER M 126 -26.27 8.04 51.12
C SER M 126 -26.20 7.12 49.89
N GLN M 127 -25.19 6.27 49.84
CA GLN M 127 -24.95 5.44 48.66
C GLN M 127 -26.03 4.38 48.51
N LEU M 128 -26.37 3.69 49.60
CA LEU M 128 -27.40 2.67 49.55
C LEU M 128 -28.75 3.25 49.13
N LYS M 129 -29.06 4.48 49.56
CA LYS M 129 -30.28 5.12 49.04
C LYS M 129 -30.21 5.36 47.45
N SER M 130 -29.20 4.82 46.76
CA SER M 130 -29.14 4.95 45.32
C SER M 130 -28.86 3.63 44.61
N GLY M 131 -28.74 2.52 45.33
CA GLY M 131 -28.77 1.20 44.72
C GLY M 131 -27.46 0.44 44.71
N THR M 132 -26.35 1.03 45.16
CA THR M 132 -25.06 0.37 45.12
C THR M 132 -24.43 0.41 46.52
N ALA M 133 -23.72 -0.65 46.88
CA ALA M 133 -23.01 -0.72 48.15
C ALA M 133 -21.52 -0.87 47.88
N SER M 134 -20.73 0.07 48.39
CA SER M 134 -19.27 0.04 48.28
C SER M 134 -18.68 -0.10 49.68
N VAL M 135 -17.97 -1.19 49.90
CA VAL M 135 -17.34 -1.50 51.19
C VAL M 135 -15.83 -1.27 51.02
N VAL M 136 -15.28 -0.34 51.78
CA VAL M 136 -13.88 0.01 51.64
C VAL M 136 -13.08 -0.65 52.75
N CYS M 137 -11.86 -1.07 52.44
CA CYS M 137 -10.93 -1.62 53.43
C CYS M 137 -9.58 -0.98 53.20
N LEU M 138 -9.07 -0.31 54.22
CA LEU M 138 -7.82 0.43 54.19
C LEU M 138 -6.73 -0.37 54.89
N LEU M 139 -5.57 -0.48 54.25
CA LEU M 139 -4.35 -1.04 54.81
C LEU M 139 -3.34 0.09 54.85
N ASN M 140 -2.93 0.51 56.04
CA ASN M 140 -2.27 1.79 56.23
C ASN M 140 -0.83 1.60 56.68
N ASN M 141 0.07 2.32 56.02
CA ASN M 141 1.44 2.55 56.46
C ASN M 141 2.17 1.23 56.75
N PHE M 142 2.35 0.46 55.68
CA PHE M 142 3.02 -0.83 55.79
C PHE M 142 4.23 -0.89 54.84
N TYR M 143 5.07 -1.90 55.09
CA TYR M 143 6.21 -2.19 54.23
C TYR M 143 6.53 -3.66 54.39
N PRO M 144 6.81 -4.40 53.29
CA PRO M 144 6.91 -3.88 51.93
C PRO M 144 5.59 -3.76 51.17
N ARG M 145 5.72 -3.45 49.88
CA ARG M 145 4.56 -3.11 49.05
C ARG M 145 3.57 -4.27 48.96
N GLU M 146 4.07 -5.50 48.92
CA GLU M 146 3.21 -6.66 48.70
C GLU M 146 2.27 -6.86 49.89
N ALA M 147 0.97 -6.93 49.61
CA ALA M 147 -0.03 -7.11 50.66
C ALA M 147 -1.33 -7.59 50.02
N LYS M 148 -1.61 -8.89 50.15
CA LYS M 148 -2.86 -9.44 49.61
C LYS M 148 -4.05 -9.04 50.49
N VAL M 149 -5.22 -9.03 49.86
CA VAL M 149 -6.48 -8.74 50.56
C VAL M 149 -7.55 -9.64 49.97
N GLN M 150 -8.22 -10.41 50.84
CA GLN M 150 -9.29 -11.30 50.44
C GLN M 150 -10.59 -10.85 51.11
N TRP M 151 -11.64 -10.67 50.31
CA TRP M 151 -12.93 -10.31 50.86
C TRP M 151 -13.74 -11.56 51.18
N LYS M 152 -14.44 -11.51 52.32
CA LYS M 152 -15.35 -12.56 52.74
C LYS M 152 -16.72 -11.96 52.99
N VAL M 153 -17.74 -12.62 52.46
CA VAL M 153 -19.13 -12.21 52.61
C VAL M 153 -19.89 -13.42 53.16
N ASP M 154 -20.29 -13.35 54.42
CA ASP M 154 -20.80 -14.51 55.15
C ASP M 154 -19.86 -15.70 54.99
N ASN M 155 -18.57 -15.44 55.10
CA ASN M 155 -17.49 -16.41 55.02
C ASN M 155 -17.36 -17.07 53.65
N ALA M 156 -17.90 -16.44 52.61
CA ALA M 156 -17.67 -16.87 51.23
C ALA M 156 -16.57 -16.02 50.63
N LEU M 157 -15.49 -16.66 50.16
CA LEU M 157 -14.36 -15.93 49.62
C LEU M 157 -14.73 -15.31 48.28
N GLN M 158 -14.50 -14.00 48.17
CA GLN M 158 -14.83 -13.26 46.96
C GLN M 158 -13.62 -13.14 46.04
N SER M 159 -13.90 -12.91 44.76
CA SER M 159 -12.91 -12.45 43.79
C SER M 159 -13.64 -11.98 42.54
N GLY M 160 -13.04 -11.02 41.85
CA GLY M 160 -13.65 -10.45 40.67
C GLY M 160 -14.62 -9.32 40.94
N ASN M 161 -14.91 -9.02 42.22
CA ASN M 161 -15.87 -7.98 42.57
C ASN M 161 -15.23 -6.89 43.44
N SER M 162 -13.91 -6.74 43.39
CA SER M 162 -13.23 -5.72 44.17
C SER M 162 -12.05 -5.18 43.36
N GLN M 163 -11.65 -3.96 43.70
CA GLN M 163 -10.51 -3.30 43.05
C GLN M 163 -9.70 -2.56 44.09
N GLU M 164 -8.38 -2.57 43.93
CA GLU M 164 -7.50 -1.97 44.92
C GLU M 164 -6.49 -1.03 44.27
N SER M 165 -5.84 -0.25 45.13
CA SER M 165 -4.94 0.82 44.71
C SER M 165 -3.91 1.03 45.81
N VAL M 166 -2.68 1.35 45.41
CA VAL M 166 -1.57 1.51 46.33
C VAL M 166 -1.00 2.92 46.18
N THR M 167 -0.80 3.61 47.30
CA THR M 167 -0.13 4.89 47.26
C THR M 167 1.32 4.72 46.86
N GLU M 168 1.90 5.79 46.34
CA GLU M 168 3.35 5.81 46.14
C GLU M 168 4.05 5.81 47.50
N GLN M 169 5.31 5.37 47.49
CA GLN M 169 6.06 5.24 48.73
C GLN M 169 6.18 6.59 49.43
N ASP M 170 5.84 6.61 50.72
CA ASP M 170 5.77 7.86 51.46
C ASP M 170 7.17 8.45 51.66
N SER M 171 7.27 9.77 51.50
CA SER M 171 8.58 10.41 51.49
C SER M 171 9.36 10.13 52.76
N LYS M 172 8.70 10.07 53.92
CA LYS M 172 9.40 10.13 55.21
C LYS M 172 9.34 8.82 55.99
N ASP M 173 8.16 8.24 56.19
CA ASP M 173 8.14 6.95 56.87
C ASP M 173 8.47 5.78 55.93
N SER M 174 8.50 6.02 54.61
CA SER M 174 8.89 5.02 53.63
C SER M 174 7.92 3.83 53.60
N THR M 175 6.66 4.08 53.92
CA THR M 175 5.65 3.03 53.94
C THR M 175 4.74 3.14 52.71
N TYR M 176 3.94 2.09 52.51
CA TYR M 176 2.92 2.05 51.49
C TYR M 176 1.55 1.92 52.15
N SER M 177 0.53 2.35 51.41
CA SER M 177 -0.86 2.22 51.85
C SER M 177 -1.70 1.71 50.68
N LEU M 178 -2.77 1.01 51.02
CA LEU M 178 -3.61 0.30 50.06
C LEU M 178 -5.07 0.56 50.40
N SER M 179 -5.86 0.81 49.36
CA SER M 179 -7.30 0.92 49.48
C SER M 179 -7.94 -0.13 48.59
N SER M 180 -8.85 -0.92 49.14
CA SER M 180 -9.60 -1.88 48.35
C SER M 180 -11.09 -1.63 48.50
N THR M 181 -11.82 -1.67 47.39
CA THR M 181 -13.26 -1.46 47.39
C THR M 181 -13.94 -2.71 46.85
N LEU M 182 -14.85 -3.27 47.64
CA LEU M 182 -15.75 -4.33 47.22
C LEU M 182 -17.09 -3.72 46.89
N THR M 183 -17.61 -3.99 45.70
CA THR M 183 -18.84 -3.36 45.23
C THR M 183 -19.88 -4.43 44.96
N LEU M 184 -21.08 -4.22 45.51
CA LEU M 184 -22.21 -5.10 45.24
C LEU M 184 -23.44 -4.25 44.97
N SER M 185 -24.46 -4.89 44.39
CA SER M 185 -25.76 -4.25 44.32
C SER M 185 -26.37 -4.19 45.72
N LYS M 186 -27.32 -3.26 45.89
CA LYS M 186 -27.99 -3.15 47.19
C LYS M 186 -28.70 -4.45 47.56
N ALA M 187 -29.28 -5.12 46.56
CA ALA M 187 -29.94 -6.40 46.82
C ALA M 187 -28.95 -7.45 47.31
N ASP M 188 -27.89 -7.68 46.52
CA ASP M 188 -26.82 -8.59 46.94
C ASP M 188 -26.32 -8.24 48.33
N TYR M 189 -26.04 -6.95 48.55
CA TYR M 189 -25.50 -6.51 49.83
C TYR M 189 -26.44 -6.83 50.98
N GLU M 190 -27.75 -6.64 50.77
CA GLU M 190 -28.73 -6.90 51.82
C GLU M 190 -29.13 -8.38 51.89
N LYS M 191 -28.54 -9.24 51.06
CA LYS M 191 -28.70 -10.68 51.25
C LYS M 191 -27.71 -11.27 52.26
N HIS M 192 -26.79 -10.47 52.81
CA HIS M 192 -25.71 -11.01 53.62
C HIS M 192 -25.42 -10.10 54.80
N LYS M 193 -24.90 -10.71 55.88
CA LYS M 193 -24.72 -10.03 57.16
C LYS M 193 -23.28 -9.65 57.46
N VAL M 194 -22.35 -10.59 57.37
CA VAL M 194 -20.96 -10.37 57.79
C VAL M 194 -20.12 -10.01 56.57
N TYR M 195 -19.45 -8.87 56.64
CA TYR M 195 -18.53 -8.42 55.60
C TYR M 195 -17.15 -8.22 56.22
N ALA M 196 -16.14 -8.86 55.64
CA ALA M 196 -14.82 -8.86 56.23
C ALA M 196 -13.75 -8.73 55.15
N CYS M 197 -12.69 -8.00 55.46
CA CYS M 197 -11.47 -7.98 54.67
C CYS M 197 -10.37 -8.67 55.46
N GLU M 198 -9.76 -9.69 54.86
CA GLU M 198 -8.72 -10.49 55.48
C GLU M 198 -7.40 -10.17 54.79
N VAL M 199 -6.41 -9.74 55.58
CA VAL M 199 -5.16 -9.19 55.10
C VAL M 199 -4.04 -10.14 55.47
N THR M 200 -3.19 -10.45 54.50
CA THR M 200 -1.94 -11.15 54.72
C THR M 200 -0.80 -10.25 54.22
N HIS M 201 0.36 -10.42 54.84
CA HIS M 201 1.49 -9.52 54.63
C HIS M 201 2.71 -10.16 55.25
N GLN M 202 3.89 -9.72 54.81
CA GLN M 202 5.14 -10.28 55.33
C GLN M 202 5.22 -10.14 56.85
N GLY M 203 4.80 -8.98 57.38
CA GLY M 203 4.87 -8.73 58.79
C GLY M 203 3.66 -9.20 59.58
N LEU M 204 2.96 -10.20 59.05
CA LEU M 204 1.78 -10.76 59.72
C LEU M 204 1.88 -12.28 59.69
N SER M 205 2.17 -12.87 60.86
CA SER M 205 2.25 -14.33 60.95
C SER M 205 0.92 -15.01 60.65
N SER M 206 -0.18 -14.27 60.74
CA SER M 206 -1.52 -14.80 60.54
C SER M 206 -2.35 -13.76 59.80
N PRO M 207 -3.44 -14.17 59.16
CA PRO M 207 -4.33 -13.20 58.51
C PRO M 207 -5.06 -12.33 59.51
N VAL M 208 -4.97 -11.02 59.30
CA VAL M 208 -5.72 -10.07 60.11
C VAL M 208 -7.06 -9.81 59.44
N THR M 209 -8.13 -9.96 60.19
CA THR M 209 -9.45 -9.83 59.62
C THR M 209 -10.18 -8.67 60.27
N LYS M 210 -10.79 -7.82 59.45
CA LYS M 210 -11.62 -6.73 59.94
C LYS M 210 -13.04 -6.93 59.40
N SER M 211 -14.01 -6.98 60.30
CA SER M 211 -15.38 -7.36 59.99
C SER M 211 -16.36 -6.27 60.39
N PHE M 212 -17.57 -6.39 59.84
CA PHE M 212 -18.73 -5.69 60.37
C PHE M 212 -19.98 -6.46 59.96
N ASN M 213 -20.98 -6.41 60.82
CA ASN M 213 -22.28 -7.01 60.57
C ASN M 213 -23.24 -5.94 60.08
N ARG M 214 -23.91 -6.20 58.96
CA ARG M 214 -24.82 -5.23 58.36
C ARG M 214 -25.89 -4.79 59.34
N GLY M 215 -25.82 -3.52 59.77
CA GLY M 215 -26.73 -3.01 60.76
C GLY M 215 -26.17 -3.07 62.16
N GLU M 216 -25.21 -2.19 62.45
CA GLU M 216 -24.60 -2.09 63.78
C GLU M 216 -23.77 -0.82 63.86
N ILE N 3 3.73 3.86 -28.90
CA ILE N 3 3.36 4.15 -27.51
C ILE N 3 3.77 5.59 -27.18
N GLN N 4 2.78 6.44 -26.92
CA GLN N 4 2.98 7.88 -26.93
C GLN N 4 2.01 8.56 -25.97
N MET N 5 2.54 9.41 -25.09
CA MET N 5 1.72 10.07 -24.09
C MET N 5 0.97 11.28 -24.63
N THR N 6 1.55 11.97 -25.62
CA THR N 6 0.95 13.18 -26.18
C THR N 6 0.84 13.03 -27.68
N GLN N 7 -0.13 13.74 -28.26
CA GLN N 7 -0.19 13.84 -29.71
C GLN N 7 0.73 14.95 -30.19
N SER N 8 1.12 14.87 -31.45
CA SER N 8 1.79 16.00 -32.08
C SER N 8 0.78 17.11 -32.34
N PRO N 9 1.23 18.36 -32.38
CA PRO N 9 0.28 19.48 -32.47
C PRO N 9 -0.52 19.44 -33.76
N SER N 10 -1.78 19.84 -33.66
CA SER N 10 -2.58 20.15 -34.85
C SER N 10 -2.10 21.47 -35.44
N SER N 11 -2.45 21.71 -36.71
CA SER N 11 -1.95 22.87 -37.41
C SER N 11 -3.08 23.78 -37.88
N LEU N 12 -2.74 25.06 -38.02
CA LEU N 12 -3.71 26.10 -38.38
C LEU N 12 -2.99 27.13 -39.24
N SER N 13 -3.47 27.31 -40.47
CA SER N 13 -2.88 28.27 -41.40
C SER N 13 -3.62 29.59 -41.30
N ALA N 14 -2.87 30.68 -41.13
CA ALA N 14 -3.49 32.00 -41.01
C ALA N 14 -2.55 33.05 -41.59
N SER N 15 -3.11 34.24 -41.79
CA SER N 15 -2.37 35.37 -42.35
C SER N 15 -2.37 36.51 -41.34
N VAL N 16 -1.34 37.36 -41.45
CA VAL N 16 -1.24 38.53 -40.58
C VAL N 16 -2.52 39.34 -40.65
N GLY N 17 -3.03 39.74 -39.49
CA GLY N 17 -4.28 40.46 -39.41
C GLY N 17 -5.51 39.59 -39.20
N ASP N 18 -5.41 38.28 -39.46
CA ASP N 18 -6.54 37.39 -39.25
C ASP N 18 -6.88 37.32 -37.76
N ARG N 19 -8.16 37.08 -37.48
CA ARG N 19 -8.63 36.79 -36.13
C ARG N 19 -8.66 35.29 -35.92
N VAL N 20 -8.04 34.82 -34.84
CA VAL N 20 -7.88 33.39 -34.58
C VAL N 20 -8.54 33.07 -33.25
N THR N 21 -9.39 32.06 -33.23
CA THR N 21 -10.03 31.60 -32.00
C THR N 21 -9.82 30.11 -31.83
N ILE N 22 -9.24 29.72 -30.70
CA ILE N 22 -8.93 28.33 -30.39
C ILE N 22 -9.84 27.90 -29.25
N THR N 23 -10.60 26.83 -29.48
CA THR N 23 -11.47 26.25 -28.48
C THR N 23 -10.77 25.07 -27.81
N CYS N 24 -10.74 25.11 -26.49
CA CYS N 24 -10.31 24.00 -25.65
C CYS N 24 -11.57 23.45 -24.99
N ARG N 25 -11.99 22.26 -25.42
CA ARG N 25 -13.17 21.63 -24.86
C ARG N 25 -12.79 20.87 -23.60
N ALA N 26 -13.57 21.07 -22.54
CA ALA N 26 -13.31 20.47 -21.24
C ALA N 26 -14.68 20.11 -20.63
N SER N 27 -15.27 19.05 -21.17
CA SER N 27 -16.65 18.71 -20.83
C SER N 27 -16.78 18.36 -19.35
N GLN N 28 -17.96 18.63 -18.80
CA GLN N 28 -18.32 18.33 -17.42
C GLN N 28 -17.42 19.02 -16.41
N SER N 29 -16.54 19.91 -16.86
CA SER N 29 -15.73 20.70 -15.94
C SER N 29 -16.60 21.65 -15.13
N VAL N 30 -16.19 21.91 -13.89
CA VAL N 30 -16.93 22.79 -13.01
C VAL N 30 -16.01 23.86 -12.46
N SER N 31 -14.99 24.25 -13.25
CA SER N 31 -14.01 25.21 -12.77
C SER N 31 -13.48 26.05 -13.93
N SER N 32 -13.15 27.30 -13.61
CA SER N 32 -12.57 28.24 -14.58
C SER N 32 -11.06 28.36 -14.46
N ALA N 33 -10.44 27.67 -13.51
CA ALA N 33 -8.98 27.74 -13.35
C ALA N 33 -8.28 27.16 -14.56
N VAL N 34 -8.33 27.87 -15.69
CA VAL N 34 -7.78 27.40 -16.96
C VAL N 34 -6.66 28.34 -17.37
N ALA N 35 -5.59 27.78 -17.93
CA ALA N 35 -4.48 28.60 -18.39
C ALA N 35 -4.27 28.41 -19.89
N TRP N 36 -3.57 29.36 -20.50
CA TRP N 36 -3.26 29.33 -21.92
C TRP N 36 -1.81 29.74 -22.10
N TYR N 37 -1.05 28.91 -22.82
CA TYR N 37 0.38 29.05 -23.00
C TYR N 37 0.75 29.13 -24.48
N GLN N 38 1.83 29.84 -24.76
CA GLN N 38 2.40 29.95 -26.10
C GLN N 38 3.82 29.41 -26.08
N GLN N 39 4.22 28.73 -27.16
CA GLN N 39 5.54 28.15 -27.26
C GLN N 39 6.05 28.26 -28.69
N LYS N 40 7.28 28.72 -28.84
CA LYS N 40 7.95 28.80 -30.13
C LYS N 40 9.06 27.75 -30.19
N PRO N 41 9.46 27.32 -31.39
CA PRO N 41 10.38 26.20 -31.50
C PRO N 41 11.67 26.41 -30.70
N GLY N 42 12.01 25.41 -29.89
CA GLY N 42 13.26 25.45 -29.14
C GLY N 42 13.27 26.38 -27.96
N LYS N 43 12.11 26.79 -27.46
CA LYS N 43 12.03 27.68 -26.31
C LYS N 43 10.92 27.20 -25.38
N ALA N 44 11.04 27.55 -24.11
CA ALA N 44 10.06 27.12 -23.12
C ALA N 44 8.70 27.76 -23.40
N PRO N 45 7.61 27.15 -22.94
CA PRO N 45 6.31 27.81 -23.03
C PRO N 45 6.28 29.10 -22.24
N LYS N 46 5.43 30.01 -22.69
CA LYS N 46 5.23 31.29 -22.04
C LYS N 46 3.75 31.43 -21.67
N LEU N 47 3.48 32.01 -20.52
CA LEU N 47 2.10 32.11 -20.04
C LEU N 47 1.41 33.31 -20.66
N LEU N 48 0.27 33.06 -21.31
CA LEU N 48 -0.58 34.12 -21.86
C LEU N 48 -1.76 34.43 -20.96
N ILE N 49 -2.60 33.43 -20.70
CA ILE N 49 -3.86 33.64 -19.99
C ILE N 49 -3.90 32.75 -18.76
N TYR N 50 -4.46 33.28 -17.68
CA TYR N 50 -4.82 32.48 -16.51
C TYR N 50 -6.23 32.85 -16.07
N SER N 51 -6.81 31.99 -15.23
CA SER N 51 -8.16 32.21 -14.70
C SER N 51 -9.16 32.43 -15.83
N ALA N 52 -8.99 31.66 -16.91
CA ALA N 52 -9.85 31.66 -18.09
C ALA N 52 -9.68 32.90 -18.96
N SER N 53 -9.73 34.10 -18.38
CA SER N 53 -9.84 35.31 -19.17
C SER N 53 -8.83 36.41 -18.83
N SER N 54 -7.98 36.22 -17.83
CA SER N 54 -7.11 37.30 -17.36
C SER N 54 -5.78 37.29 -18.10
N LEU N 55 -5.44 38.42 -18.71
CA LEU N 55 -4.16 38.54 -19.41
C LEU N 55 -3.02 38.64 -18.41
N TYR N 56 -1.94 37.93 -18.68
CA TYR N 56 -0.77 37.97 -17.82
C TYR N 56 0.09 39.18 -18.15
N SER N 57 0.77 39.71 -17.13
CA SER N 57 1.57 40.91 -17.28
C SER N 57 2.55 40.78 -18.44
N GLY N 58 2.48 41.75 -19.35
CA GLY N 58 3.37 41.80 -20.50
C GLY N 58 2.79 41.27 -21.79
N VAL N 59 1.67 40.54 -21.74
CA VAL N 59 1.12 39.92 -22.94
C VAL N 59 0.29 40.95 -23.70
N PRO N 60 0.48 41.08 -25.02
CA PRO N 60 -0.22 42.12 -25.78
C PRO N 60 -1.74 42.02 -25.69
N SER N 61 -2.39 43.18 -25.83
CA SER N 61 -3.83 43.31 -25.66
C SER N 61 -4.62 42.49 -26.65
N ARG N 62 -4.02 42.08 -27.76
CA ARG N 62 -4.76 41.35 -28.78
C ARG N 62 -5.09 39.92 -28.36
N PHE N 63 -4.51 39.42 -27.27
CA PHE N 63 -4.86 38.12 -26.74
C PHE N 63 -6.02 38.27 -25.77
N SER N 64 -6.95 37.31 -25.84
CA SER N 64 -8.16 37.34 -25.03
C SER N 64 -8.53 35.92 -24.66
N GLY N 65 -9.20 35.78 -23.53
CA GLY N 65 -9.69 34.49 -23.09
C GLY N 65 -11.11 34.61 -22.60
N SER N 66 -11.87 33.52 -22.75
CA SER N 66 -13.23 33.53 -22.26
C SER N 66 -13.72 32.11 -22.03
N ARG N 67 -14.74 32.00 -21.19
CA ARG N 67 -15.42 30.74 -20.97
C ARG N 67 -16.84 30.82 -21.54
N SER N 68 -17.31 29.68 -22.04
CA SER N 68 -18.68 29.57 -22.54
C SER N 68 -19.15 28.16 -22.16
N GLY N 69 -19.94 28.07 -21.10
CA GLY N 69 -20.26 26.77 -20.55
C GLY N 69 -18.99 26.11 -20.08
N THR N 70 -18.71 24.92 -20.62
CA THR N 70 -17.48 24.21 -20.34
C THR N 70 -16.48 24.28 -21.49
N ASP N 71 -16.66 25.22 -22.40
CA ASP N 71 -15.70 25.46 -23.48
C ASP N 71 -14.85 26.67 -23.13
N PHE N 72 -13.57 26.62 -23.45
CA PHE N 72 -12.68 27.73 -23.15
C PHE N 72 -12.05 28.22 -24.44
N THR N 73 -11.84 29.53 -24.52
CA THR N 73 -11.54 30.20 -25.78
C THR N 73 -10.33 31.09 -25.62
N LEU N 74 -9.36 30.93 -26.52
CA LEU N 74 -8.26 31.87 -26.68
C LEU N 74 -8.41 32.57 -28.03
N THR N 75 -8.54 33.88 -28.02
CA THR N 75 -8.73 34.67 -29.23
C THR N 75 -7.57 35.64 -29.40
N ILE N 76 -6.87 35.54 -30.52
CA ILE N 76 -5.95 36.57 -30.98
C ILE N 76 -6.73 37.42 -31.98
N SER N 77 -6.95 38.69 -31.61
CA SER N 77 -7.86 39.53 -32.37
C SER N 77 -7.29 39.92 -33.73
N SER N 78 -5.98 40.13 -33.83
CA SER N 78 -5.35 40.44 -35.11
C SER N 78 -3.93 39.91 -35.08
N LEU N 79 -3.69 38.85 -35.87
CA LEU N 79 -2.44 38.10 -35.80
C LEU N 79 -1.27 38.94 -36.32
N GLN N 80 -0.27 39.13 -35.47
CA GLN N 80 0.99 39.75 -35.82
C GLN N 80 2.05 38.69 -36.05
N PRO N 81 3.13 39.00 -36.79
CA PRO N 81 4.13 37.97 -37.10
C PRO N 81 4.66 37.23 -35.88
N GLU N 82 4.75 37.90 -34.73
CA GLU N 82 5.26 37.28 -33.52
C GLU N 82 4.28 36.30 -32.89
N ASP N 83 3.07 36.18 -33.41
CA ASP N 83 2.05 35.32 -32.85
C ASP N 83 2.00 33.93 -33.50
N PHE N 84 2.88 33.65 -34.45
CA PHE N 84 2.91 32.34 -35.08
C PHE N 84 3.74 31.39 -34.24
N ALA N 85 3.11 30.32 -33.76
CA ALA N 85 3.64 29.54 -32.64
C ALA N 85 2.65 28.45 -32.25
N THR N 86 2.94 27.66 -31.23
CA THR N 86 2.04 26.60 -30.79
C THR N 86 1.38 27.02 -29.48
N TYR N 87 0.07 26.82 -29.40
CA TYR N 87 -0.71 27.24 -28.25
C TYR N 87 -1.27 26.03 -27.52
N TYR N 88 -1.15 26.04 -26.19
CA TYR N 88 -1.62 24.95 -25.34
C TYR N 88 -2.64 25.46 -24.35
N CYS N 89 -3.70 24.69 -24.16
CA CYS N 89 -4.70 24.96 -23.13
C CYS N 89 -4.42 24.07 -21.92
N GLN N 90 -4.09 24.68 -20.79
CA GLN N 90 -4.01 23.94 -19.54
C GLN N 90 -5.43 23.84 -18.98
N GLN N 91 -5.98 22.62 -19.04
CA GLN N 91 -7.37 22.32 -18.71
C GLN N 91 -7.65 22.60 -17.23
N PRO N 92 -8.95 22.70 -16.85
CA PRO N 92 -9.30 23.12 -15.48
C PRO N 92 -8.52 22.40 -14.39
N SER N 93 -7.73 23.16 -13.64
CA SER N 93 -6.87 22.61 -12.60
C SER N 93 -7.52 22.82 -11.25
N TYR N 94 -8.01 21.75 -10.65
CA TYR N 94 -8.51 21.80 -9.29
C TYR N 94 -7.35 21.65 -8.32
N ILE N 95 -7.44 22.37 -7.19
CA ILE N 95 -6.46 22.19 -6.14
C ILE N 95 -6.43 20.73 -5.72
N TYR N 96 -5.22 20.19 -5.53
CA TYR N 96 -4.94 18.84 -5.05
C TYR N 96 -4.98 17.78 -6.15
N TYR N 97 -5.57 18.10 -7.29
CA TYR N 97 -5.73 17.15 -8.39
C TYR N 97 -4.63 17.33 -9.41
N PRO N 98 -4.46 16.36 -10.32
CA PRO N 98 -3.41 16.49 -11.35
C PRO N 98 -3.71 17.63 -12.31
N VAL N 99 -2.71 17.93 -13.15
CA VAL N 99 -2.77 19.00 -14.12
C VAL N 99 -2.64 18.39 -15.51
N THR N 100 -3.48 18.83 -16.44
CA THR N 100 -3.55 18.24 -17.78
C THR N 100 -3.44 19.32 -18.85
N PHE N 101 -2.44 19.19 -19.71
CA PHE N 101 -2.32 20.03 -20.89
C PHE N 101 -3.07 19.39 -22.06
N GLY N 102 -3.77 20.22 -22.83
CA GLY N 102 -4.42 19.77 -24.04
C GLY N 102 -3.42 19.59 -25.17
N GLN N 103 -3.96 19.29 -26.34
CA GLN N 103 -3.13 19.13 -27.53
C GLN N 103 -2.72 20.50 -28.06
N GLY N 104 -1.48 20.59 -28.52
CA GLY N 104 -0.98 21.84 -29.05
C GLY N 104 -1.67 22.23 -30.34
N THR N 105 -1.73 23.54 -30.58
CA THR N 105 -2.33 24.10 -31.79
C THR N 105 -1.29 25.02 -32.40
N LYS N 106 -0.54 24.50 -33.37
CA LYS N 106 0.44 25.28 -34.10
C LYS N 106 -0.27 26.23 -35.06
N VAL N 107 0.19 27.47 -35.11
CA VAL N 107 -0.34 28.51 -35.98
C VAL N 107 0.80 28.95 -36.88
N GLU N 108 0.61 28.76 -38.18
CA GLU N 108 1.63 28.96 -39.20
C GLU N 108 1.15 29.98 -40.23
N ILE N 109 2.13 30.66 -40.83
CA ILE N 109 1.83 31.74 -41.77
C ILE N 109 1.31 31.17 -43.07
N LYS N 110 0.17 31.68 -43.53
CA LYS N 110 -0.32 31.30 -44.84
C LYS N 110 0.56 31.92 -45.93
N ARG N 111 0.61 31.22 -47.06
CA ARG N 111 1.52 31.55 -48.14
C ARG N 111 0.91 31.02 -49.43
N THR N 112 1.26 31.65 -50.55
CA THR N 112 0.84 31.10 -51.83
C THR N 112 1.59 29.79 -52.08
N VAL N 113 0.88 28.82 -52.66
CA VAL N 113 1.44 27.49 -52.86
C VAL N 113 2.76 27.59 -53.62
N ALA N 114 3.71 26.72 -53.25
CA ALA N 114 5.03 26.70 -53.88
C ALA N 114 5.47 25.25 -54.01
N ALA N 115 5.78 24.84 -55.24
CA ALA N 115 6.18 23.46 -55.47
C ALA N 115 7.60 23.22 -54.97
N PRO N 116 7.91 22.00 -54.52
CA PRO N 116 9.23 21.72 -53.98
C PRO N 116 10.26 21.43 -55.07
N SER N 117 11.48 21.91 -54.85
CA SER N 117 12.62 21.50 -55.67
C SER N 117 13.04 20.11 -55.21
N VAL N 118 12.91 19.11 -56.08
CA VAL N 118 13.17 17.73 -55.71
C VAL N 118 14.55 17.32 -56.18
N PHE N 119 15.35 16.78 -55.27
CA PHE N 119 16.67 16.24 -55.57
C PHE N 119 16.76 14.83 -54.99
N ILE N 120 17.59 14.00 -55.60
CA ILE N 120 17.87 12.66 -55.07
C ILE N 120 19.38 12.47 -55.01
N PHE N 121 19.87 12.11 -53.83
CA PHE N 121 21.28 11.88 -53.57
C PHE N 121 21.53 10.39 -53.40
N PRO N 122 22.44 9.84 -54.20
CA PRO N 122 22.82 8.44 -54.04
C PRO N 122 23.82 8.29 -52.92
N PRO N 123 24.01 7.06 -52.42
CA PRO N 123 24.93 6.87 -51.28
C PRO N 123 26.38 7.13 -51.66
N SER N 124 27.12 7.68 -50.70
CA SER N 124 28.55 7.92 -50.88
C SER N 124 29.31 6.60 -50.91
N ASP N 125 30.33 6.54 -51.77
CA ASP N 125 31.22 5.38 -51.79
C ASP N 125 31.77 5.08 -50.40
N SER N 126 32.03 6.13 -49.62
CA SER N 126 32.48 5.96 -48.25
C SER N 126 31.48 5.15 -47.43
N GLN N 127 30.18 5.40 -47.63
CA GLN N 127 29.18 4.67 -46.84
C GLN N 127 29.06 3.22 -47.29
N LEU N 128 29.23 2.95 -48.58
CA LEU N 128 29.22 1.57 -49.03
C LEU N 128 30.45 0.82 -48.54
N LYS N 129 31.56 1.54 -48.29
CA LYS N 129 32.66 0.95 -47.55
C LYS N 129 32.20 0.38 -46.21
N SER N 130 31.18 0.99 -45.61
CA SER N 130 30.75 0.70 -44.25
C SER N 130 29.63 -0.33 -44.17
N GLY N 131 29.27 -0.95 -45.29
CA GLY N 131 28.27 -2.02 -45.28
C GLY N 131 26.82 -1.57 -45.30
N THR N 132 26.56 -0.30 -45.58
CA THR N 132 25.21 0.24 -45.53
C THR N 132 25.06 1.28 -46.62
N ALA N 133 23.83 1.62 -46.96
CA ALA N 133 23.55 2.55 -48.06
C ALA N 133 22.32 3.39 -47.73
N SER N 134 22.48 4.71 -47.76
CA SER N 134 21.39 5.65 -47.53
C SER N 134 21.15 6.45 -48.81
N VAL N 135 20.00 6.25 -49.42
CA VAL N 135 19.54 7.08 -50.53
C VAL N 135 18.66 8.17 -49.94
N VAL N 136 18.97 9.43 -50.20
CA VAL N 136 18.21 10.50 -49.57
C VAL N 136 17.55 11.36 -50.65
N CYS N 137 16.29 11.72 -50.42
CA CYS N 137 15.52 12.56 -51.33
C CYS N 137 15.15 13.85 -50.62
N LEU N 138 15.40 14.97 -51.28
CA LEU N 138 15.25 16.30 -50.69
C LEU N 138 14.14 17.05 -51.41
N LEU N 139 13.11 17.45 -50.66
CA LEU N 139 12.02 18.29 -51.15
C LEU N 139 12.26 19.67 -50.56
N ASN N 140 12.76 20.60 -51.38
CA ASN N 140 13.25 21.87 -50.88
C ASN N 140 12.22 22.97 -51.09
N ASN N 141 12.04 23.78 -50.04
CA ASN N 141 11.29 25.04 -50.05
C ASN N 141 9.95 24.93 -50.75
N PHE N 142 8.96 24.35 -50.07
CA PHE N 142 7.62 24.20 -50.58
C PHE N 142 6.62 24.68 -49.55
N TYR N 143 5.39 24.92 -50.01
CA TYR N 143 4.26 25.23 -49.15
C TYR N 143 3.02 24.79 -49.92
N PRO N 144 2.04 24.15 -49.27
CA PRO N 144 1.97 23.88 -47.82
C PRO N 144 2.77 22.67 -47.35
N ARG N 145 2.72 22.43 -46.03
CA ARG N 145 3.57 21.42 -45.40
C ARG N 145 3.27 20.01 -45.92
N GLU N 146 2.01 19.72 -46.24
CA GLU N 146 1.61 18.38 -46.61
C GLU N 146 2.26 17.97 -47.92
N ALA N 147 2.97 16.83 -47.90
CA ALA N 147 3.65 16.31 -49.06
C ALA N 147 3.87 14.82 -48.85
N LYS N 148 3.81 14.03 -49.92
CA LYS N 148 4.06 12.60 -49.82
C LYS N 148 5.20 12.19 -50.74
N VAL N 149 6.09 11.37 -50.19
CA VAL N 149 7.23 10.81 -50.89
C VAL N 149 7.04 9.30 -50.96
N GLN N 150 7.13 8.76 -52.16
CA GLN N 150 7.06 7.33 -52.41
C GLN N 150 8.41 6.86 -52.94
N TRP N 151 8.96 5.82 -52.31
CA TRP N 151 10.24 5.27 -52.74
C TRP N 151 9.99 4.08 -53.67
N LYS N 152 10.66 4.08 -54.82
CA LYS N 152 10.59 3.00 -55.77
C LYS N 152 11.99 2.46 -56.02
N VAL N 153 12.12 1.14 -56.02
CA VAL N 153 13.39 0.45 -56.22
C VAL N 153 13.15 -0.64 -57.26
N ASP N 154 13.61 -0.40 -58.49
CA ASP N 154 13.25 -1.23 -59.64
C ASP N 154 11.72 -1.34 -59.74
N ASN N 155 11.05 -0.21 -59.51
CA ASN N 155 9.60 -0.07 -59.51
C ASN N 155 8.92 -1.01 -58.52
N ALA N 156 9.64 -1.43 -57.48
CA ALA N 156 9.01 -2.01 -56.30
C ALA N 156 8.62 -0.86 -55.37
N LEU N 157 7.32 -0.71 -55.11
CA LEU N 157 6.87 0.33 -54.21
C LEU N 157 7.30 0.01 -52.79
N GLN N 158 7.97 0.96 -52.15
CA GLN N 158 8.57 0.75 -50.83
C GLN N 158 7.68 1.34 -49.74
N SER N 159 7.81 0.78 -48.54
CA SER N 159 7.21 1.35 -47.34
C SER N 159 7.83 0.68 -46.12
N GLY N 160 8.11 1.48 -45.10
CA GLY N 160 8.68 0.97 -43.87
C GLY N 160 10.20 1.00 -43.81
N ASN N 161 10.87 1.17 -44.94
CA ASN N 161 12.32 1.22 -44.98
C ASN N 161 12.86 2.65 -45.15
N SER N 162 12.03 3.65 -44.87
CA SER N 162 12.44 5.04 -45.02
C SER N 162 11.90 5.86 -43.85
N GLN N 163 12.57 6.98 -43.59
CA GLN N 163 12.18 7.93 -42.56
C GLN N 163 12.32 9.33 -43.11
N GLU N 164 11.48 10.26 -42.64
CA GLU N 164 11.58 11.63 -43.12
C GLU N 164 11.54 12.62 -41.97
N SER N 165 12.09 13.80 -42.25
CA SER N 165 12.23 14.91 -41.33
C SER N 165 11.75 16.19 -42.02
N VAL N 166 11.04 17.02 -41.27
CA VAL N 166 10.48 18.26 -41.78
C VAL N 166 11.12 19.42 -41.02
N THR N 167 11.56 20.44 -41.74
CA THR N 167 12.05 21.65 -41.09
C THR N 167 10.88 22.50 -40.61
N GLU N 168 11.16 23.36 -39.65
CA GLU N 168 10.19 24.37 -39.26
C GLU N 168 9.97 25.35 -40.41
N GLN N 169 8.79 25.96 -40.43
CA GLN N 169 8.46 26.95 -41.44
C GLN N 169 9.52 28.04 -41.49
N ASP N 170 10.11 28.23 -42.67
CA ASP N 170 11.17 29.22 -42.83
C ASP N 170 10.65 30.61 -42.45
N SER N 171 11.49 31.37 -41.76
CA SER N 171 11.09 32.67 -41.25
C SER N 171 11.07 33.75 -42.33
N LYS N 172 11.82 33.58 -43.42
CA LYS N 172 11.83 34.60 -44.48
C LYS N 172 10.80 34.31 -45.56
N ASP N 173 10.84 33.10 -46.14
CA ASP N 173 9.99 32.78 -47.28
C ASP N 173 8.76 31.95 -46.93
N SER N 174 8.62 31.54 -45.67
CA SER N 174 7.45 30.82 -45.17
C SER N 174 7.27 29.44 -45.81
N THR N 175 8.33 28.85 -46.34
CA THR N 175 8.25 27.52 -46.93
C THR N 175 8.70 26.46 -45.92
N TYR N 176 8.44 25.21 -46.29
CA TYR N 176 8.96 24.05 -45.58
C TYR N 176 9.94 23.31 -46.48
N SER N 177 10.83 22.55 -45.85
CA SER N 177 11.69 21.62 -46.54
C SER N 177 11.59 20.26 -45.85
N LEU N 178 11.76 19.20 -46.64
CA LEU N 178 11.59 17.83 -46.18
C LEU N 178 12.76 17.00 -46.67
N SER N 179 13.15 16.02 -45.86
CA SER N 179 14.24 15.11 -46.18
C SER N 179 13.77 13.69 -45.91
N SER N 180 14.03 12.78 -46.85
CA SER N 180 13.59 11.40 -46.72
C SER N 180 14.76 10.47 -46.99
N THR N 181 15.17 9.71 -45.98
CA THR N 181 16.24 8.74 -46.11
C THR N 181 15.65 7.34 -46.23
N LEU N 182 15.92 6.69 -47.36
CA LEU N 182 15.72 5.27 -47.55
C LEU N 182 17.02 4.56 -47.22
N THR N 183 16.97 3.51 -46.41
CA THR N 183 18.16 2.87 -45.89
C THR N 183 18.12 1.39 -46.21
N LEU N 184 19.16 0.89 -46.87
CA LEU N 184 19.27 -0.51 -47.23
C LEU N 184 20.67 -1.00 -46.87
N SER N 185 20.83 -2.32 -46.89
CA SER N 185 22.15 -2.91 -46.74
C SER N 185 22.85 -2.93 -48.09
N LYS N 186 24.19 -2.81 -48.04
CA LYS N 186 25.03 -2.83 -49.23
C LYS N 186 24.63 -3.97 -50.17
N ALA N 187 24.35 -5.14 -49.60
CA ALA N 187 23.91 -6.29 -50.38
C ALA N 187 22.61 -5.97 -51.14
N ASP N 188 21.55 -5.65 -50.39
CA ASP N 188 20.27 -5.36 -51.02
C ASP N 188 20.37 -4.19 -51.99
N TYR N 189 21.10 -3.14 -51.60
CA TYR N 189 21.29 -2.00 -52.48
C TYR N 189 21.97 -2.39 -53.79
N GLU N 190 22.87 -3.36 -53.74
CA GLU N 190 23.56 -3.79 -54.94
C GLU N 190 22.80 -4.86 -55.73
N LYS N 191 21.71 -5.41 -55.18
CA LYS N 191 20.86 -6.30 -55.96
C LYS N 191 19.83 -5.53 -56.82
N HIS N 192 19.91 -4.19 -56.89
CA HIS N 192 18.87 -3.44 -57.60
C HIS N 192 19.48 -2.26 -58.36
N LYS N 193 18.78 -1.82 -59.40
CA LYS N 193 19.34 -0.89 -60.38
C LYS N 193 18.87 0.55 -60.19
N VAL N 194 17.58 0.83 -60.39
CA VAL N 194 17.07 2.19 -60.44
C VAL N 194 16.43 2.54 -59.10
N TYR N 195 16.88 3.64 -58.50
CA TYR N 195 16.37 4.11 -57.22
C TYR N 195 15.70 5.46 -57.46
N ALA N 196 14.43 5.58 -57.04
CA ALA N 196 13.62 6.73 -57.42
C ALA N 196 12.77 7.20 -56.25
N CYS N 197 12.54 8.51 -56.23
CA CYS N 197 11.74 9.20 -55.22
C CYS N 197 10.65 9.98 -55.95
N GLU N 198 9.39 9.64 -55.68
CA GLU N 198 8.24 10.26 -56.33
C GLU N 198 7.51 11.16 -55.33
N VAL N 199 7.28 12.40 -55.72
CA VAL N 199 6.80 13.45 -54.83
C VAL N 199 5.45 13.95 -55.33
N THR N 200 4.45 13.96 -54.45
CA THR N 200 3.19 14.61 -54.73
C THR N 200 2.91 15.66 -53.67
N HIS N 201 2.31 16.77 -54.11
CA HIS N 201 2.18 18.00 -53.34
C HIS N 201 1.26 18.95 -54.08
N GLN N 202 0.65 19.87 -53.33
CA GLN N 202 -0.37 20.77 -53.89
C GLN N 202 0.12 21.49 -55.13
N GLY N 203 1.31 22.09 -55.07
CA GLY N 203 1.86 22.86 -56.17
C GLY N 203 2.43 22.05 -57.30
N LEU N 204 2.23 20.73 -57.29
CA LEU N 204 2.72 19.86 -58.35
C LEU N 204 1.52 19.35 -59.13
N SER N 205 1.38 19.83 -60.35
CA SER N 205 0.30 19.42 -61.21
C SER N 205 0.39 17.96 -61.62
N SER N 206 1.57 17.34 -61.47
CA SER N 206 1.85 15.95 -61.76
C SER N 206 2.94 15.52 -60.79
N PRO N 207 2.91 14.28 -60.29
CA PRO N 207 4.00 13.83 -59.41
C PRO N 207 5.37 14.00 -60.07
N VAL N 208 6.36 14.31 -59.25
CA VAL N 208 7.72 14.55 -59.71
C VAL N 208 8.59 13.40 -59.20
N THR N 209 9.12 12.60 -60.11
CA THR N 209 10.06 11.54 -59.75
C THR N 209 11.48 12.03 -60.06
N LYS N 210 12.38 11.85 -59.10
CA LYS N 210 13.81 11.97 -59.34
C LYS N 210 14.42 10.59 -59.19
N SER N 211 15.38 10.27 -60.05
CA SER N 211 15.83 8.89 -60.18
C SER N 211 17.33 8.83 -60.39
N PHE N 212 17.90 7.65 -60.14
CA PHE N 212 19.24 7.38 -60.63
C PHE N 212 19.43 5.89 -60.84
N ASN N 213 20.37 5.59 -61.73
CA ASN N 213 20.89 4.25 -61.91
C ASN N 213 22.13 4.08 -61.03
N ARG N 214 22.25 2.92 -60.40
CA ARG N 214 23.28 2.71 -59.38
C ARG N 214 24.68 2.90 -59.95
N GLY N 215 25.32 4.02 -59.63
CA GLY N 215 26.70 4.25 -60.02
C GLY N 215 26.87 5.06 -61.29
N GLU N 216 27.10 6.36 -61.12
CA GLU N 216 27.40 7.27 -62.24
C GLU N 216 27.88 8.63 -61.73
N ILE O 3 4.83 -6.10 25.25
CA ILE O 3 3.45 -6.06 24.78
C ILE O 3 2.81 -7.44 24.97
N GLN O 4 1.67 -7.47 25.67
CA GLN O 4 0.97 -8.71 25.95
C GLN O 4 -0.52 -8.51 25.75
N MET O 5 -1.19 -9.56 25.26
CA MET O 5 -2.60 -9.50 24.91
C MET O 5 -3.53 -9.85 26.05
N THR O 6 -3.01 -10.49 27.10
CA THR O 6 -3.82 -11.03 28.18
C THR O 6 -3.28 -10.55 29.51
N GLN O 7 -4.03 -10.83 30.57
CA GLN O 7 -3.55 -10.63 31.92
C GLN O 7 -2.98 -11.95 32.44
N SER O 8 -2.02 -11.84 33.35
CA SER O 8 -1.68 -12.99 34.17
C SER O 8 -2.86 -13.29 35.08
N PRO O 9 -3.18 -14.56 35.30
CA PRO O 9 -4.29 -14.89 36.22
C PRO O 9 -4.02 -14.34 37.61
N SER O 10 -5.06 -13.75 38.21
CA SER O 10 -5.00 -13.35 39.59
C SER O 10 -5.10 -14.59 40.49
N SER O 11 -4.79 -14.42 41.77
CA SER O 11 -4.71 -15.54 42.69
C SER O 11 -5.62 -15.36 43.90
N LEU O 12 -6.12 -16.50 44.39
CA LEU O 12 -7.03 -16.56 45.52
C LEU O 12 -6.57 -17.70 46.42
N SER O 13 -6.28 -17.42 47.69
CA SER O 13 -5.81 -18.44 48.62
C SER O 13 -6.99 -18.98 49.42
N ALA O 14 -7.12 -20.31 49.43
CA ALA O 14 -8.24 -20.96 50.10
C ALA O 14 -7.84 -22.34 50.57
N SER O 15 -8.51 -22.82 51.62
CA SER O 15 -8.29 -24.15 52.14
C SER O 15 -9.51 -25.02 51.87
N VAL O 16 -9.28 -26.34 51.92
CA VAL O 16 -10.35 -27.31 51.67
C VAL O 16 -11.52 -27.03 52.60
N GLY O 17 -12.73 -27.06 52.04
CA GLY O 17 -13.95 -26.80 52.79
C GLY O 17 -14.45 -25.38 52.69
N ASP O 18 -13.64 -24.45 52.20
CA ASP O 18 -14.07 -23.06 52.10
C ASP O 18 -15.07 -22.90 50.97
N ARG O 19 -15.89 -21.85 51.07
CA ARG O 19 -16.86 -21.49 50.05
C ARG O 19 -16.29 -20.33 49.23
N VAL O 20 -16.32 -20.46 47.91
CA VAL O 20 -15.69 -19.50 47.02
C VAL O 20 -16.71 -19.02 45.99
N THR O 21 -16.82 -17.70 45.84
CA THR O 21 -17.67 -17.10 44.82
C THR O 21 -16.84 -16.14 43.98
N ILE O 22 -16.57 -16.53 42.75
CA ILE O 22 -15.90 -15.67 41.78
C ILE O 22 -16.95 -14.87 41.03
N THR O 23 -16.72 -13.57 40.90
CA THR O 23 -17.61 -12.67 40.20
C THR O 23 -17.01 -12.27 38.87
N CYS O 24 -17.90 -12.07 37.90
CA CYS O 24 -17.56 -11.72 36.53
C CYS O 24 -18.46 -10.54 36.17
N ARG O 25 -17.88 -9.35 36.15
CA ARG O 25 -18.63 -8.16 35.78
C ARG O 25 -18.81 -8.11 34.28
N ALA O 26 -20.02 -7.79 33.83
CA ALA O 26 -20.34 -7.64 32.42
C ALA O 26 -21.27 -6.42 32.29
N SER O 27 -20.67 -5.24 32.46
CA SER O 27 -21.45 -4.01 32.50
C SER O 27 -22.25 -3.82 31.22
N GLN O 28 -23.50 -3.36 31.39
CA GLN O 28 -24.41 -3.05 30.28
C GLN O 28 -24.59 -4.23 29.32
N SER O 29 -24.31 -5.45 29.78
CA SER O 29 -24.67 -6.62 28.98
C SER O 29 -26.18 -6.85 29.09
N VAL O 30 -26.72 -7.56 28.10
CA VAL O 30 -28.16 -7.82 28.09
C VAL O 30 -28.43 -9.28 27.79
N SER O 31 -27.53 -10.17 28.19
CA SER O 31 -27.71 -11.59 27.96
C SER O 31 -27.13 -12.41 29.10
N SER O 32 -27.67 -13.62 29.26
CA SER O 32 -27.17 -14.57 30.24
C SER O 32 -26.44 -15.74 29.59
N ALA O 33 -26.01 -15.58 28.35
CA ALA O 33 -25.23 -16.62 27.65
C ALA O 33 -23.78 -16.56 28.14
N VAL O 34 -23.59 -17.06 29.36
CA VAL O 34 -22.31 -16.96 30.07
C VAL O 34 -21.85 -18.37 30.41
N ALA O 35 -20.57 -18.64 30.16
CA ALA O 35 -19.97 -19.93 30.45
C ALA O 35 -18.81 -19.76 31.42
N TRP O 36 -18.57 -20.81 32.20
CA TRP O 36 -17.47 -20.86 33.16
C TRP O 36 -16.63 -22.11 32.89
N TYR O 37 -15.31 -21.93 32.92
CA TYR O 37 -14.35 -22.97 32.56
C TYR O 37 -13.32 -23.16 33.66
N GLN O 38 -12.71 -24.34 33.65
CA GLN O 38 -11.65 -24.73 34.58
C GLN O 38 -10.44 -25.19 33.78
N GLN O 39 -9.25 -24.82 34.25
CA GLN O 39 -8.00 -25.25 33.63
C GLN O 39 -6.98 -25.56 34.70
N LYS O 40 -6.39 -26.74 34.61
CA LYS O 40 -5.25 -27.16 35.42
C LYS O 40 -3.98 -27.08 34.58
N PRO O 41 -2.82 -26.92 35.21
CA PRO O 41 -1.58 -26.71 34.45
C PRO O 41 -1.34 -27.77 33.38
N GLY O 42 -1.12 -27.32 32.15
CA GLY O 42 -0.77 -28.20 31.05
C GLY O 42 -1.93 -28.91 30.38
N LYS O 43 -3.15 -28.77 30.90
CA LYS O 43 -4.33 -29.36 30.29
C LYS O 43 -5.16 -28.28 29.62
N ALA O 44 -6.03 -28.71 28.72
CA ALA O 44 -6.96 -27.80 28.09
C ALA O 44 -8.11 -27.48 29.05
N PRO O 45 -8.81 -26.37 28.83
CA PRO O 45 -9.95 -26.03 29.69
C PRO O 45 -11.05 -27.07 29.63
N LYS O 46 -11.88 -27.07 30.68
CA LYS O 46 -13.09 -27.88 30.76
C LYS O 46 -14.29 -26.97 30.98
N LEU O 47 -15.38 -27.24 30.27
CA LEU O 47 -16.60 -26.47 30.45
C LEU O 47 -17.23 -26.83 31.78
N LEU O 48 -17.31 -25.87 32.71
CA LEU O 48 -18.01 -26.09 33.96
C LEU O 48 -19.48 -25.72 33.83
N ILE O 49 -19.78 -24.52 33.34
CA ILE O 49 -21.14 -24.00 33.36
C ILE O 49 -21.47 -23.36 32.02
N TYR O 50 -22.67 -23.65 31.52
CA TYR O 50 -23.23 -22.94 30.38
C TYR O 50 -24.53 -22.26 30.83
N SER O 51 -24.95 -21.26 30.06
CA SER O 51 -26.22 -20.58 30.28
C SER O 51 -26.32 -20.03 31.70
N ALA O 52 -25.22 -19.45 32.18
CA ALA O 52 -25.14 -18.74 33.46
C ALA O 52 -25.24 -19.66 34.67
N SER O 53 -26.18 -20.61 34.68
CA SER O 53 -26.45 -21.40 35.87
C SER O 53 -26.52 -22.90 35.66
N SER O 54 -26.38 -23.38 34.42
CA SER O 54 -26.56 -24.80 34.13
C SER O 54 -25.24 -25.55 34.29
N LEU O 55 -25.26 -26.61 35.09
CA LEU O 55 -24.10 -27.47 35.23
C LEU O 55 -23.89 -28.30 33.98
N TYR O 56 -22.66 -28.32 33.47
CA TYR O 56 -22.32 -29.28 32.44
C TYR O 56 -22.25 -30.67 33.05
N SER O 57 -22.48 -31.68 32.22
CA SER O 57 -22.45 -33.06 32.69
C SER O 57 -21.09 -33.39 33.28
N GLY O 58 -21.09 -34.18 34.35
CA GLY O 58 -19.87 -34.53 35.04
C GLY O 58 -19.32 -33.48 35.95
N VAL O 59 -20.00 -32.34 36.11
CA VAL O 59 -19.56 -31.33 37.05
C VAL O 59 -20.27 -31.60 38.37
N PRO O 60 -19.54 -31.68 39.49
CA PRO O 60 -20.19 -31.95 40.78
C PRO O 60 -21.23 -30.89 41.13
N SER O 61 -22.13 -31.27 42.03
CA SER O 61 -23.21 -30.37 42.44
C SER O 61 -22.75 -29.27 43.38
N ARG O 62 -21.52 -29.33 43.89
CA ARG O 62 -21.00 -28.22 44.68
C ARG O 62 -20.71 -27.00 43.83
N PHE O 63 -20.68 -27.15 42.51
CA PHE O 63 -20.59 -26.01 41.60
C PHE O 63 -21.98 -25.47 41.32
N SER O 64 -22.10 -24.14 41.33
CA SER O 64 -23.33 -23.49 40.92
C SER O 64 -22.97 -22.19 40.21
N GLY O 65 -23.85 -21.77 39.31
CA GLY O 65 -23.71 -20.51 38.60
C GLY O 65 -24.91 -19.64 38.88
N SER O 66 -24.68 -18.34 38.99
CA SER O 66 -25.76 -17.44 39.33
C SER O 66 -25.63 -16.13 38.56
N ARG O 67 -26.74 -15.41 38.51
CA ARG O 67 -26.81 -14.11 37.84
C ARG O 67 -27.54 -13.15 38.74
N SER O 68 -26.89 -12.03 39.07
CA SER O 68 -27.55 -10.92 39.73
C SER O 68 -27.28 -9.67 38.91
N GLY O 69 -28.31 -9.18 38.21
CA GLY O 69 -28.15 -7.98 37.41
C GLY O 69 -27.27 -8.23 36.21
N THR O 70 -26.18 -7.48 36.10
CA THR O 70 -25.21 -7.75 35.05
C THR O 70 -23.99 -8.48 35.59
N ASP O 71 -24.01 -8.86 36.86
CA ASP O 71 -22.91 -9.57 37.49
C ASP O 71 -23.20 -11.07 37.47
N PHE O 72 -22.23 -11.86 37.02
CA PHE O 72 -22.36 -13.30 37.01
C PHE O 72 -21.43 -13.89 38.06
N THR O 73 -21.81 -15.05 38.60
CA THR O 73 -21.03 -15.63 39.67
C THR O 73 -20.89 -17.13 39.49
N LEU O 74 -19.71 -17.63 39.83
CA LEU O 74 -19.46 -19.06 39.99
C LEU O 74 -19.18 -19.33 41.46
N THR O 75 -19.90 -20.28 42.04
CA THR O 75 -19.73 -20.61 43.45
C THR O 75 -19.39 -22.08 43.61
N ILE O 76 -18.34 -22.35 44.37
CA ILE O 76 -18.03 -23.68 44.88
C ILE O 76 -18.40 -23.68 46.36
N SER O 77 -19.38 -24.52 46.71
CA SER O 77 -19.97 -24.47 48.05
C SER O 77 -18.95 -24.87 49.12
N SER O 78 -18.21 -25.95 48.90
CA SER O 78 -17.12 -26.36 49.79
C SER O 78 -16.00 -26.92 48.94
N LEU O 79 -14.85 -26.24 48.95
CA LEU O 79 -13.73 -26.55 48.06
C LEU O 79 -13.17 -27.94 48.33
N GLN O 80 -13.13 -28.78 47.30
CA GLN O 80 -12.43 -30.06 47.35
C GLN O 80 -11.01 -29.90 46.83
N PRO O 81 -10.12 -30.86 47.09
CA PRO O 81 -8.72 -30.70 46.64
C PRO O 81 -8.56 -30.60 45.13
N GLU O 82 -9.43 -31.21 44.34
CA GLU O 82 -9.33 -31.10 42.89
C GLU O 82 -9.97 -29.84 42.33
N ASP O 83 -10.49 -28.96 43.20
CA ASP O 83 -11.03 -27.68 42.76
C ASP O 83 -9.98 -26.59 42.70
N PHE O 84 -8.76 -26.86 43.14
CA PHE O 84 -7.69 -25.88 43.06
C PHE O 84 -7.13 -25.87 41.65
N ALA O 85 -7.45 -24.80 40.93
CA ALA O 85 -7.17 -24.67 39.50
C ALA O 85 -7.44 -23.23 39.12
N THR O 86 -7.28 -22.93 37.84
CA THR O 86 -7.61 -21.62 37.30
C THR O 86 -9.01 -21.66 36.71
N TYR O 87 -9.78 -20.60 36.94
CA TYR O 87 -11.16 -20.51 36.45
C TYR O 87 -11.31 -19.32 35.54
N TYR O 88 -12.12 -19.48 34.50
CA TYR O 88 -12.34 -18.43 33.51
C TYR O 88 -13.82 -18.19 33.31
N CYS O 89 -14.17 -16.93 33.15
CA CYS O 89 -15.52 -16.52 32.79
C CYS O 89 -15.54 -16.05 31.34
N GLN O 90 -16.47 -16.59 30.56
CA GLN O 90 -16.70 -16.16 29.18
C GLN O 90 -17.79 -15.10 29.21
N GLN O 91 -17.46 -13.88 28.77
CA GLN O 91 -18.38 -12.75 28.74
C GLN O 91 -19.67 -13.14 28.04
N PRO O 92 -20.80 -12.45 28.32
CA PRO O 92 -22.04 -12.72 27.57
C PRO O 92 -21.81 -12.79 26.08
N SER O 93 -22.08 -13.95 25.49
CA SER O 93 -21.77 -14.23 24.09
C SER O 93 -23.05 -14.09 23.28
N TYR O 94 -23.16 -12.98 22.56
CA TYR O 94 -24.30 -12.79 21.67
C TYR O 94 -24.02 -13.47 20.34
N ILE O 95 -25.03 -14.20 19.83
CA ILE O 95 -24.92 -14.85 18.54
C ILE O 95 -24.50 -13.84 17.48
N TYR O 96 -23.49 -14.21 16.69
CA TYR O 96 -22.88 -13.47 15.58
C TYR O 96 -21.76 -12.54 16.05
N TYR O 97 -21.55 -12.39 17.34
CA TYR O 97 -20.59 -11.43 17.86
C TYR O 97 -19.35 -12.13 18.41
N PRO O 98 -18.25 -11.41 18.61
CA PRO O 98 -17.04 -12.04 19.14
C PRO O 98 -17.26 -12.63 20.52
N VAL O 99 -16.24 -13.34 20.99
CA VAL O 99 -16.25 -14.01 22.29
C VAL O 99 -15.08 -13.47 23.10
N THR O 100 -15.30 -13.28 24.41
CA THR O 100 -14.31 -12.64 25.27
C THR O 100 -14.19 -13.42 26.57
N PHE O 101 -12.97 -13.86 26.87
CA PHE O 101 -12.67 -14.48 28.16
C PHE O 101 -12.18 -13.43 29.13
N GLY O 102 -12.69 -13.48 30.35
CA GLY O 102 -12.18 -12.64 31.40
C GLY O 102 -10.79 -13.10 31.83
N GLN O 103 -10.20 -12.33 32.73
CA GLN O 103 -8.98 -12.75 33.38
C GLN O 103 -9.25 -13.98 34.23
N GLY O 104 -8.28 -14.89 34.28
CA GLY O 104 -8.45 -16.10 35.05
C GLY O 104 -8.24 -15.89 36.53
N THR O 105 -9.01 -16.63 37.32
CA THR O 105 -8.84 -16.69 38.76
C THR O 105 -8.21 -18.03 39.12
N LYS O 106 -7.08 -18.00 39.82
CA LYS O 106 -6.32 -19.18 40.17
C LYS O 106 -6.44 -19.41 41.67
N VAL O 107 -7.16 -20.47 42.05
CA VAL O 107 -7.40 -20.78 43.45
C VAL O 107 -6.25 -21.67 43.92
N GLU O 108 -5.30 -21.08 44.62
CA GLU O 108 -4.21 -21.81 45.27
C GLU O 108 -4.56 -22.07 46.73
N ILE O 109 -3.92 -23.11 47.28
CA ILE O 109 -4.30 -23.63 48.59
C ILE O 109 -3.42 -23.01 49.67
N LYS O 110 -4.07 -22.63 50.78
CA LYS O 110 -3.37 -22.06 51.92
C LYS O 110 -2.60 -23.14 52.67
N ARG O 111 -1.49 -22.74 53.29
CA ARG O 111 -0.70 -23.62 54.14
C ARG O 111 0.07 -22.75 55.13
N THR O 112 0.83 -23.42 56.01
CA THR O 112 1.69 -22.72 56.95
C THR O 112 2.86 -22.05 56.24
N VAL O 113 3.28 -20.91 56.79
CA VAL O 113 4.49 -20.25 56.30
C VAL O 113 5.65 -21.23 56.34
N ALA O 114 6.42 -21.26 55.25
CA ALA O 114 7.52 -22.21 55.10
C ALA O 114 8.69 -21.50 54.43
N ALA O 115 9.77 -21.29 55.17
CA ALA O 115 10.91 -20.57 54.65
C ALA O 115 11.66 -21.41 53.62
N PRO O 116 12.21 -20.77 52.59
CA PRO O 116 12.92 -21.53 51.55
C PRO O 116 14.30 -21.97 52.01
N SER O 117 14.72 -23.12 51.50
CA SER O 117 16.13 -23.49 51.59
C SER O 117 16.84 -22.92 50.38
N VAL O 118 17.85 -22.09 50.61
CA VAL O 118 18.49 -21.32 49.55
C VAL O 118 19.80 -21.98 49.17
N PHE O 119 20.07 -22.05 47.87
CA PHE O 119 21.34 -22.54 47.35
C PHE O 119 21.81 -21.63 46.24
N ILE O 120 23.13 -21.47 46.12
CA ILE O 120 23.69 -20.72 45.00
C ILE O 120 24.63 -21.64 44.23
N PHE O 121 24.67 -21.44 42.92
CA PHE O 121 25.46 -22.27 42.02
C PHE O 121 26.29 -21.36 41.12
N PRO O 122 27.62 -21.49 41.14
CA PRO O 122 28.45 -20.71 40.24
C PRO O 122 28.41 -21.29 38.83
N PRO O 123 29.00 -20.63 37.84
CA PRO O 123 28.98 -21.17 36.49
C PRO O 123 29.86 -22.39 36.34
N SER O 124 29.42 -23.32 35.50
CA SER O 124 30.25 -24.46 35.14
C SER O 124 31.46 -23.98 34.35
N ASP O 125 32.52 -24.79 34.37
CA ASP O 125 33.69 -24.48 33.56
C ASP O 125 33.38 -24.59 32.08
N SER O 126 32.46 -25.48 31.70
CA SER O 126 32.05 -25.61 30.31
C SER O 126 31.47 -24.30 29.78
N GLN O 127 30.68 -23.66 30.60
CA GLN O 127 30.00 -22.45 30.14
C GLN O 127 30.97 -21.30 30.12
N LEU O 128 31.89 -21.28 31.04
CA LEU O 128 32.88 -20.19 31.08
C LEU O 128 33.79 -20.29 29.87
N LYS O 129 34.09 -21.49 29.43
CA LYS O 129 34.92 -21.70 28.23
C LYS O 129 34.23 -21.05 27.03
N SER O 130 32.93 -21.20 26.93
CA SER O 130 32.02 -20.66 25.90
C SER O 130 31.93 -19.13 25.93
N GLY O 131 32.28 -18.48 27.01
CA GLY O 131 32.26 -17.00 26.99
C GLY O 131 31.19 -16.37 27.84
N THR O 132 30.45 -17.15 28.59
CA THR O 132 29.36 -16.55 29.39
C THR O 132 29.31 -17.18 30.76
N ALA O 133 28.69 -16.51 31.72
CA ALA O 133 28.63 -17.04 33.07
C ALA O 133 27.23 -16.93 33.64
N SER O 134 26.66 -18.03 34.03
CA SER O 134 25.36 -18.06 34.69
C SER O 134 25.55 -18.41 36.16
N VAL O 135 25.03 -17.56 37.03
CA VAL O 135 24.96 -17.83 38.46
C VAL O 135 23.51 -18.08 38.81
N VAL O 136 23.23 -19.27 39.32
CA VAL O 136 21.86 -19.66 39.66
C VAL O 136 21.67 -19.51 41.16
N CYS O 137 20.49 -19.04 41.57
CA CYS O 137 20.08 -19.05 42.96
C CYS O 137 18.74 -19.75 43.04
N LEU O 138 18.67 -20.77 43.89
CA LEU O 138 17.52 -21.64 44.02
C LEU O 138 16.88 -21.45 45.39
N LEU O 139 15.58 -21.24 45.39
CA LEU O 139 14.77 -21.08 46.59
C LEU O 139 13.85 -22.29 46.61
N ASN O 140 14.14 -23.25 47.49
CA ASN O 140 13.50 -24.55 47.44
C ASN O 140 12.41 -24.67 48.49
N ASN O 141 11.25 -25.15 48.05
CA ASN O 141 10.09 -25.58 48.84
C ASN O 141 9.72 -24.57 49.91
N PHE O 142 9.05 -23.49 49.51
CA PHE O 142 8.71 -22.40 50.40
C PHE O 142 7.26 -21.97 50.19
N TYR O 143 6.74 -21.22 51.17
CA TYR O 143 5.39 -20.68 51.16
C TYR O 143 5.38 -19.44 52.03
N PRO O 144 4.68 -18.36 51.63
CA PRO O 144 3.87 -18.23 50.41
C PRO O 144 4.68 -17.93 49.15
N ARG O 145 4.01 -17.47 48.10
CA ARG O 145 4.69 -17.28 46.82
C ARG O 145 5.60 -16.07 46.83
N GLU O 146 5.19 -14.99 47.49
CA GLU O 146 5.95 -13.75 47.47
C GLU O 146 7.34 -13.96 48.05
N ALA O 147 8.36 -13.60 47.28
CA ALA O 147 9.74 -13.77 47.69
C ALA O 147 10.60 -12.87 46.82
N LYS O 148 11.41 -12.03 47.45
CA LYS O 148 12.28 -11.11 46.72
C LYS O 148 13.70 -11.65 46.70
N VAL O 149 14.21 -11.91 45.49
CA VAL O 149 15.61 -12.27 45.28
C VAL O 149 16.35 -11.03 44.83
N GLN O 150 17.54 -10.83 45.38
CA GLN O 150 18.34 -9.63 45.09
C GLN O 150 19.79 -10.05 44.84
N TRP O 151 20.27 -9.85 43.62
CA TRP O 151 21.64 -10.18 43.27
C TRP O 151 22.55 -9.00 43.59
N LYS O 152 23.69 -9.31 44.21
CA LYS O 152 24.74 -8.34 44.49
C LYS O 152 26.06 -8.86 43.95
N VAL O 153 26.82 -7.94 43.35
CA VAL O 153 28.13 -8.23 42.79
C VAL O 153 29.09 -7.18 43.33
N ASP O 154 30.06 -7.61 44.14
CA ASP O 154 30.89 -6.71 44.94
C ASP O 154 30.01 -5.71 45.68
N ASN O 155 28.87 -6.21 46.17
CA ASN O 155 27.88 -5.45 46.95
C ASN O 155 27.28 -4.29 46.15
N ALA O 156 27.22 -4.44 44.83
CA ALA O 156 26.41 -3.58 43.98
C ALA O 156 25.14 -4.33 43.62
N LEU O 157 23.99 -3.75 43.95
CA LEU O 157 22.72 -4.41 43.70
C LEU O 157 22.41 -4.44 42.20
N GLN O 158 22.15 -5.63 41.67
CA GLN O 158 21.88 -5.81 40.25
C GLN O 158 20.38 -5.78 39.98
N SER O 159 20.03 -5.38 38.76
CA SER O 159 18.67 -5.50 38.27
C SER O 159 18.69 -5.38 36.75
N GLY O 160 17.98 -6.28 36.09
CA GLY O 160 17.94 -6.31 34.64
C GLY O 160 18.90 -7.27 34.00
N ASN O 161 19.77 -7.92 34.77
CA ASN O 161 20.64 -8.96 34.25
C ASN O 161 20.27 -10.34 34.76
N SER O 162 19.21 -10.45 35.56
CA SER O 162 18.71 -11.73 36.03
C SER O 162 17.28 -11.93 35.55
N GLN O 163 16.88 -13.20 35.48
CA GLN O 163 15.51 -13.59 35.20
C GLN O 163 15.16 -14.76 36.11
N GLU O 164 13.89 -14.86 36.50
CA GLU O 164 13.50 -15.93 37.40
C GLU O 164 12.29 -16.66 36.86
N SER O 165 12.01 -17.81 37.47
CA SER O 165 10.84 -18.61 37.14
C SER O 165 10.41 -19.39 38.38
N VAL O 166 9.10 -19.56 38.51
CA VAL O 166 8.48 -20.18 39.68
C VAL O 166 7.72 -21.42 39.24
N THR O 167 7.84 -22.49 40.00
CA THR O 167 7.08 -23.69 39.73
C THR O 167 5.64 -23.53 40.19
N GLU O 168 4.77 -24.40 39.67
CA GLU O 168 3.40 -24.44 40.16
C GLU O 168 3.40 -24.97 41.60
N GLN O 169 2.32 -24.67 42.32
CA GLN O 169 2.20 -25.11 43.70
C GLN O 169 2.24 -26.63 43.76
N ASP O 170 3.13 -27.16 44.62
CA ASP O 170 3.39 -28.59 44.64
C ASP O 170 2.21 -29.36 45.20
N SER O 171 1.88 -30.48 44.54
CA SER O 171 0.69 -31.24 44.92
C SER O 171 0.84 -31.89 46.29
N LYS O 172 2.06 -32.34 46.63
CA LYS O 172 2.25 -33.07 47.88
C LYS O 172 2.25 -32.15 49.09
N ASP O 173 3.01 -31.05 49.02
CA ASP O 173 3.27 -30.23 50.20
C ASP O 173 2.88 -28.77 50.05
N SER O 174 2.31 -28.37 48.90
CA SER O 174 1.74 -27.04 48.71
C SER O 174 2.79 -25.93 48.76
N THR O 175 4.04 -26.24 48.44
CA THR O 175 5.07 -25.22 48.41
C THR O 175 5.32 -24.76 46.97
N TYR O 176 6.06 -23.67 46.85
CA TYR O 176 6.58 -23.20 45.57
C TYR O 176 8.09 -23.25 45.59
N SER O 177 8.68 -23.22 44.40
CA SER O 177 10.13 -23.13 44.24
C SER O 177 10.44 -22.06 43.22
N LEU O 178 11.63 -21.48 43.34
CA LEU O 178 12.00 -20.35 42.50
C LEU O 178 13.45 -20.49 42.04
N SER O 179 13.68 -20.35 40.75
CA SER O 179 15.03 -20.32 40.22
C SER O 179 15.27 -18.97 39.57
N SER O 180 16.21 -18.21 40.13
CA SER O 180 16.66 -16.95 39.54
C SER O 180 18.04 -17.17 38.94
N THR O 181 18.27 -16.60 37.77
CA THR O 181 19.50 -16.81 37.03
C THR O 181 20.06 -15.46 36.62
N LEU O 182 21.27 -15.17 37.06
CA LEU O 182 22.01 -13.97 36.70
C LEU O 182 23.03 -14.33 35.64
N THR O 183 23.08 -13.56 34.56
CA THR O 183 23.94 -13.88 33.43
C THR O 183 24.86 -12.70 33.14
N LEU O 184 26.15 -12.98 33.00
CA LEU O 184 27.13 -11.98 32.60
C LEU O 184 28.01 -12.54 31.50
N SER O 185 28.67 -11.65 30.79
CA SER O 185 29.75 -12.07 29.92
C SER O 185 30.89 -12.63 30.77
N LYS O 186 31.73 -13.46 30.16
CA LYS O 186 32.92 -13.94 30.87
C LYS O 186 33.79 -12.76 31.27
N ALA O 187 33.98 -11.80 30.35
CA ALA O 187 34.72 -10.59 30.66
C ALA O 187 34.13 -9.89 31.88
N ASP O 188 32.81 -9.63 31.85
CA ASP O 188 32.17 -8.97 32.99
C ASP O 188 32.21 -9.83 34.23
N TYR O 189 32.10 -11.16 34.08
CA TYR O 189 32.16 -12.05 35.23
C TYR O 189 33.50 -11.92 35.96
N GLU O 190 34.59 -11.77 35.21
CA GLU O 190 35.92 -11.82 35.80
C GLU O 190 36.42 -10.48 36.34
N LYS O 191 35.66 -9.40 36.16
CA LYS O 191 36.02 -8.13 36.77
C LYS O 191 35.46 -7.97 38.18
N HIS O 192 34.99 -9.05 38.79
CA HIS O 192 34.37 -9.00 40.10
C HIS O 192 34.68 -10.30 40.84
N LYS O 193 34.56 -10.26 42.17
CA LYS O 193 34.98 -11.37 43.01
C LYS O 193 33.84 -12.06 43.74
N VAL O 194 32.96 -11.32 44.42
CA VAL O 194 31.93 -11.91 45.27
C VAL O 194 30.58 -11.79 44.57
N TYR O 195 29.85 -12.91 44.52
CA TYR O 195 28.54 -12.97 43.89
C TYR O 195 27.57 -13.53 44.91
N ALA O 196 26.49 -12.79 45.18
CA ALA O 196 25.60 -13.16 46.29
C ALA O 196 24.15 -12.96 45.89
N CYS O 197 23.32 -13.97 46.15
CA CYS O 197 21.88 -13.81 46.09
C CYS O 197 21.34 -13.66 47.51
N GLU O 198 20.55 -12.61 47.72
CA GLU O 198 19.93 -12.32 49.01
C GLU O 198 18.43 -12.56 48.88
N VAL O 199 17.93 -13.50 49.66
CA VAL O 199 16.54 -13.90 49.63
C VAL O 199 15.79 -13.23 50.77
N THR O 200 14.60 -12.71 50.47
CA THR O 200 13.71 -12.10 51.45
C THR O 200 12.36 -12.80 51.35
N HIS O 201 11.88 -13.30 52.49
CA HIS O 201 10.66 -14.10 52.54
C HIS O 201 10.03 -13.98 53.92
N GLN O 202 8.76 -14.34 54.00
CA GLN O 202 8.04 -14.29 55.28
C GLN O 202 8.61 -15.30 56.27
N GLY O 203 8.94 -16.50 55.80
CA GLY O 203 9.49 -17.52 56.68
C GLY O 203 10.81 -17.14 57.33
N LEU O 204 11.53 -16.18 56.74
CA LEU O 204 12.85 -15.82 57.24
C LEU O 204 12.76 -14.63 58.18
N SER O 205 13.29 -14.83 59.39
CA SER O 205 13.60 -13.76 60.34
C SER O 205 14.06 -12.51 59.61
N SER O 206 15.26 -12.58 59.06
CA SER O 206 16.01 -11.57 58.33
C SER O 206 16.45 -12.16 56.99
N PRO O 207 16.56 -11.36 55.94
CA PRO O 207 16.89 -11.91 54.62
C PRO O 207 18.22 -12.66 54.64
N VAL O 208 18.22 -13.86 54.04
CA VAL O 208 19.44 -14.66 53.98
C VAL O 208 20.26 -14.25 52.75
N THR O 209 21.54 -14.61 52.76
CA THR O 209 22.43 -14.35 51.65
C THR O 209 23.30 -15.57 51.42
N LYS O 210 23.54 -15.91 50.15
CA LYS O 210 24.32 -17.10 49.78
C LYS O 210 25.43 -16.68 48.82
N SER O 211 26.52 -16.15 49.35
CA SER O 211 27.59 -15.60 48.53
C SER O 211 28.58 -16.68 48.10
N PHE O 212 29.43 -16.31 47.15
CA PHE O 212 30.62 -17.09 46.82
C PHE O 212 31.63 -16.20 46.11
N ASN O 213 32.90 -16.45 46.38
CA ASN O 213 33.98 -15.76 45.68
C ASN O 213 34.43 -16.60 44.48
N ARG O 214 34.80 -15.91 43.41
CA ARG O 214 34.97 -16.55 42.11
C ARG O 214 36.04 -17.64 42.15
N GLY O 215 35.60 -18.88 41.90
CA GLY O 215 36.51 -20.00 41.75
C GLY O 215 37.07 -20.55 43.04
N GLU O 216 36.20 -20.86 44.00
CA GLU O 216 36.64 -21.35 45.31
C GLU O 216 35.67 -22.39 45.85
N ILE P 3 -3.44 9.93 -24.68
CA ILE P 3 -2.58 8.77 -24.45
C ILE P 3 -2.94 7.67 -25.44
N GLN P 4 -2.02 7.30 -26.32
CA GLN P 4 -2.30 6.30 -27.34
C GLN P 4 -1.27 5.18 -27.33
N MET P 5 -1.77 3.94 -27.34
CA MET P 5 -1.02 2.71 -27.21
C MET P 5 -0.45 2.22 -28.54
N THR P 6 -1.18 2.44 -29.62
CA THR P 6 -0.73 2.10 -30.97
C THR P 6 -0.52 3.38 -31.77
N GLN P 7 -0.31 3.21 -33.06
CA GLN P 7 -0.39 4.28 -34.04
C GLN P 7 -1.49 3.94 -35.04
N SER P 8 -1.95 4.96 -35.76
CA SER P 8 -2.80 4.66 -36.89
C SER P 8 -1.93 4.20 -38.06
N PRO P 9 -2.46 3.36 -38.95
CA PRO P 9 -1.64 2.83 -40.04
C PRO P 9 -1.08 3.94 -40.92
N SER P 10 0.19 3.80 -41.30
CA SER P 10 0.69 4.53 -42.45
C SER P 10 -0.01 4.01 -43.71
N SER P 11 0.13 4.74 -44.81
CA SER P 11 -0.55 4.36 -46.03
C SER P 11 0.43 4.29 -47.19
N LEU P 12 0.16 3.34 -48.09
CA LEU P 12 0.88 3.15 -49.33
C LEU P 12 -0.13 3.05 -50.46
N SER P 13 0.01 3.91 -51.47
CA SER P 13 -0.93 3.99 -52.57
C SER P 13 -0.35 3.28 -53.79
N ALA P 14 -1.07 2.28 -54.29
CA ALA P 14 -0.55 1.48 -55.40
C ALA P 14 -1.68 1.16 -56.39
N SER P 15 -1.28 0.56 -57.51
CA SER P 15 -2.21 0.12 -58.54
C SER P 15 -2.19 -1.40 -58.64
N VAL P 16 -3.24 -1.94 -59.27
CA VAL P 16 -3.27 -3.37 -59.56
C VAL P 16 -2.13 -3.69 -60.51
N GLY P 17 -1.37 -4.73 -60.19
CA GLY P 17 -0.21 -5.10 -60.97
C GLY P 17 1.10 -4.52 -60.50
N ASP P 18 1.10 -3.71 -59.45
CA ASP P 18 2.32 -3.13 -58.93
C ASP P 18 3.02 -4.09 -57.98
N ARG P 19 4.34 -3.98 -57.92
CA ARG P 19 5.14 -4.72 -56.95
C ARG P 19 5.25 -3.90 -55.66
N VAL P 20 5.05 -4.56 -54.52
CA VAL P 20 4.97 -3.82 -53.26
C VAL P 20 5.79 -4.55 -52.19
N THR P 21 6.77 -3.86 -51.61
CA THR P 21 7.64 -4.43 -50.59
C THR P 21 7.53 -3.60 -49.31
N ILE P 22 7.05 -4.24 -48.24
CA ILE P 22 6.96 -3.61 -46.92
C ILE P 22 8.10 -4.11 -46.07
N THR P 23 8.85 -3.19 -45.48
CA THR P 23 9.95 -3.52 -44.59
C THR P 23 9.51 -3.37 -43.13
N CYS P 24 9.92 -4.33 -42.31
CA CYS P 24 9.67 -4.35 -40.87
C CYS P 24 11.03 -4.54 -40.22
N ARG P 25 11.59 -3.46 -39.68
CA ARG P 25 12.90 -3.53 -39.05
C ARG P 25 12.77 -4.07 -37.63
N ALA P 26 13.66 -4.99 -37.29
CA ALA P 26 13.73 -5.57 -35.95
C ALA P 26 15.19 -5.52 -35.52
N SER P 27 15.65 -4.33 -35.17
CA SER P 27 17.06 -4.12 -34.91
C SER P 27 17.52 -4.90 -33.68
N GLN P 28 18.68 -5.54 -33.80
CA GLN P 28 19.30 -6.39 -32.79
C GLN P 28 18.56 -7.71 -32.58
N SER P 29 17.61 -8.05 -33.45
CA SER P 29 16.94 -9.33 -33.35
C SER P 29 17.90 -10.46 -33.68
N VAL P 30 17.75 -11.58 -32.96
CA VAL P 30 18.54 -12.77 -33.23
C VAL P 30 17.59 -13.95 -33.42
N SER P 31 16.57 -13.76 -34.27
CA SER P 31 15.58 -14.80 -34.48
C SER P 31 14.81 -14.53 -35.76
N SER P 32 14.18 -15.58 -36.28
CA SER P 32 13.38 -15.49 -37.50
C SER P 32 11.91 -15.79 -37.24
N ALA P 33 11.48 -15.87 -35.97
CA ALA P 33 10.08 -16.12 -35.63
C ALA P 33 9.27 -14.83 -35.84
N VAL P 34 9.16 -14.45 -37.11
CA VAL P 34 8.50 -13.20 -37.52
C VAL P 34 7.26 -13.57 -38.31
N ALA P 35 6.14 -12.91 -38.01
CA ALA P 35 4.91 -13.22 -38.72
C ALA P 35 4.44 -12.03 -39.53
N TRP P 36 3.54 -12.29 -40.48
CA TRP P 36 2.89 -11.23 -41.25
C TRP P 36 1.41 -11.56 -41.39
N TYR P 37 0.57 -10.58 -41.08
CA TYR P 37 -0.88 -10.69 -41.11
C TYR P 37 -1.49 -9.64 -42.03
N GLN P 38 -2.67 -9.97 -42.55
CA GLN P 38 -3.48 -9.06 -43.34
C GLN P 38 -4.81 -8.81 -42.64
N GLN P 39 -5.25 -7.56 -42.62
CA GLN P 39 -6.54 -7.20 -42.04
C GLN P 39 -7.24 -6.24 -42.99
N LYS P 40 -8.53 -6.49 -43.19
CA LYS P 40 -9.41 -5.60 -43.92
C LYS P 40 -10.42 -4.98 -42.95
N PRO P 41 -11.09 -3.90 -43.34
CA PRO P 41 -12.00 -3.21 -42.41
C PRO P 41 -13.05 -4.12 -41.80
N GLY P 42 -13.14 -4.09 -40.46
CA GLY P 42 -14.17 -4.78 -39.73
C GLY P 42 -14.00 -6.28 -39.57
N LYS P 43 -13.00 -6.88 -40.20
CA LYS P 43 -12.77 -8.32 -40.09
C LYS P 43 -11.54 -8.59 -39.23
N ALA P 44 -11.50 -9.78 -38.65
CA ALA P 44 -10.33 -10.18 -37.89
C ALA P 44 -9.13 -10.36 -38.82
N PRO P 45 -7.91 -10.27 -38.29
CA PRO P 45 -6.73 -10.38 -39.14
C PRO P 45 -6.43 -11.83 -39.54
N LYS P 46 -5.86 -11.96 -40.74
CA LYS P 46 -5.62 -13.24 -41.38
C LYS P 46 -4.11 -13.46 -41.47
N LEU P 47 -3.65 -14.64 -41.05
CA LEU P 47 -2.22 -14.93 -41.06
C LEU P 47 -1.75 -15.24 -42.48
N LEU P 48 -0.70 -14.54 -42.92
CA LEU P 48 -0.14 -14.72 -44.24
C LEU P 48 1.20 -15.44 -44.21
N ILE P 49 2.18 -14.91 -43.47
CA ILE P 49 3.53 -15.46 -43.47
C ILE P 49 3.91 -15.82 -42.04
N TYR P 50 4.64 -16.93 -41.89
CA TYR P 50 5.19 -17.30 -40.60
C TYR P 50 6.63 -17.76 -40.79
N SER P 51 7.37 -17.81 -39.68
CA SER P 51 8.81 -18.03 -39.67
C SER P 51 9.49 -17.29 -40.83
N ALA P 52 9.19 -16.00 -40.92
CA ALA P 52 9.82 -15.05 -41.82
C ALA P 52 9.46 -15.26 -43.29
N SER P 53 9.33 -16.51 -43.74
CA SER P 53 9.26 -16.74 -45.18
C SER P 53 8.31 -17.82 -45.64
N SER P 54 7.68 -18.60 -44.76
CA SER P 54 6.86 -19.73 -45.17
C SER P 54 5.39 -19.31 -45.30
N LEU P 55 4.85 -19.42 -46.52
CA LEU P 55 3.46 -19.11 -46.76
C LEU P 55 2.56 -20.01 -45.92
N TYR P 56 1.38 -19.49 -45.58
CA TYR P 56 0.37 -20.26 -44.86
C TYR P 56 -0.57 -20.94 -45.85
N SER P 57 -1.32 -21.91 -45.33
CA SER P 57 -2.26 -22.67 -46.16
C SER P 57 -3.23 -21.73 -46.88
N GLY P 58 -3.35 -21.90 -48.18
CA GLY P 58 -4.28 -21.11 -48.97
C GLY P 58 -3.93 -19.63 -49.03
N VAL P 59 -2.66 -19.31 -49.17
CA VAL P 59 -2.21 -17.94 -49.37
C VAL P 59 -1.55 -17.87 -50.74
N PRO P 60 -2.00 -16.99 -51.64
CA PRO P 60 -1.47 -17.00 -53.01
C PRO P 60 0.03 -16.72 -53.04
N SER P 61 0.69 -17.33 -54.02
CA SER P 61 2.14 -17.27 -54.15
C SER P 61 2.65 -15.93 -54.65
N ARG P 62 1.75 -14.97 -54.91
CA ARG P 62 2.23 -13.62 -55.14
C ARG P 62 2.77 -12.99 -53.87
N PHE P 63 2.42 -13.56 -52.72
CA PHE P 63 2.96 -13.14 -51.43
C PHE P 63 4.24 -13.91 -51.14
N SER P 64 5.30 -13.19 -50.80
CA SER P 64 6.53 -13.80 -50.36
C SER P 64 7.04 -13.06 -49.13
N GLY P 65 7.59 -13.82 -48.19
CA GLY P 65 8.27 -13.25 -47.03
C GLY P 65 9.76 -13.54 -47.16
N SER P 66 10.57 -12.55 -46.83
CA SER P 66 12.01 -12.75 -46.87
C SER P 66 12.67 -12.04 -45.70
N ARG P 67 13.96 -12.30 -45.55
CA ARG P 67 14.75 -11.85 -44.42
C ARG P 67 16.08 -11.34 -44.96
N SER P 68 16.47 -10.13 -44.55
CA SER P 68 17.74 -9.55 -44.96
C SER P 68 18.35 -8.89 -43.73
N GLY P 69 19.40 -9.51 -43.19
CA GLY P 69 19.94 -9.05 -41.92
C GLY P 69 18.88 -9.18 -40.84
N THR P 70 18.73 -8.13 -40.05
CA THR P 70 17.66 -8.04 -39.07
C THR P 70 16.43 -7.34 -39.61
N ASP P 71 16.41 -6.99 -40.90
CA ASP P 71 15.22 -6.44 -41.53
C ASP P 71 14.39 -7.58 -42.11
N PHE P 72 13.08 -7.48 -41.97
CA PHE P 72 12.18 -8.50 -42.52
C PHE P 72 11.32 -7.85 -43.58
N THR P 73 10.93 -8.63 -44.59
CA THR P 73 10.31 -8.03 -45.75
C THR P 73 9.11 -8.87 -46.19
N LEU P 74 8.06 -8.18 -46.62
CA LEU P 74 6.88 -8.81 -47.19
C LEU P 74 6.66 -8.20 -48.57
N THR P 75 6.72 -9.03 -49.60
CA THR P 75 6.59 -8.58 -50.98
C THR P 75 5.36 -9.19 -51.62
N ILE P 76 4.61 -8.37 -52.34
CA ILE P 76 3.53 -8.80 -53.21
C ILE P 76 3.99 -8.55 -54.64
N SER P 77 4.09 -9.63 -55.41
CA SER P 77 4.69 -9.55 -56.75
C SER P 77 3.86 -8.66 -57.67
N SER P 78 2.60 -9.02 -57.87
CA SER P 78 1.67 -8.22 -58.66
C SER P 78 0.42 -8.00 -57.82
N LEU P 79 0.08 -6.74 -57.58
CA LEU P 79 -0.99 -6.42 -56.64
C LEU P 79 -2.35 -6.77 -57.23
N GLN P 80 -3.14 -7.52 -56.47
CA GLN P 80 -4.49 -7.90 -56.85
C GLN P 80 -5.51 -7.12 -56.04
N PRO P 81 -6.66 -6.78 -56.63
CA PRO P 81 -7.69 -6.02 -55.89
C PRO P 81 -7.99 -6.56 -54.51
N GLU P 82 -7.83 -7.86 -54.28
CA GLU P 82 -8.06 -8.47 -52.99
C GLU P 82 -6.97 -8.13 -51.97
N ASP P 83 -5.83 -7.59 -52.42
CA ASP P 83 -4.71 -7.35 -51.52
C ASP P 83 -4.74 -5.97 -50.87
N PHE P 84 -5.45 -5.01 -51.46
CA PHE P 84 -5.57 -3.69 -50.86
C PHE P 84 -6.20 -3.81 -49.47
N ALA P 85 -5.38 -3.62 -48.44
CA ALA P 85 -5.77 -3.86 -47.05
C ALA P 85 -4.64 -3.33 -46.17
N THR P 86 -4.72 -3.61 -44.88
CA THR P 86 -3.70 -3.24 -43.91
C THR P 86 -2.85 -4.45 -43.57
N TYR P 87 -1.55 -4.23 -43.39
CA TYR P 87 -0.61 -5.32 -43.18
C TYR P 87 0.19 -5.10 -41.91
N TYR P 88 0.39 -6.17 -41.14
CA TYR P 88 1.05 -6.10 -39.85
C TYR P 88 2.21 -7.09 -39.81
N CYS P 89 3.35 -6.63 -39.32
CA CYS P 89 4.48 -7.49 -39.04
C CYS P 89 4.52 -7.77 -37.53
N GLN P 90 4.50 -9.06 -37.18
CA GLN P 90 4.69 -9.49 -35.81
C GLN P 90 6.18 -9.68 -35.58
N GLN P 91 6.77 -8.73 -34.84
CA GLN P 91 8.18 -8.62 -34.45
C GLN P 91 8.69 -9.96 -33.93
N PRO P 92 10.01 -10.23 -34.10
CA PRO P 92 10.56 -11.54 -33.72
C PRO P 92 10.12 -11.98 -32.34
N SER P 93 9.39 -13.09 -32.29
CA SER P 93 8.74 -13.55 -31.08
C SER P 93 9.55 -14.70 -30.49
N TYR P 94 10.15 -14.45 -29.32
CA TYR P 94 10.90 -15.46 -28.61
C TYR P 94 9.99 -16.19 -27.64
N ILE P 95 10.14 -17.51 -27.58
CA ILE P 95 9.42 -18.30 -26.58
C ILE P 95 9.69 -17.72 -25.20
N TYR P 96 8.62 -17.59 -24.41
CA TYR P 96 8.58 -17.06 -23.05
C TYR P 96 8.61 -15.53 -23.01
N TYR P 97 8.62 -14.84 -24.14
CA TYR P 97 8.76 -13.39 -24.20
C TYR P 97 7.51 -12.75 -24.80
N PRO P 98 7.26 -11.48 -24.52
CA PRO P 98 6.04 -10.84 -25.03
C PRO P 98 6.10 -10.63 -26.53
N VAL P 99 4.92 -10.58 -27.13
CA VAL P 99 4.75 -10.34 -28.57
C VAL P 99 4.54 -8.85 -28.78
N THR P 100 5.03 -8.34 -29.90
CA THR P 100 4.88 -6.93 -30.26
C THR P 100 4.46 -6.84 -31.71
N PHE P 101 3.31 -6.22 -31.96
CA PHE P 101 2.88 -5.92 -33.31
C PHE P 101 3.41 -4.56 -33.74
N GLY P 102 3.79 -4.43 -35.00
CA GLY P 102 4.24 -3.17 -35.53
C GLY P 102 3.09 -2.30 -35.98
N GLN P 103 3.44 -1.11 -36.47
CA GLN P 103 2.45 -0.24 -37.06
C GLN P 103 1.96 -0.82 -38.38
N GLY P 104 0.67 -0.68 -38.64
CA GLY P 104 0.10 -1.24 -39.85
C GLY P 104 0.47 -0.45 -41.08
N THR P 105 0.47 -1.14 -42.22
CA THR P 105 0.70 -0.53 -43.53
C THR P 105 -0.57 -0.74 -44.36
N LYS P 106 -1.35 0.33 -44.50
CA LYS P 106 -2.63 0.30 -45.19
C LYS P 106 -2.37 0.57 -46.68
N VAL P 107 -2.61 -0.43 -47.51
CA VAL P 107 -2.38 -0.33 -48.95
C VAL P 107 -3.69 0.10 -49.60
N GLU P 108 -3.73 1.34 -50.08
CA GLU P 108 -4.90 1.90 -50.73
C GLU P 108 -4.71 1.94 -52.25
N ILE P 109 -5.83 2.02 -52.95
CA ILE P 109 -5.86 1.93 -54.40
C ILE P 109 -5.57 3.30 -55.00
N LYS P 110 -4.63 3.35 -55.94
CA LYS P 110 -4.40 4.61 -56.61
C LYS P 110 -5.45 4.85 -57.68
N ARG P 111 -5.57 6.11 -58.08
CA ARG P 111 -6.75 6.60 -58.77
C ARG P 111 -6.46 8.01 -59.23
N THR P 112 -7.27 8.51 -60.15
CA THR P 112 -7.11 9.88 -60.58
C THR P 112 -7.56 10.84 -59.50
N VAL P 113 -6.89 12.00 -59.44
CA VAL P 113 -7.29 13.04 -58.52
C VAL P 113 -8.74 13.41 -58.75
N ALA P 114 -9.51 13.50 -57.67
CA ALA P 114 -10.91 13.89 -57.73
C ALA P 114 -11.16 14.97 -56.69
N ALA P 115 -11.58 16.14 -57.14
CA ALA P 115 -11.99 17.17 -56.22
C ALA P 115 -13.19 16.68 -55.41
N PRO P 116 -13.29 17.07 -54.14
CA PRO P 116 -14.51 16.80 -53.39
C PRO P 116 -15.62 17.75 -53.80
N SER P 117 -16.85 17.25 -53.74
CA SER P 117 -18.00 18.15 -53.76
C SER P 117 -18.25 18.58 -52.32
N VAL P 118 -18.44 19.88 -52.11
CA VAL P 118 -18.53 20.45 -50.77
C VAL P 118 -19.96 20.89 -50.51
N PHE P 119 -20.51 20.45 -49.38
CA PHE P 119 -21.81 20.89 -48.92
C PHE P 119 -21.71 21.28 -47.45
N ILE P 120 -22.51 22.26 -47.05
CA ILE P 120 -22.57 22.70 -45.67
C ILE P 120 -24.01 22.63 -45.20
N PHE P 121 -24.19 22.24 -43.94
CA PHE P 121 -25.52 22.06 -43.35
C PHE P 121 -25.59 22.85 -42.05
N PRO P 122 -26.43 23.89 -42.01
CA PRO P 122 -26.79 24.50 -40.72
C PRO P 122 -27.37 23.46 -39.78
N PRO P 123 -27.42 23.75 -38.48
CA PRO P 123 -28.06 22.83 -37.56
C PRO P 123 -29.55 22.79 -37.78
N SER P 124 -30.15 21.67 -37.39
CA SER P 124 -31.60 21.57 -37.37
C SER P 124 -32.15 22.40 -36.22
N ASP P 125 -33.38 22.89 -36.40
CA ASP P 125 -34.05 23.56 -35.29
C ASP P 125 -34.52 22.55 -34.25
N SER P 126 -34.79 21.32 -34.66
CA SER P 126 -34.98 20.24 -33.69
C SER P 126 -33.82 20.15 -32.73
N GLN P 127 -32.61 20.43 -33.23
CA GLN P 127 -31.43 20.45 -32.36
C GLN P 127 -31.27 21.78 -31.64
N LEU P 128 -31.66 22.90 -32.27
CA LEU P 128 -31.49 24.18 -31.55
C LEU P 128 -32.41 24.23 -30.35
N LYS P 129 -33.57 23.58 -30.42
CA LYS P 129 -34.37 23.38 -29.22
C LYS P 129 -33.66 22.52 -28.19
N SER P 130 -32.77 21.62 -28.65
CA SER P 130 -32.04 20.81 -27.69
C SER P 130 -31.06 21.65 -26.88
N GLY P 131 -30.48 22.69 -27.47
CA GLY P 131 -29.53 23.52 -26.75
C GLY P 131 -28.17 23.70 -27.40
N THR P 132 -27.91 23.04 -28.53
CA THR P 132 -26.61 23.14 -29.18
C THR P 132 -26.79 23.23 -30.70
N ALA P 133 -25.69 23.53 -31.38
CA ALA P 133 -25.68 23.67 -32.83
C ALA P 133 -24.49 22.90 -33.41
N SER P 134 -24.79 21.92 -34.25
CA SER P 134 -23.78 21.16 -34.98
C SER P 134 -23.88 21.53 -36.46
N VAL P 135 -22.90 22.29 -36.93
CA VAL P 135 -22.79 22.69 -38.33
C VAL P 135 -21.97 21.61 -39.04
N VAL P 136 -22.59 20.91 -39.97
CA VAL P 136 -21.91 19.80 -40.63
C VAL P 136 -21.34 20.29 -41.96
N CYS P 137 -20.15 19.81 -42.30
CA CYS P 137 -19.52 20.12 -43.57
C CYS P 137 -19.09 18.80 -44.19
N LEU P 138 -19.51 18.58 -45.43
CA LEU P 138 -19.32 17.30 -46.12
C LEU P 138 -18.46 17.51 -47.35
N LEU P 139 -17.34 16.80 -47.39
CA LEU P 139 -16.49 16.68 -48.57
C LEU P 139 -16.79 15.31 -49.18
N ASN P 140 -17.25 15.28 -50.42
CA ASN P 140 -17.86 14.10 -51.00
C ASN P 140 -17.05 13.58 -52.19
N ASN P 141 -16.75 12.28 -52.13
CA ASN P 141 -16.16 11.49 -53.21
C ASN P 141 -14.97 12.18 -53.86
N PHE P 142 -13.82 12.12 -53.19
CA PHE P 142 -12.61 12.77 -53.63
C PHE P 142 -11.43 11.80 -53.52
N TYR P 143 -10.28 12.23 -54.03
CA TYR P 143 -9.03 11.49 -53.95
C TYR P 143 -7.90 12.45 -54.26
N PRO P 144 -6.79 12.43 -53.50
CA PRO P 144 -6.49 11.47 -52.43
C PRO P 144 -7.13 11.78 -51.09
N ARG P 145 -6.75 10.95 -50.12
CA ARG P 145 -7.38 11.01 -48.80
C ARG P 145 -7.13 12.34 -48.11
N GLU P 146 -5.99 12.97 -48.35
CA GLU P 146 -5.61 14.18 -47.64
C GLU P 146 -6.47 15.36 -48.10
N ALA P 147 -7.10 16.03 -47.13
CA ALA P 147 -7.94 17.20 -47.42
C ALA P 147 -8.15 17.96 -46.13
N LYS P 148 -7.90 19.27 -46.16
CA LYS P 148 -7.94 20.10 -44.96
C LYS P 148 -9.24 20.89 -44.91
N VAL P 149 -9.94 20.76 -43.78
CA VAL P 149 -11.13 21.57 -43.49
C VAL P 149 -10.74 22.66 -42.50
N GLN P 150 -11.19 23.88 -42.76
CA GLN P 150 -10.93 25.02 -41.89
C GLN P 150 -12.24 25.76 -41.68
N TRP P 151 -12.70 25.83 -40.44
CA TRP P 151 -13.92 26.54 -40.15
C TRP P 151 -13.66 28.03 -39.94
N LYS P 152 -14.61 28.83 -40.38
CA LYS P 152 -14.59 30.27 -40.16
C LYS P 152 -15.97 30.72 -39.70
N VAL P 153 -16.01 31.47 -38.61
CA VAL P 153 -17.24 32.06 -38.11
C VAL P 153 -17.04 33.56 -38.07
N ASP P 154 -17.81 34.29 -38.89
CA ASP P 154 -17.60 35.73 -39.10
C ASP P 154 -16.16 35.99 -39.52
N ASN P 155 -15.66 35.13 -40.41
CA ASN P 155 -14.27 35.09 -40.85
C ASN P 155 -13.30 35.20 -39.68
N ALA P 156 -13.61 34.50 -38.59
CA ALA P 156 -12.66 34.21 -37.53
C ALA P 156 -12.30 32.74 -37.60
N LEU P 157 -11.00 32.45 -37.71
CA LEU P 157 -10.55 31.08 -37.94
C LEU P 157 -10.67 30.26 -36.65
N GLN P 158 -11.26 29.08 -36.78
CA GLN P 158 -11.52 28.20 -35.65
C GLN P 158 -10.53 27.05 -35.59
N SER P 159 -10.36 26.50 -34.39
CA SER P 159 -9.66 25.25 -34.18
C SER P 159 -10.11 24.68 -32.83
N GLY P 160 -10.28 23.37 -32.77
CA GLY P 160 -10.59 22.72 -31.53
C GLY P 160 -12.06 22.57 -31.21
N ASN P 161 -12.95 23.15 -32.00
CA ASN P 161 -14.38 22.92 -31.83
C ASN P 161 -14.96 22.04 -32.93
N SER P 162 -14.16 21.65 -33.91
CA SER P 162 -14.59 20.73 -34.95
C SER P 162 -13.94 19.36 -34.73
N GLN P 163 -14.70 18.31 -34.99
CA GLN P 163 -14.19 16.96 -35.17
C GLN P 163 -14.58 16.50 -36.56
N GLU P 164 -13.84 15.54 -37.10
CA GLU P 164 -14.13 15.04 -38.44
C GLU P 164 -14.00 13.52 -38.44
N SER P 165 -14.34 12.93 -39.59
CA SER P 165 -14.41 11.50 -39.75
C SER P 165 -14.28 11.19 -41.23
N VAL P 166 -13.67 10.04 -41.54
CA VAL P 166 -13.36 9.67 -42.91
C VAL P 166 -13.89 8.26 -43.17
N THR P 167 -14.68 8.10 -44.22
CA THR P 167 -15.01 6.78 -44.70
C THR P 167 -13.74 6.06 -45.13
N GLU P 168 -13.82 4.74 -45.22
CA GLU P 168 -12.74 4.02 -45.87
C GLU P 168 -12.98 3.98 -47.38
N GLN P 169 -11.91 3.72 -48.12
CA GLN P 169 -11.93 3.83 -49.57
C GLN P 169 -13.10 3.03 -50.15
N ASP P 170 -13.85 3.65 -51.05
CA ASP P 170 -15.06 3.02 -51.58
C ASP P 170 -14.70 1.89 -52.54
N SER P 171 -15.57 0.88 -52.56
CA SER P 171 -15.30 -0.36 -53.26
C SER P 171 -15.65 -0.33 -54.74
N LYS P 172 -16.13 0.79 -55.26
CA LYS P 172 -16.44 0.88 -56.69
C LYS P 172 -15.78 2.06 -57.38
N ASP P 173 -15.75 3.23 -56.75
CA ASP P 173 -15.10 4.41 -57.30
C ASP P 173 -13.75 4.71 -56.68
N SER P 174 -13.43 4.11 -55.53
CA SER P 174 -12.13 4.28 -54.88
C SER P 174 -11.91 5.73 -54.44
N THR P 175 -12.96 6.37 -53.93
CA THR P 175 -12.86 7.71 -53.36
C THR P 175 -13.03 7.65 -51.85
N TYR P 176 -12.73 8.78 -51.21
CA TYR P 176 -13.02 8.98 -49.80
C TYR P 176 -14.03 10.11 -49.66
N SER P 177 -14.67 10.16 -48.49
CA SER P 177 -15.53 11.28 -48.14
C SER P 177 -15.36 11.56 -46.65
N LEU P 178 -15.58 12.80 -46.27
CA LEU P 178 -15.20 13.33 -44.96
C LEU P 178 -16.31 14.22 -44.44
N SER P 179 -16.55 14.18 -43.13
CA SER P 179 -17.63 14.94 -42.51
C SER P 179 -17.12 15.66 -41.26
N SER P 180 -16.82 16.94 -41.40
CA SER P 180 -16.34 17.76 -40.28
C SER P 180 -17.54 18.41 -39.59
N THR P 181 -17.69 18.15 -38.30
CA THR P 181 -18.77 18.73 -37.51
C THR P 181 -18.21 19.81 -36.59
N LEU P 182 -18.76 21.01 -36.69
CA LEU P 182 -18.41 22.11 -35.80
C LEU P 182 -19.55 22.31 -34.80
N THR P 183 -19.22 22.29 -33.51
CA THR P 183 -20.26 22.35 -32.48
C THR P 183 -20.08 23.58 -31.61
N LEU P 184 -21.16 24.34 -31.47
CA LEU P 184 -21.22 25.46 -30.53
C LEU P 184 -22.45 25.30 -29.66
N SER P 185 -22.47 26.02 -28.55
CA SER P 185 -23.69 26.10 -27.77
C SER P 185 -24.72 26.95 -28.51
N LYS P 186 -25.99 26.73 -28.19
CA LYS P 186 -27.06 27.57 -28.72
C LYS P 186 -26.72 29.05 -28.52
N ALA P 187 -26.30 29.40 -27.30
CA ALA P 187 -25.86 30.75 -27.01
C ALA P 187 -24.75 31.18 -27.95
N ASP P 188 -23.65 30.41 -28.00
CA ASP P 188 -22.53 30.74 -28.86
C ASP P 188 -22.96 30.83 -30.33
N TYR P 189 -23.81 29.90 -30.77
CA TYR P 189 -24.21 29.88 -32.17
C TYR P 189 -24.99 31.14 -32.54
N GLU P 190 -25.83 31.64 -31.62
CA GLU P 190 -26.69 32.78 -31.92
C GLU P 190 -26.03 34.13 -31.63
N LYS P 191 -24.71 34.24 -31.79
CA LYS P 191 -24.03 35.53 -31.72
C LYS P 191 -23.17 35.79 -32.94
N HIS P 192 -23.33 34.99 -33.99
CA HIS P 192 -22.59 35.14 -35.23
C HIS P 192 -23.52 34.87 -36.39
N LYS P 193 -23.11 35.29 -37.59
CA LYS P 193 -23.97 35.20 -38.77
C LYS P 193 -23.42 34.26 -39.83
N VAL P 194 -22.25 34.54 -40.39
CA VAL P 194 -21.75 33.79 -41.53
C VAL P 194 -20.87 32.64 -41.03
N TYR P 195 -21.31 31.41 -41.32
CA TYR P 195 -20.59 30.19 -40.98
C TYR P 195 -20.11 29.55 -42.26
N ALA P 196 -18.80 29.33 -42.38
CA ALA P 196 -18.24 28.83 -43.62
C ALA P 196 -17.21 27.74 -43.34
N CYS P 197 -17.28 26.64 -44.08
CA CYS P 197 -16.21 25.65 -44.05
C CYS P 197 -15.41 25.80 -45.36
N GLU P 198 -14.11 26.08 -45.21
CA GLU P 198 -13.21 26.26 -46.33
C GLU P 198 -12.36 25.00 -46.46
N VAL P 199 -12.26 24.50 -47.69
CA VAL P 199 -11.79 23.17 -47.99
C VAL P 199 -10.60 23.28 -48.93
N THR P 200 -9.54 22.53 -48.63
CA THR P 200 -8.35 22.49 -49.45
C THR P 200 -8.03 21.05 -49.80
N HIS P 201 -7.69 20.83 -51.06
CA HIS P 201 -7.48 19.49 -51.61
C HIS P 201 -6.56 19.64 -52.82
N GLN P 202 -5.92 18.53 -53.19
CA GLN P 202 -5.03 18.54 -54.35
C GLN P 202 -5.80 18.88 -55.62
N GLY P 203 -6.98 18.31 -55.77
CA GLY P 203 -7.84 18.55 -56.91
C GLY P 203 -8.61 19.84 -56.86
N LEU P 204 -8.01 20.89 -56.31
CA LEU P 204 -8.61 22.22 -56.30
C LEU P 204 -7.51 23.22 -56.59
N SER P 205 -7.56 23.85 -57.78
CA SER P 205 -6.56 24.85 -58.15
C SER P 205 -6.43 25.92 -57.06
N SER P 206 -7.54 26.27 -56.45
CA SER P 206 -7.60 27.18 -55.31
C SER P 206 -8.66 26.66 -54.36
N PRO P 207 -8.60 27.02 -53.08
CA PRO P 207 -9.53 26.44 -52.10
C PRO P 207 -10.98 26.73 -52.41
N VAL P 208 -11.85 25.88 -51.89
CA VAL P 208 -13.31 26.00 -52.06
C VAL P 208 -13.91 26.41 -50.73
N THR P 209 -14.79 27.40 -50.73
CA THR P 209 -15.48 27.76 -49.51
C THR P 209 -16.96 27.46 -49.65
N LYS P 210 -17.59 27.03 -48.55
CA LYS P 210 -19.03 26.83 -48.50
C LYS P 210 -19.56 27.54 -47.26
N SER P 211 -20.30 28.62 -47.47
CA SER P 211 -20.79 29.46 -46.40
C SER P 211 -22.31 29.39 -46.31
N PHE P 212 -22.82 29.94 -45.21
CA PHE P 212 -24.25 30.22 -45.08
C PHE P 212 -24.43 31.27 -44.00
N ASN P 213 -25.60 31.91 -44.03
CA ASN P 213 -25.95 32.94 -43.05
C ASN P 213 -27.05 32.40 -42.14
N ARG P 214 -26.89 32.66 -40.84
CA ARG P 214 -27.80 32.11 -39.84
C ARG P 214 -29.22 32.59 -40.07
N GLY P 215 -30.11 31.66 -40.38
CA GLY P 215 -31.50 32.00 -40.65
C GLY P 215 -31.73 32.47 -42.07
N GLU P 216 -32.06 31.53 -42.96
CA GLU P 216 -32.31 31.86 -44.37
C GLU P 216 -33.18 30.78 -45.02
#